data_1IIU
# 
_entry.id   1IIU 
# 
_audit_conform.dict_name       mmcif_pdbx.dic 
_audit_conform.dict_version    5.398 
_audit_conform.dict_location   http://mmcif.pdb.org/dictionaries/ascii/mmcif_pdbx.dic 
# 
loop_
_database_2.database_id 
_database_2.database_code 
_database_2.pdbx_database_accession 
_database_2.pdbx_DOI 
PDB   1IIU         pdb_00001iiu 10.2210/pdb1iiu/pdb 
RCSB  RCSB013311   ?            ?                   
WWPDB D_1000013311 ?            ?                   
# 
loop_
_pdbx_audit_revision_history.ordinal 
_pdbx_audit_revision_history.data_content_type 
_pdbx_audit_revision_history.major_revision 
_pdbx_audit_revision_history.minor_revision 
_pdbx_audit_revision_history.revision_date 
1 'Structure model' 1 0 2002-01-16 
2 'Structure model' 1 1 2008-04-27 
3 'Structure model' 1 2 2011-07-13 
4 'Structure model' 1 3 2018-04-04 
5 'Structure model' 1 4 2022-12-21 
6 'Structure model' 1 5 2024-11-06 
# 
_pdbx_audit_revision_details.ordinal             1 
_pdbx_audit_revision_details.revision_ordinal    1 
_pdbx_audit_revision_details.data_content_type   'Structure model' 
_pdbx_audit_revision_details.provider            repository 
_pdbx_audit_revision_details.type                'Initial release' 
_pdbx_audit_revision_details.description         ? 
_pdbx_audit_revision_details.details             ? 
# 
loop_
_pdbx_audit_revision_group.ordinal 
_pdbx_audit_revision_group.revision_ordinal 
_pdbx_audit_revision_group.data_content_type 
_pdbx_audit_revision_group.group 
1 2 'Structure model' 'Version format compliance' 
2 3 'Structure model' 'Version format compliance' 
3 4 'Structure model' 'Data collection'           
4 5 'Structure model' 'Database references'       
5 5 'Structure model' 'Derived calculations'      
6 6 'Structure model' 'Data collection'           
7 6 'Structure model' 'Structure summary'         
# 
loop_
_pdbx_audit_revision_category.ordinal 
_pdbx_audit_revision_category.revision_ordinal 
_pdbx_audit_revision_category.data_content_type 
_pdbx_audit_revision_category.category 
1  4 'Structure model' diffrn_source             
2  5 'Structure model' database_2                
3  5 'Structure model' pdbx_struct_conn_angle    
4  5 'Structure model' struct_conn               
5  5 'Structure model' struct_ref_seq_dif        
6  5 'Structure model' struct_site               
7  6 'Structure model' chem_comp_atom            
8  6 'Structure model' chem_comp_bond            
9  6 'Structure model' pdbx_entry_details        
10 6 'Structure model' pdbx_modification_feature 
# 
loop_
_pdbx_audit_revision_item.ordinal 
_pdbx_audit_revision_item.revision_ordinal 
_pdbx_audit_revision_item.data_content_type 
_pdbx_audit_revision_item.item 
1  4 'Structure model' '_diffrn_source.type'                         
2  5 'Structure model' '_database_2.pdbx_DOI'                        
3  5 'Structure model' '_database_2.pdbx_database_accession'         
4  5 'Structure model' '_pdbx_struct_conn_angle.ptnr1_auth_comp_id'  
5  5 'Structure model' '_pdbx_struct_conn_angle.ptnr1_auth_seq_id'   
6  5 'Structure model' '_pdbx_struct_conn_angle.ptnr1_label_asym_id' 
7  5 'Structure model' '_pdbx_struct_conn_angle.ptnr1_label_atom_id' 
8  5 'Structure model' '_pdbx_struct_conn_angle.ptnr1_label_comp_id' 
9  5 'Structure model' '_pdbx_struct_conn_angle.ptnr1_label_seq_id'  
10 5 'Structure model' '_pdbx_struct_conn_angle.ptnr3_auth_comp_id'  
11 5 'Structure model' '_pdbx_struct_conn_angle.ptnr3_auth_seq_id'   
12 5 'Structure model' '_pdbx_struct_conn_angle.ptnr3_label_asym_id' 
13 5 'Structure model' '_pdbx_struct_conn_angle.ptnr3_label_atom_id' 
14 5 'Structure model' '_pdbx_struct_conn_angle.ptnr3_label_comp_id' 
15 5 'Structure model' '_pdbx_struct_conn_angle.ptnr3_label_seq_id'  
16 5 'Structure model' '_pdbx_struct_conn_angle.value'               
17 5 'Structure model' '_struct_conn.pdbx_dist_value'                
18 5 'Structure model' '_struct_conn.ptnr1_auth_comp_id'             
19 5 'Structure model' '_struct_conn.ptnr1_auth_seq_id'              
20 5 'Structure model' '_struct_conn.ptnr1_label_asym_id'            
21 5 'Structure model' '_struct_conn.ptnr1_label_atom_id'            
22 5 'Structure model' '_struct_conn.ptnr1_label_comp_id'            
23 5 'Structure model' '_struct_conn.ptnr1_label_seq_id'             
24 5 'Structure model' '_struct_conn.ptnr1_symmetry'                 
25 5 'Structure model' '_struct_conn.ptnr2_auth_comp_id'             
26 5 'Structure model' '_struct_conn.ptnr2_auth_seq_id'              
27 5 'Structure model' '_struct_conn.ptnr2_label_asym_id'            
28 5 'Structure model' '_struct_conn.ptnr2_label_atom_id'            
29 5 'Structure model' '_struct_conn.ptnr2_label_comp_id'            
30 5 'Structure model' '_struct_conn.ptnr2_label_seq_id'             
31 5 'Structure model' '_struct_conn.ptnr2_symmetry'                 
32 5 'Structure model' '_struct_ref_seq_dif.details'                 
33 5 'Structure model' '_struct_site.pdbx_auth_asym_id'              
34 5 'Structure model' '_struct_site.pdbx_auth_comp_id'              
35 5 'Structure model' '_struct_site.pdbx_auth_seq_id'               
# 
_pdbx_database_status.status_code                     REL 
_pdbx_database_status.entry_id                        1IIU 
_pdbx_database_status.recvd_initial_deposition_date   2001-04-24 
_pdbx_database_status.deposit_site                    RCSB 
_pdbx_database_status.process_site                    RCSB 
_pdbx_database_status.SG_entry                        . 
_pdbx_database_status.pdb_format_compatible           Y 
_pdbx_database_status.status_code_mr                  ? 
_pdbx_database_status.status_code_sf                  ? 
_pdbx_database_status.status_code_cs                  ? 
_pdbx_database_status.methods_development_category    ? 
_pdbx_database_status.status_code_nmr_data            ? 
# 
loop_
_pdbx_database_related.db_name 
_pdbx_database_related.db_id 
_pdbx_database_related.details 
_pdbx_database_related.content_type 
PDB 1AQB . unspecified 
PDB 1HBP . unspecified 
PDB 1HBQ . unspecified 
PDB 1RBP . unspecified 
# 
loop_
_audit_author.name 
_audit_author.pdbx_ordinal 
'Zanotti, G.'   1 
'Calderone, V.' 2 
'Berni, R.'     3 
# 
loop_
_citation.id 
_citation.title 
_citation.journal_abbrev 
_citation.journal_volume 
_citation.page_first 
_citation.page_last 
_citation.year 
_citation.journal_id_ASTM 
_citation.country 
_citation.journal_id_ISSN 
_citation.journal_id_CSD 
_citation.book_publisher 
_citation.pdbx_database_id_PubMed 
_citation.pdbx_database_id_DOI 
primary 'Structure of Chicken plasma retinol-binding protein' BIOCHIM.BIOPHYS.ACTA 1550 64    69    2001 BBACAQ NE 0006-3002 0113 
? 11738088 '10.1016/S0167-4838(01)00268-0' 
1       'Crystal Structure of the Trigonal Form of Human Plasma Retinol-binding Protein at 2.5 A Resolution' J.Mol.Biol.          
230  613   624   2001 JMOBAK UK 0022-2836 0070 ? ?        10.1006/jmbi.1993.1173          
2       
;The bovine plasma retinol-binding protein. Amino acid sequence, interaction with transthyretin, crystallization and preliminary X-ray data.
;
Eur.J.Biochem.       192  507   513   1990 EJBCAI IX 0014-2956 0262 ? ?        ?                               
3       'Crystal structure of liganded and unliganded forms of bovine plasma retinol-binding protein' J.Biol.Chem.         268  
10728 10738 1993 JBCHA3 US 0021-9258 0071 ? ?        ?                               
4       'Crystallographic Refinement of Human Serum Retinol Binding Protein at 2 Angstroms Resolution' Proteins             8    
44    ?     1990 PSFGEY US 0887-3585 0867 ? ?        ?                               
# 
loop_
_citation_author.citation_id 
_citation_author.name 
_citation_author.ordinal 
_citation_author.identifier_ORCID 
primary 'Zanotti, G.'    1  ? 
primary 'Calderone, V.'  2  ? 
primary 'Beda, M.'       3  ? 
primary 'Malpeli, G.'    4  ? 
primary 'Folli, C.'      5  ? 
primary 'Berni, R.'      6  ? 
1       'Zanotti, G.'    7  ? 
1       'Ottonello, S.'  8  ? 
1       'Berni, R.'      9  ? 
1       'Monaco, H.L.'   10 ? 
2       'Berni, R.'      11 ? 
2       'Stoppini, M.'   12 ? 
2       'Zapponi, M.C.'  13 ? 
2       'Meloni, M.L.'   14 ? 
2       'Monaco, H.L.'   15 ? 
2       'Zanotti, G.'    16 ? 
3       'Zanotti, G.'    17 ? 
3       'Berni, R.'      18 ? 
3       'Monaco, H.L.'   19 ? 
4       'Cowan, S.W.'    20 ? 
4       'Newcomer, M.E.' 21 ? 
4       'Jones, T.A.'    22 ? 
# 
loop_
_entity.id 
_entity.type 
_entity.src_method 
_entity.pdbx_description 
_entity.formula_weight 
_entity.pdbx_number_of_molecules 
_entity.pdbx_ec 
_entity.pdbx_mutation 
_entity.pdbx_fragment 
_entity.details 
1 polymer     nat 'plasma retinol-binding protein' 20105.535 1  ? ? ? ? 
2 non-polymer syn 'CADMIUM ION'                    112.411   1  ? ? ? ? 
3 non-polymer syn RETINOL                          286.452   1  ? ? ? ? 
4 water       nat water                            18.015    95 ? ? ? ? 
# 
_entity_name_com.entity_id   1 
_entity_name_com.name        PRBP 
# 
_entity_poly.entity_id                      1 
_entity_poly.type                           'polypeptide(L)' 
_entity_poly.nstd_linkage                   no 
_entity_poly.nstd_monomer                   no 
_entity_poly.pdbx_seq_one_letter_code       
;MDCRVSSFKVKENFDKNRYSGTWYAMAKKDPEGLFLQDNVVAQFTVDENGQMSATAKGRVRLFNNWDVCADMIGSFTDTE
DPAKFKMKYWGVASFLQKGNDDHWVVDTDYDTYALHYSCRELNEDGTCADSYSFVFSRDPKGLPPEAQKIVRQRQIDLCL
DRKYRVIVHNGFCS
;
_entity_poly.pdbx_seq_one_letter_code_can   
;MDCRVSSFKVKENFDKNRYSGTWYAMAKKDPEGLFLQDNVVAQFTVDENGQMSATAKGRVRLFNNWDVCADMIGSFTDTE
DPAKFKMKYWGVASFLQKGNDDHWVVDTDYDTYALHYSCRELNEDGTCADSYSFVFSRDPKGLPPEAQKIVRQRQIDLCL
DRKYRVIVHNGFCS
;
_entity_poly.pdbx_strand_id                 A 
_entity_poly.pdbx_target_identifier         ? 
# 
loop_
_pdbx_entity_nonpoly.entity_id 
_pdbx_entity_nonpoly.name 
_pdbx_entity_nonpoly.comp_id 
2 'CADMIUM ION' CD  
3 RETINOL       RTL 
4 water         HOH 
# 
loop_
_entity_poly_seq.entity_id 
_entity_poly_seq.num 
_entity_poly_seq.mon_id 
_entity_poly_seq.hetero 
1 1   MET n 
1 2   ASP n 
1 3   CYS n 
1 4   ARG n 
1 5   VAL n 
1 6   SER n 
1 7   SER n 
1 8   PHE n 
1 9   LYS n 
1 10  VAL n 
1 11  LYS n 
1 12  GLU n 
1 13  ASN n 
1 14  PHE n 
1 15  ASP n 
1 16  LYS n 
1 17  ASN n 
1 18  ARG n 
1 19  TYR n 
1 20  SER n 
1 21  GLY n 
1 22  THR n 
1 23  TRP n 
1 24  TYR n 
1 25  ALA n 
1 26  MET n 
1 27  ALA n 
1 28  LYS n 
1 29  LYS n 
1 30  ASP n 
1 31  PRO n 
1 32  GLU n 
1 33  GLY n 
1 34  LEU n 
1 35  PHE n 
1 36  LEU n 
1 37  GLN n 
1 38  ASP n 
1 39  ASN n 
1 40  VAL n 
1 41  VAL n 
1 42  ALA n 
1 43  GLN n 
1 44  PHE n 
1 45  THR n 
1 46  VAL n 
1 47  ASP n 
1 48  GLU n 
1 49  ASN n 
1 50  GLY n 
1 51  GLN n 
1 52  MET n 
1 53  SER n 
1 54  ALA n 
1 55  THR n 
1 56  ALA n 
1 57  LYS n 
1 58  GLY n 
1 59  ARG n 
1 60  VAL n 
1 61  ARG n 
1 62  LEU n 
1 63  PHE n 
1 64  ASN n 
1 65  ASN n 
1 66  TRP n 
1 67  ASP n 
1 68  VAL n 
1 69  CYS n 
1 70  ALA n 
1 71  ASP n 
1 72  MET n 
1 73  ILE n 
1 74  GLY n 
1 75  SER n 
1 76  PHE n 
1 77  THR n 
1 78  ASP n 
1 79  THR n 
1 80  GLU n 
1 81  ASP n 
1 82  PRO n 
1 83  ALA n 
1 84  LYS n 
1 85  PHE n 
1 86  LYS n 
1 87  MET n 
1 88  LYS n 
1 89  TYR n 
1 90  TRP n 
1 91  GLY n 
1 92  VAL n 
1 93  ALA n 
1 94  SER n 
1 95  PHE n 
1 96  LEU n 
1 97  GLN n 
1 98  LYS n 
1 99  GLY n 
1 100 ASN n 
1 101 ASP n 
1 102 ASP n 
1 103 HIS n 
1 104 TRP n 
1 105 VAL n 
1 106 VAL n 
1 107 ASP n 
1 108 THR n 
1 109 ASP n 
1 110 TYR n 
1 111 ASP n 
1 112 THR n 
1 113 TYR n 
1 114 ALA n 
1 115 LEU n 
1 116 HIS n 
1 117 TYR n 
1 118 SER n 
1 119 CYS n 
1 120 ARG n 
1 121 GLU n 
1 122 LEU n 
1 123 ASN n 
1 124 GLU n 
1 125 ASP n 
1 126 GLY n 
1 127 THR n 
1 128 CYS n 
1 129 ALA n 
1 130 ASP n 
1 131 SER n 
1 132 TYR n 
1 133 SER n 
1 134 PHE n 
1 135 VAL n 
1 136 PHE n 
1 137 SER n 
1 138 ARG n 
1 139 ASP n 
1 140 PRO n 
1 141 LYS n 
1 142 GLY n 
1 143 LEU n 
1 144 PRO n 
1 145 PRO n 
1 146 GLU n 
1 147 ALA n 
1 148 GLN n 
1 149 LYS n 
1 150 ILE n 
1 151 VAL n 
1 152 ARG n 
1 153 GLN n 
1 154 ARG n 
1 155 GLN n 
1 156 ILE n 
1 157 ASP n 
1 158 LEU n 
1 159 CYS n 
1 160 LEU n 
1 161 ASP n 
1 162 ARG n 
1 163 LYS n 
1 164 TYR n 
1 165 ARG n 
1 166 VAL n 
1 167 ILE n 
1 168 VAL n 
1 169 HIS n 
1 170 ASN n 
1 171 GLY n 
1 172 PHE n 
1 173 CYS n 
1 174 SER n 
# 
_entity_src_nat.entity_id                  1 
_entity_src_nat.pdbx_src_id                1 
_entity_src_nat.pdbx_alt_source_flag       sample 
_entity_src_nat.pdbx_beg_seq_num           ? 
_entity_src_nat.pdbx_end_seq_num           ? 
_entity_src_nat.common_name                chicken 
_entity_src_nat.pdbx_organism_scientific   'Gallus gallus' 
_entity_src_nat.pdbx_ncbi_taxonomy_id      9031 
_entity_src_nat.genus                      Gallus 
_entity_src_nat.species                    ? 
_entity_src_nat.strain                     ? 
_entity_src_nat.tissue                     ? 
_entity_src_nat.tissue_fraction            ? 
_entity_src_nat.pdbx_secretion             ? 
_entity_src_nat.pdbx_fragment              ? 
_entity_src_nat.pdbx_variant               ? 
_entity_src_nat.pdbx_cell_line             ? 
_entity_src_nat.pdbx_atcc                  ? 
_entity_src_nat.pdbx_cellular_location     ? 
_entity_src_nat.pdbx_organ                 ? 
_entity_src_nat.pdbx_organelle             ? 
_entity_src_nat.pdbx_cell                  ? 
_entity_src_nat.pdbx_plasmid_name          ? 
_entity_src_nat.pdbx_plasmid_details       ? 
_entity_src_nat.details                    ? 
# 
loop_
_chem_comp.id 
_chem_comp.type 
_chem_comp.mon_nstd_flag 
_chem_comp.name 
_chem_comp.pdbx_synonyms 
_chem_comp.formula 
_chem_comp.formula_weight 
ALA 'L-peptide linking' y ALANINE         ? 'C3 H7 N O2'     89.093  
ARG 'L-peptide linking' y ARGININE        ? 'C6 H15 N4 O2 1' 175.209 
ASN 'L-peptide linking' y ASPARAGINE      ? 'C4 H8 N2 O3'    132.118 
ASP 'L-peptide linking' y 'ASPARTIC ACID' ? 'C4 H7 N O4'     133.103 
CD  non-polymer         . 'CADMIUM ION'   ? 'Cd 2'           112.411 
CYS 'L-peptide linking' y CYSTEINE        ? 'C3 H7 N O2 S'   121.158 
GLN 'L-peptide linking' y GLUTAMINE       ? 'C5 H10 N2 O3'   146.144 
GLU 'L-peptide linking' y 'GLUTAMIC ACID' ? 'C5 H9 N O4'     147.129 
GLY 'peptide linking'   y GLYCINE         ? 'C2 H5 N O2'     75.067  
HIS 'L-peptide linking' y HISTIDINE       ? 'C6 H10 N3 O2 1' 156.162 
HOH non-polymer         . WATER           ? 'H2 O'           18.015  
ILE 'L-peptide linking' y ISOLEUCINE      ? 'C6 H13 N O2'    131.173 
LEU 'L-peptide linking' y LEUCINE         ? 'C6 H13 N O2'    131.173 
LYS 'L-peptide linking' y LYSINE          ? 'C6 H15 N2 O2 1' 147.195 
MET 'L-peptide linking' y METHIONINE      ? 'C5 H11 N O2 S'  149.211 
PHE 'L-peptide linking' y PHENYLALANINE   ? 'C9 H11 N O2'    165.189 
PRO 'L-peptide linking' y PROLINE         ? 'C5 H9 N O2'     115.130 
RTL non-polymer         . RETINOL         ? 'C20 H30 O'      286.452 
SER 'L-peptide linking' y SERINE          ? 'C3 H7 N O3'     105.093 
THR 'L-peptide linking' y THREONINE       ? 'C4 H9 N O3'     119.119 
TRP 'L-peptide linking' y TRYPTOPHAN      ? 'C11 H12 N2 O2'  204.225 
TYR 'L-peptide linking' y TYROSINE        ? 'C9 H11 N O3'    181.189 
VAL 'L-peptide linking' y VALINE          ? 'C5 H11 N O2'    117.146 
# 
loop_
_pdbx_poly_seq_scheme.asym_id 
_pdbx_poly_seq_scheme.entity_id 
_pdbx_poly_seq_scheme.seq_id 
_pdbx_poly_seq_scheme.mon_id 
_pdbx_poly_seq_scheme.ndb_seq_num 
_pdbx_poly_seq_scheme.pdb_seq_num 
_pdbx_poly_seq_scheme.auth_seq_num 
_pdbx_poly_seq_scheme.pdb_mon_id 
_pdbx_poly_seq_scheme.auth_mon_id 
_pdbx_poly_seq_scheme.pdb_strand_id 
_pdbx_poly_seq_scheme.pdb_ins_code 
_pdbx_poly_seq_scheme.hetero 
A 1 1   MET 1   2   2   MET MET A . n 
A 1 2   ASP 2   3   3   ASP ASP A . n 
A 1 3   CYS 3   4   4   CYS CYS A . n 
A 1 4   ARG 4   5   5   ARG ARG A . n 
A 1 5   VAL 5   6   6   VAL VAL A . n 
A 1 6   SER 6   7   7   SER SER A . n 
A 1 7   SER 7   8   8   SER SER A . n 
A 1 8   PHE 8   9   9   PHE PHE A . n 
A 1 9   LYS 9   10  10  LYS LYS A . n 
A 1 10  VAL 10  11  11  VAL VAL A . n 
A 1 11  LYS 11  12  12  LYS LYS A . n 
A 1 12  GLU 12  13  13  GLU GLU A . n 
A 1 13  ASN 13  14  14  ASN ASN A . n 
A 1 14  PHE 14  15  15  PHE PHE A . n 
A 1 15  ASP 15  16  16  ASP ASP A . n 
A 1 16  LYS 16  17  17  LYS LYS A . n 
A 1 17  ASN 17  18  18  ASN ASN A . n 
A 1 18  ARG 18  19  19  ARG ARG A . n 
A 1 19  TYR 19  20  20  TYR TYR A . n 
A 1 20  SER 20  21  21  SER SER A . n 
A 1 21  GLY 21  22  22  GLY GLY A . n 
A 1 22  THR 22  23  23  THR THR A . n 
A 1 23  TRP 23  24  24  TRP TRP A . n 
A 1 24  TYR 24  25  25  TYR TYR A . n 
A 1 25  ALA 25  26  26  ALA ALA A . n 
A 1 26  MET 26  27  27  MET MET A . n 
A 1 27  ALA 27  28  28  ALA ALA A . n 
A 1 28  LYS 28  29  29  LYS LYS A . n 
A 1 29  LYS 29  30  30  LYS LYS A . n 
A 1 30  ASP 30  31  31  ASP ASP A . n 
A 1 31  PRO 31  32  32  PRO PRO A . n 
A 1 32  GLU 32  33  33  GLU GLU A . n 
A 1 33  GLY 33  34  34  GLY GLY A . n 
A 1 34  LEU 34  35  35  LEU LEU A . n 
A 1 35  PHE 35  36  36  PHE PHE A . n 
A 1 36  LEU 36  37  37  LEU LEU A . n 
A 1 37  GLN 37  38  38  GLN GLN A . n 
A 1 38  ASP 38  39  39  ASP ASP A . n 
A 1 39  ASN 39  40  40  ASN ASN A . n 
A 1 40  VAL 40  41  41  VAL VAL A . n 
A 1 41  VAL 41  42  42  VAL VAL A . n 
A 1 42  ALA 42  43  43  ALA ALA A . n 
A 1 43  GLN 43  44  44  GLN GLN A . n 
A 1 44  PHE 44  45  45  PHE PHE A . n 
A 1 45  THR 45  46  46  THR THR A . n 
A 1 46  VAL 46  47  47  VAL VAL A . n 
A 1 47  ASP 47  48  48  ASP ASP A . n 
A 1 48  GLU 48  49  49  GLU GLU A . n 
A 1 49  ASN 49  50  50  ASN ASN A . n 
A 1 50  GLY 50  51  51  GLY GLY A . n 
A 1 51  GLN 51  52  52  GLN GLN A . n 
A 1 52  MET 52  53  53  MET MET A . n 
A 1 53  SER 53  54  54  SER SER A . n 
A 1 54  ALA 54  55  55  ALA ALA A . n 
A 1 55  THR 55  56  56  THR THR A . n 
A 1 56  ALA 56  57  57  ALA ALA A . n 
A 1 57  LYS 57  58  58  LYS LYS A . n 
A 1 58  GLY 58  59  59  GLY GLY A . n 
A 1 59  ARG 59  60  60  ARG ARG A . n 
A 1 60  VAL 60  61  61  VAL VAL A . n 
A 1 61  ARG 61  62  62  ARG ARG A . n 
A 1 62  LEU 62  63  63  LEU LEU A . n 
A 1 63  PHE 63  64  64  PHE PHE A . n 
A 1 64  ASN 64  65  65  ASN ASN A . n 
A 1 65  ASN 65  66  66  ASN ASN A . n 
A 1 66  TRP 66  67  67  TRP TRP A . n 
A 1 67  ASP 67  68  68  ASP ASP A . n 
A 1 68  VAL 68  69  69  VAL VAL A . n 
A 1 69  CYS 69  70  70  CYS CYS A . n 
A 1 70  ALA 70  71  71  ALA ALA A . n 
A 1 71  ASP 71  72  72  ASP ASP A . n 
A 1 72  MET 72  73  73  MET MET A . n 
A 1 73  ILE 73  74  74  ILE ILE A . n 
A 1 74  GLY 74  75  75  GLY GLY A . n 
A 1 75  SER 75  76  76  SER SER A . n 
A 1 76  PHE 76  77  77  PHE PHE A . n 
A 1 77  THR 77  78  78  THR THR A . n 
A 1 78  ASP 78  79  79  ASP ASP A . n 
A 1 79  THR 79  80  80  THR THR A . n 
A 1 80  GLU 80  81  81  GLU GLU A . n 
A 1 81  ASP 81  82  82  ASP ASP A . n 
A 1 82  PRO 82  83  83  PRO PRO A . n 
A 1 83  ALA 83  84  84  ALA ALA A . n 
A 1 84  LYS 84  85  85  LYS LYS A . n 
A 1 85  PHE 85  86  86  PHE PHE A . n 
A 1 86  LYS 86  87  87  LYS LYS A . n 
A 1 87  MET 87  88  88  MET MET A . n 
A 1 88  LYS 88  89  89  LYS LYS A . n 
A 1 89  TYR 89  90  90  TYR TYR A . n 
A 1 90  TRP 90  91  91  TRP TRP A . n 
A 1 91  GLY 91  92  92  GLY GLY A . n 
A 1 92  VAL 92  93  93  VAL VAL A . n 
A 1 93  ALA 93  94  94  ALA ALA A . n 
A 1 94  SER 94  95  95  SER SER A . n 
A 1 95  PHE 95  96  96  PHE PHE A . n 
A 1 96  LEU 96  97  97  LEU LEU A . n 
A 1 97  GLN 97  98  98  GLN GLN A . n 
A 1 98  LYS 98  99  99  LYS LYS A . n 
A 1 99  GLY 99  100 100 GLY GLY A . n 
A 1 100 ASN 100 101 101 ASN ASN A . n 
A 1 101 ASP 101 102 102 ASP ASP A . n 
A 1 102 ASP 102 103 103 ASP ASP A . n 
A 1 103 HIS 103 104 104 HIS HIS A . n 
A 1 104 TRP 104 105 105 TRP TRP A . n 
A 1 105 VAL 105 106 106 VAL VAL A . n 
A 1 106 VAL 106 107 107 VAL VAL A . n 
A 1 107 ASP 107 108 108 ASP ASP A . n 
A 1 108 THR 108 109 109 THR THR A . n 
A 1 109 ASP 109 110 110 ASP ASP A . n 
A 1 110 TYR 110 111 111 TYR TYR A . n 
A 1 111 ASP 111 112 112 ASP ASP A . n 
A 1 112 THR 112 113 113 THR THR A . n 
A 1 113 TYR 113 114 114 TYR TYR A . n 
A 1 114 ALA 114 115 115 ALA ALA A . n 
A 1 115 LEU 115 116 116 LEU LEU A . n 
A 1 116 HIS 116 117 117 HIS HIS A . n 
A 1 117 TYR 117 118 118 TYR TYR A . n 
A 1 118 SER 118 119 119 SER SER A . n 
A 1 119 CYS 119 120 120 CYS CYS A . n 
A 1 120 ARG 120 121 121 ARG ARG A . n 
A 1 121 GLU 121 122 122 GLU GLU A . n 
A 1 122 LEU 122 123 123 LEU LEU A . n 
A 1 123 ASN 123 124 124 ASN ASN A . n 
A 1 124 GLU 124 125 125 GLU GLU A . n 
A 1 125 ASP 125 126 126 ASP ASP A . n 
A 1 126 GLY 126 127 127 GLY GLY A . n 
A 1 127 THR 127 128 128 THR THR A . n 
A 1 128 CYS 128 129 129 CYS CYS A . n 
A 1 129 ALA 129 130 130 ALA ALA A . n 
A 1 130 ASP 130 131 131 ASP ASP A . n 
A 1 131 SER 131 132 132 SER SER A . n 
A 1 132 TYR 132 133 133 TYR TYR A . n 
A 1 133 SER 133 134 134 SER SER A . n 
A 1 134 PHE 134 135 135 PHE PHE A . n 
A 1 135 VAL 135 136 136 VAL VAL A . n 
A 1 136 PHE 136 137 137 PHE PHE A . n 
A 1 137 SER 137 138 138 SER SER A . n 
A 1 138 ARG 138 139 139 ARG ARG A . n 
A 1 139 ASP 139 140 140 ASP ASP A . n 
A 1 140 PRO 140 141 141 PRO PRO A . n 
A 1 141 LYS 141 142 142 LYS LYS A . n 
A 1 142 GLY 142 143 143 GLY GLY A . n 
A 1 143 LEU 143 144 144 LEU LEU A . n 
A 1 144 PRO 144 145 145 PRO PRO A . n 
A 1 145 PRO 145 146 146 PRO PRO A . n 
A 1 146 GLU 146 147 147 GLU GLU A . n 
A 1 147 ALA 147 148 148 ALA ALA A . n 
A 1 148 GLN 148 149 149 GLN GLN A . n 
A 1 149 LYS 149 150 150 LYS LYS A . n 
A 1 150 ILE 150 151 151 ILE ILE A . n 
A 1 151 VAL 151 152 152 VAL VAL A . n 
A 1 152 ARG 152 153 153 ARG ARG A . n 
A 1 153 GLN 153 154 154 GLN GLN A . n 
A 1 154 ARG 154 155 155 ARG ARG A . n 
A 1 155 GLN 155 156 156 GLN GLN A . n 
A 1 156 ILE 156 157 157 ILE ILE A . n 
A 1 157 ASP 157 158 158 ASP ASP A . n 
A 1 158 LEU 158 159 159 LEU LEU A . n 
A 1 159 CYS 159 160 160 CYS CYS A . n 
A 1 160 LEU 160 161 161 LEU LEU A . n 
A 1 161 ASP 161 162 162 ASP ASP A . n 
A 1 162 ARG 162 163 163 ARG ARG A . n 
A 1 163 LYS 163 164 164 LYS LYS A . n 
A 1 164 TYR 164 165 165 TYR TYR A . n 
A 1 165 ARG 165 166 166 ARG ARG A . n 
A 1 166 VAL 166 167 167 VAL VAL A . n 
A 1 167 ILE 167 168 168 ILE ILE A . n 
A 1 168 VAL 168 169 169 VAL VAL A . n 
A 1 169 HIS 169 170 170 HIS HIS A . n 
A 1 170 ASN 170 171 171 ASN ASN A . n 
A 1 171 GLY 171 172 172 GLY GLY A . n 
A 1 172 PHE 172 173 173 PHE PHE A . n 
A 1 173 CYS 173 174 174 CYS CYS A . n 
A 1 174 SER 174 175 175 SER SER A . n 
# 
loop_
_pdbx_nonpoly_scheme.asym_id 
_pdbx_nonpoly_scheme.entity_id 
_pdbx_nonpoly_scheme.mon_id 
_pdbx_nonpoly_scheme.ndb_seq_num 
_pdbx_nonpoly_scheme.pdb_seq_num 
_pdbx_nonpoly_scheme.auth_seq_num 
_pdbx_nonpoly_scheme.pdb_mon_id 
_pdbx_nonpoly_scheme.auth_mon_id 
_pdbx_nonpoly_scheme.pdb_strand_id 
_pdbx_nonpoly_scheme.pdb_ins_code 
B 2 CD  1  177 177 CD  CD  A . 
C 3 RTL 1  176 176 RTL RTL A . 
D 4 HOH 1  178 178 HOH HOH A . 
D 4 HOH 2  179 179 HOH HOH A . 
D 4 HOH 3  180 180 HOH HOH A . 
D 4 HOH 4  181 181 HOH HOH A . 
D 4 HOH 5  182 182 HOH HOH A . 
D 4 HOH 6  183 183 HOH HOH A . 
D 4 HOH 7  184 184 HOH HOH A . 
D 4 HOH 8  185 185 HOH HOH A . 
D 4 HOH 9  186 186 HOH HOH A . 
D 4 HOH 10 187 187 HOH HOH A . 
D 4 HOH 11 188 188 HOH HOH A . 
D 4 HOH 12 189 189 HOH HOH A . 
D 4 HOH 13 190 190 HOH HOH A . 
D 4 HOH 14 191 191 HOH HOH A . 
D 4 HOH 15 192 192 HOH HOH A . 
D 4 HOH 16 193 193 HOH HOH A . 
D 4 HOH 17 194 194 HOH HOH A . 
D 4 HOH 18 195 195 HOH HOH A . 
D 4 HOH 19 196 196 HOH HOH A . 
D 4 HOH 20 197 197 HOH HOH A . 
D 4 HOH 21 198 198 HOH HOH A . 
D 4 HOH 22 199 199 HOH HOH A . 
D 4 HOH 23 200 200 HOH HOH A . 
D 4 HOH 24 201 201 HOH HOH A . 
D 4 HOH 25 202 202 HOH HOH A . 
D 4 HOH 26 203 203 HOH HOH A . 
D 4 HOH 27 204 204 HOH HOH A . 
D 4 HOH 28 205 205 HOH HOH A . 
D 4 HOH 29 206 206 HOH HOH A . 
D 4 HOH 30 207 207 HOH HOH A . 
D 4 HOH 31 208 208 HOH HOH A . 
D 4 HOH 32 209 209 HOH HOH A . 
D 4 HOH 33 210 210 HOH HOH A . 
D 4 HOH 34 211 211 HOH HOH A . 
D 4 HOH 35 212 212 HOH HOH A . 
D 4 HOH 36 213 213 HOH HOH A . 
D 4 HOH 37 214 214 HOH HOH A . 
D 4 HOH 38 215 215 HOH HOH A . 
D 4 HOH 39 216 216 HOH HOH A . 
D 4 HOH 40 217 217 HOH HOH A . 
D 4 HOH 41 218 218 HOH HOH A . 
D 4 HOH 42 219 219 HOH HOH A . 
D 4 HOH 43 220 220 HOH HOH A . 
D 4 HOH 44 221 221 HOH HOH A . 
D 4 HOH 45 222 222 HOH HOH A . 
D 4 HOH 46 223 223 HOH HOH A . 
D 4 HOH 47 224 224 HOH HOH A . 
D 4 HOH 48 225 225 HOH HOH A . 
D 4 HOH 49 226 226 HOH HOH A . 
D 4 HOH 50 227 227 HOH HOH A . 
D 4 HOH 51 228 228 HOH HOH A . 
D 4 HOH 52 229 229 HOH HOH A . 
D 4 HOH 53 230 230 HOH HOH A . 
D 4 HOH 54 231 231 HOH HOH A . 
D 4 HOH 55 232 232 HOH HOH A . 
D 4 HOH 56 233 233 HOH HOH A . 
D 4 HOH 57 234 234 HOH HOH A . 
D 4 HOH 58 235 235 HOH HOH A . 
D 4 HOH 59 236 236 HOH HOH A . 
D 4 HOH 60 237 237 HOH HOH A . 
D 4 HOH 61 238 238 HOH HOH A . 
D 4 HOH 62 239 239 HOH HOH A . 
D 4 HOH 63 240 240 HOH HOH A . 
D 4 HOH 64 241 241 HOH HOH A . 
D 4 HOH 65 242 242 HOH HOH A . 
D 4 HOH 66 243 243 HOH HOH A . 
D 4 HOH 67 244 244 HOH HOH A . 
D 4 HOH 68 245 245 HOH HOH A . 
D 4 HOH 69 246 246 HOH HOH A . 
D 4 HOH 70 247 247 HOH HOH A . 
D 4 HOH 71 248 248 HOH HOH A . 
D 4 HOH 72 249 249 HOH HOH A . 
D 4 HOH 73 250 250 HOH HOH A . 
D 4 HOH 74 251 251 HOH HOH A . 
D 4 HOH 75 252 252 HOH HOH A . 
D 4 HOH 76 253 253 HOH HOH A . 
D 4 HOH 77 254 254 HOH HOH A . 
D 4 HOH 78 255 255 HOH HOH A . 
D 4 HOH 79 256 256 HOH HOH A . 
D 4 HOH 80 257 257 HOH HOH A . 
D 4 HOH 81 258 258 HOH HOH A . 
D 4 HOH 82 259 259 HOH HOH A . 
D 4 HOH 83 260 260 HOH HOH A . 
D 4 HOH 84 261 261 HOH HOH A . 
D 4 HOH 85 262 262 HOH HOH A . 
D 4 HOH 86 263 263 HOH HOH A . 
D 4 HOH 87 264 264 HOH HOH A . 
D 4 HOH 88 265 265 HOH HOH A . 
D 4 HOH 89 266 266 HOH HOH A . 
D 4 HOH 90 267 267 HOH HOH A . 
D 4 HOH 91 268 268 HOH HOH A . 
D 4 HOH 92 269 269 HOH HOH A . 
D 4 HOH 93 270 270 HOH HOH A . 
D 4 HOH 94 271 271 HOH HOH A . 
D 4 HOH 95 272 272 HOH HOH A . 
# 
loop_
_pdbx_unobs_or_zero_occ_atoms.id 
_pdbx_unobs_or_zero_occ_atoms.PDB_model_num 
_pdbx_unobs_or_zero_occ_atoms.polymer_flag 
_pdbx_unobs_or_zero_occ_atoms.occupancy_flag 
_pdbx_unobs_or_zero_occ_atoms.auth_asym_id 
_pdbx_unobs_or_zero_occ_atoms.auth_comp_id 
_pdbx_unobs_or_zero_occ_atoms.auth_seq_id 
_pdbx_unobs_or_zero_occ_atoms.PDB_ins_code 
_pdbx_unobs_or_zero_occ_atoms.auth_atom_id 
_pdbx_unobs_or_zero_occ_atoms.label_alt_id 
_pdbx_unobs_or_zero_occ_atoms.label_asym_id 
_pdbx_unobs_or_zero_occ_atoms.label_comp_id 
_pdbx_unobs_or_zero_occ_atoms.label_seq_id 
_pdbx_unobs_or_zero_occ_atoms.label_atom_id 
1 1 Y 1 A MET 2 ? CB ? A MET 1 CB 
2 1 Y 1 A MET 2 ? CG ? A MET 1 CG 
3 1 Y 1 A MET 2 ? SD ? A MET 1 SD 
4 1 Y 1 A MET 2 ? CE ? A MET 1 CE 
# 
loop_
_software.name 
_software.classification 
_software.version 
_software.citation_id 
_software.pdbx_ordinal 
SAINT 'data scaling'   .      ? 1 
SAINT 'data reduction' .      ? 2 
AMoRE phasing          .      ? 3 
CNX   refinement       2000.1 ? 4 
# 
_cell.entry_id           1IIU 
_cell.length_a           46.064 
_cell.length_b           53.560 
_cell.length_c           73.414 
_cell.angle_alpha        90.00 
_cell.angle_beta         90.00 
_cell.angle_gamma        90.00 
_cell.Z_PDB              4 
_cell.pdbx_unique_axis   ? 
# 
_symmetry.entry_id                         1IIU 
_symmetry.space_group_name_H-M             'P 21 21 21' 
_symmetry.pdbx_full_space_group_name_H-M   ? 
_symmetry.cell_setting                     ? 
_symmetry.Int_Tables_number                19 
# 
_exptl.entry_id          1IIU 
_exptl.method            'X-RAY DIFFRACTION' 
_exptl.crystals_number   1 
# 
_exptl_crystal.id                    1 
_exptl_crystal.density_meas          ? 
_exptl_crystal.density_Matthews      2.25 
_exptl_crystal.density_percent_sol   45.37 
_exptl_crystal.description           ? 
# 
_exptl_crystal_grow.crystal_id      1 
_exptl_crystal_grow.method          'VAPOR DIFFUSION, SITTING DROP' 
_exptl_crystal_grow.temp            293 
_exptl_crystal_grow.temp_details    ? 
_exptl_crystal_grow.pH              7 
_exptl_crystal_grow.pdbx_details    'pH 7, VAPOR DIFFUSION, SITTING DROP, temperature 293K' 
_exptl_crystal_grow.pdbx_pH_range   ? 
# 
_diffrn.id                     1 
_diffrn.ambient_temp           293 
_diffrn.ambient_temp_details   ? 
_diffrn.crystal_id             1 
# 
_diffrn_detector.diffrn_id              1 
_diffrn_detector.detector               'AREA DETECTOR' 
_diffrn_detector.type                   'SIEMENS HI-STAR' 
_diffrn_detector.pdbx_collection_date   ? 
_diffrn_detector.details                ? 
# 
_diffrn_radiation.diffrn_id                        1 
_diffrn_radiation.wavelength_id                    1 
_diffrn_radiation.pdbx_monochromatic_or_laue_m_l   M 
_diffrn_radiation.monochromator                    graphite 
_diffrn_radiation.pdbx_diffrn_protocol             'SINGLE WAVELENGTH' 
_diffrn_radiation.pdbx_scattering_type             x-ray 
# 
_diffrn_radiation_wavelength.id           1 
_diffrn_radiation_wavelength.wavelength   1.5418 
_diffrn_radiation_wavelength.wt           1.0 
# 
_diffrn_source.diffrn_id                   1 
_diffrn_source.source                      'ROTATING ANODE' 
_diffrn_source.type                        BRUKER 
_diffrn_source.pdbx_synchrotron_site       ? 
_diffrn_source.pdbx_synchrotron_beamline   ? 
_diffrn_source.pdbx_wavelength             1.5418 
_diffrn_source.pdbx_wavelength_list        ? 
# 
_reflns.entry_id                     1IIU 
_reflns.observed_criterion_sigma_I   ? 
_reflns.observed_criterion_sigma_F   1 
_reflns.d_resolution_low             30 
_reflns.d_resolution_high            2.5 
_reflns.number_obs                   22515 
_reflns.number_all                   ? 
_reflns.percent_possible_obs         82 
_reflns.pdbx_Rmerge_I_obs            ? 
_reflns.pdbx_Rsym_value              0.15 
_reflns.pdbx_netI_over_sigmaI        ? 
_reflns.B_iso_Wilson_estimate        10.9 
_reflns.pdbx_redundancy              ? 
_reflns.R_free_details               ? 
_reflns.limit_h_max                  ? 
_reflns.limit_h_min                  ? 
_reflns.limit_k_max                  ? 
_reflns.limit_k_min                  ? 
_reflns.limit_l_max                  ? 
_reflns.limit_l_min                  ? 
_reflns.observed_criterion_F_max     ? 
_reflns.observed_criterion_F_min     ? 
_reflns.pdbx_diffrn_id               1 
_reflns.pdbx_ordinal                 1 
# 
_refine.entry_id                                 1IIU 
_refine.ls_number_reflns_obs                     5851 
_refine.ls_number_reflns_all                     ? 
_refine.pdbx_ls_sigma_I                          ? 
_refine.pdbx_ls_sigma_F                          0.0 
_refine.pdbx_data_cutoff_high_absF               282522.35 
_refine.pdbx_data_cutoff_low_absF                0.00 
_refine.ls_d_res_low                             30.28 
_refine.ls_d_res_high                            2.50 
_refine.ls_percent_reflns_obs                    87.8 
_refine.ls_R_factor_obs                          ? 
_refine.ls_R_factor_all                          ? 
_refine.ls_R_factor_R_work                       0.211 
_refine.ls_R_factor_R_free                       0.266 
_refine.ls_R_factor_R_free_error                 0.013 
_refine.ls_R_factor_R_free_error_details         ? 
_refine.ls_percent_reflns_R_free                 7.5 
_refine.ls_number_reflns_R_free                  438 
_refine.ls_number_parameters                     ? 
_refine.ls_number_restraints                     ? 
_refine.occupancy_min                            ? 
_refine.occupancy_max                            ? 
_refine.B_iso_mean                               21.8 
_refine.aniso_B[1][1]                            -0.68 
_refine.aniso_B[2][2]                            0.13 
_refine.aniso_B[3][3]                            0.55 
_refine.aniso_B[1][2]                            0.00 
_refine.aniso_B[1][3]                            0.00 
_refine.aniso_B[2][3]                            0.00 
_refine.solvent_model_details                    'flat model' 
_refine.solvent_model_param_ksol                 0.289072 
_refine.solvent_model_param_bsol                 36.8295 
_refine.pdbx_ls_cross_valid_method               THROUGHOUT 
_refine.details                                  ? 
_refine.pdbx_starting_model                      ? 
_refine.pdbx_method_to_determine_struct          'MOLECULAR REPLACEMENT' 
_refine.pdbx_isotropic_thermal_model             RESTRAINED 
_refine.pdbx_stereochemistry_target_values       ? 
_refine.pdbx_stereochem_target_val_spec_case     ? 
_refine.pdbx_R_Free_selection_details            RANDOM 
_refine.pdbx_overall_ESU_R_Free                  ? 
_refine.overall_SU_B                             ? 
_refine.ls_redundancy_reflns_obs                 ? 
_refine.B_iso_min                                ? 
_refine.B_iso_max                                ? 
_refine.correlation_coeff_Fo_to_Fc               ? 
_refine.correlation_coeff_Fo_to_Fc_free          ? 
_refine.overall_SU_R_Cruickshank_DPI             ? 
_refine.overall_SU_R_free                        ? 
_refine.overall_SU_ML                            ? 
_refine.pdbx_overall_ESU_R                       ? 
_refine.pdbx_data_cutoff_high_rms_absF           ? 
_refine.pdbx_refine_id                           'X-RAY DIFFRACTION' 
_refine.pdbx_diffrn_id                           1 
_refine.pdbx_TLS_residual_ADP_flag               ? 
_refine.pdbx_solvent_vdw_probe_radii             ? 
_refine.pdbx_solvent_ion_probe_radii             ? 
_refine.pdbx_solvent_shrinkage_radii             ? 
_refine.pdbx_overall_phase_error                 ? 
_refine.pdbx_overall_SU_R_free_Cruickshank_DPI   ? 
_refine.pdbx_overall_SU_R_Blow_DPI               ? 
_refine.pdbx_overall_SU_R_free_Blow_DPI          ? 
# 
_refine_analyze.entry_id                        1IIU 
_refine_analyze.Luzzati_coordinate_error_obs    0.31 
_refine_analyze.Luzzati_sigma_a_obs             0.44 
_refine_analyze.Luzzati_d_res_low_obs           5.00 
_refine_analyze.Luzzati_coordinate_error_free   0.38 
_refine_analyze.Luzzati_sigma_a_free            0.45 
_refine_analyze.Luzzati_d_res_low_free          ? 
_refine_analyze.number_disordered_residues      ? 
_refine_analyze.occupancy_sum_hydrogen          ? 
_refine_analyze.occupancy_sum_non_hydrogen      ? 
_refine_analyze.pdbx_Luzzati_d_res_high_obs     ? 
_refine_analyze.pdbx_refine_id                  'X-RAY DIFFRACTION' 
# 
_refine_hist.pdbx_refine_id                   'X-RAY DIFFRACTION' 
_refine_hist.cycle_id                         LAST 
_refine_hist.pdbx_number_atoms_protein        1406 
_refine_hist.pdbx_number_atoms_nucleic_acid   0 
_refine_hist.pdbx_number_atoms_ligand         22 
_refine_hist.number_atoms_solvent             111 
_refine_hist.number_atoms_total               1539 
_refine_hist.d_res_high                       2.50 
_refine_hist.d_res_low                        30.28 
# 
loop_
_refine_ls_restr.type 
_refine_ls_restr.dev_ideal 
_refine_ls_restr.dev_ideal_target 
_refine_ls_restr.weight 
_refine_ls_restr.number 
_refine_ls_restr.pdbx_refine_id 
_refine_ls_restr.pdbx_restraint_function 
c_bond_d           0.021 ?    ? ? 'X-RAY DIFFRACTION' ? 
c_angle_deg        2.7   ?    ? ? 'X-RAY DIFFRACTION' ? 
c_dihedral_angle_d 25.60 ?    ? ? 'X-RAY DIFFRACTION' ? 
c_improper_angle_d 1.84  ?    ? ? 'X-RAY DIFFRACTION' ? 
c_mcbond_it        1.41  1.50 ? ? 'X-RAY DIFFRACTION' ? 
c_mcangle_it       2.40  2.00 ? ? 'X-RAY DIFFRACTION' ? 
c_scbond_it        1.97  2.00 ? ? 'X-RAY DIFFRACTION' ? 
c_scangle_it       2.97  2.50 ? ? 'X-RAY DIFFRACTION' ? 
# 
_refine_ls_shell.pdbx_total_number_of_bins_used   6 
_refine_ls_shell.d_res_high                       2.50 
_refine_ls_shell.d_res_low                        2.66 
_refine_ls_shell.number_reflns_R_work             680 
_refine_ls_shell.R_factor_R_work                  0.311 
_refine_ls_shell.percent_reflns_obs               67.8 
_refine_ls_shell.R_factor_R_free                  0.337 
_refine_ls_shell.R_factor_R_free_error            0.045 
_refine_ls_shell.percent_reflns_R_free            7.5 
_refine_ls_shell.number_reflns_R_free             55 
_refine_ls_shell.number_reflns_obs                ? 
_refine_ls_shell.redundancy_reflns_obs            ? 
_refine_ls_shell.number_reflns_all                ? 
_refine_ls_shell.pdbx_refine_id                   'X-RAY DIFFRACTION' 
_refine_ls_shell.R_factor_all                     ? 
# 
loop_
_pdbx_xplor_file.serial_no 
_pdbx_xplor_file.param_file 
_pdbx_xplor_file.topol_file 
_pdbx_xplor_file.pdbx_refine_id 
1 PROTEIN_REP.PARAM PROTEIN.TOP 'X-RAY DIFFRACTION' 
2 WATER_REP.PARAM   ?           'X-RAY DIFFRACTION' 
3 ION.PARAM         ?           'X-RAY DIFFRACTION' 
4 RETINOL.PAR       ?           'X-RAY DIFFRACTION' 
# 
_struct.entry_id                  1IIU 
_struct.title                     'Chicken plasma retinol-binding protein (RBP)' 
_struct.pdbx_model_details        ? 
_struct.pdbx_CASP_flag            ? 
_struct.pdbx_model_type_details   ? 
# 
_struct_keywords.entry_id        1IIU 
_struct_keywords.pdbx_keywords   'TRANSPORT PROTEIN' 
_struct_keywords.text            'RBP, retinol, TRANSPORT PROTEIN' 
# 
loop_
_struct_asym.id 
_struct_asym.pdbx_blank_PDB_chainid_flag 
_struct_asym.pdbx_modified 
_struct_asym.entity_id 
_struct_asym.details 
A N N 1 ? 
B N N 2 ? 
C N N 3 ? 
D N N 4 ? 
# 
_struct_ref.id                         1 
_struct_ref.db_name                    UNP 
_struct_ref.db_code                    RETBP_CHICK 
_struct_ref.entity_id                  1 
_struct_ref.pdbx_seq_one_letter_code   
;DCRVSSFKVKENFDKNRYSGTWYAMAKKDPEGLFLQDNVVAQFTVDENGQMSATAKGRVRLFNNWDVCADMIGSFTDTED
PAKFKMKYWGVASFLQKGNDDHWVVDTDYDTYALHYSCRELNEDGTCADSYSFVFSRDPKGLPPEAQKIVRQRQIDLCLD
RKYRVIVHNGFCS
;
_struct_ref.pdbx_align_begin           24 
_struct_ref.pdbx_db_accession          P41263 
_struct_ref.pdbx_db_isoform            ? 
# 
_struct_ref_seq.align_id                      1 
_struct_ref_seq.ref_id                        1 
_struct_ref_seq.pdbx_PDB_id_code              1IIU 
_struct_ref_seq.pdbx_strand_id                A 
_struct_ref_seq.seq_align_beg                 2 
_struct_ref_seq.pdbx_seq_align_beg_ins_code   ? 
_struct_ref_seq.seq_align_end                 174 
_struct_ref_seq.pdbx_seq_align_end_ins_code   ? 
_struct_ref_seq.pdbx_db_accession             P41263 
_struct_ref_seq.db_align_beg                  24 
_struct_ref_seq.pdbx_db_align_beg_ins_code    ? 
_struct_ref_seq.db_align_end                  196 
_struct_ref_seq.pdbx_db_align_end_ins_code    ? 
_struct_ref_seq.pdbx_auth_seq_align_beg       3 
_struct_ref_seq.pdbx_auth_seq_align_end       175 
# 
_struct_ref_seq_dif.align_id                     1 
_struct_ref_seq_dif.pdbx_pdb_id_code             1IIU 
_struct_ref_seq_dif.mon_id                       MET 
_struct_ref_seq_dif.pdbx_pdb_strand_id           A 
_struct_ref_seq_dif.seq_num                      1 
_struct_ref_seq_dif.pdbx_pdb_ins_code            ? 
_struct_ref_seq_dif.pdbx_seq_db_name             UNP 
_struct_ref_seq_dif.pdbx_seq_db_accession_code   P41263 
_struct_ref_seq_dif.db_mon_id                    ? 
_struct_ref_seq_dif.pdbx_seq_db_seq_num          ? 
_struct_ref_seq_dif.details                      'initiating methionine' 
_struct_ref_seq_dif.pdbx_auth_seq_num            2 
_struct_ref_seq_dif.pdbx_ordinal                 1 
# 
_pdbx_struct_assembly.id                   1 
_pdbx_struct_assembly.details              author_defined_assembly 
_pdbx_struct_assembly.method_details       ? 
_pdbx_struct_assembly.oligomeric_details   monomeric 
_pdbx_struct_assembly.oligomeric_count     1 
# 
_pdbx_struct_assembly_gen.assembly_id       1 
_pdbx_struct_assembly_gen.oper_expression   1 
_pdbx_struct_assembly_gen.asym_id_list      A,B,C,D 
# 
_pdbx_struct_oper_list.id                   1 
_pdbx_struct_oper_list.type                 'identity operation' 
_pdbx_struct_oper_list.name                 1_555 
_pdbx_struct_oper_list.symmetry_operation   x,y,z 
_pdbx_struct_oper_list.matrix[1][1]         1.0000000000 
_pdbx_struct_oper_list.matrix[1][2]         0.0000000000 
_pdbx_struct_oper_list.matrix[1][3]         0.0000000000 
_pdbx_struct_oper_list.vector[1]            0.0000000000 
_pdbx_struct_oper_list.matrix[2][1]         0.0000000000 
_pdbx_struct_oper_list.matrix[2][2]         1.0000000000 
_pdbx_struct_oper_list.matrix[2][3]         0.0000000000 
_pdbx_struct_oper_list.vector[2]            0.0000000000 
_pdbx_struct_oper_list.matrix[3][1]         0.0000000000 
_pdbx_struct_oper_list.matrix[3][2]         0.0000000000 
_pdbx_struct_oper_list.matrix[3][3]         1.0000000000 
_pdbx_struct_oper_list.vector[3]            0.0000000000 
# 
_struct_biol.id                    1 
_struct_biol.pdbx_parent_biol_id   ? 
_struct_biol.details               ? 
# 
loop_
_struct_conf.conf_type_id 
_struct_conf.id 
_struct_conf.pdbx_PDB_helix_id 
_struct_conf.beg_label_comp_id 
_struct_conf.beg_label_asym_id 
_struct_conf.beg_label_seq_id 
_struct_conf.pdbx_beg_PDB_ins_code 
_struct_conf.end_label_comp_id 
_struct_conf.end_label_asym_id 
_struct_conf.end_label_seq_id 
_struct_conf.pdbx_end_PDB_ins_code 
_struct_conf.beg_auth_comp_id 
_struct_conf.beg_auth_asym_id 
_struct_conf.beg_auth_seq_id 
_struct_conf.end_auth_comp_id 
_struct_conf.end_auth_asym_id 
_struct_conf.end_auth_seq_id 
_struct_conf.pdbx_PDB_helix_class 
_struct_conf.details 
_struct_conf.pdbx_PDB_helix_length 
HELX_P HELX_P1 1 VAL A 5   ? PHE A 8   ? VAL A 6   PHE A 9   5 ? 4  
HELX_P HELX_P2 2 ASP A 15  ? SER A 20  ? ASP A 16  SER A 21  1 ? 6  
HELX_P HELX_P3 3 PRO A 144 ? ASP A 157 ? PRO A 145 ASP A 158 1 ? 14 
# 
_struct_conf_type.id          HELX_P 
_struct_conf_type.criteria    ? 
_struct_conf_type.reference   ? 
# 
loop_
_struct_conn.id 
_struct_conn.conn_type_id 
_struct_conn.pdbx_leaving_atom_flag 
_struct_conn.pdbx_PDB_id 
_struct_conn.ptnr1_label_asym_id 
_struct_conn.ptnr1_label_comp_id 
_struct_conn.ptnr1_label_seq_id 
_struct_conn.ptnr1_label_atom_id 
_struct_conn.pdbx_ptnr1_label_alt_id 
_struct_conn.pdbx_ptnr1_PDB_ins_code 
_struct_conn.pdbx_ptnr1_standard_comp_id 
_struct_conn.ptnr1_symmetry 
_struct_conn.ptnr2_label_asym_id 
_struct_conn.ptnr2_label_comp_id 
_struct_conn.ptnr2_label_seq_id 
_struct_conn.ptnr2_label_atom_id 
_struct_conn.pdbx_ptnr2_label_alt_id 
_struct_conn.pdbx_ptnr2_PDB_ins_code 
_struct_conn.ptnr1_auth_asym_id 
_struct_conn.ptnr1_auth_comp_id 
_struct_conn.ptnr1_auth_seq_id 
_struct_conn.ptnr2_auth_asym_id 
_struct_conn.ptnr2_auth_comp_id 
_struct_conn.ptnr2_auth_seq_id 
_struct_conn.ptnr2_symmetry 
_struct_conn.pdbx_ptnr3_label_atom_id 
_struct_conn.pdbx_ptnr3_label_seq_id 
_struct_conn.pdbx_ptnr3_label_comp_id 
_struct_conn.pdbx_ptnr3_label_asym_id 
_struct_conn.pdbx_ptnr3_label_alt_id 
_struct_conn.pdbx_ptnr3_PDB_ins_code 
_struct_conn.details 
_struct_conn.pdbx_dist_value 
_struct_conn.pdbx_value_order 
_struct_conn.pdbx_role 
disulf1 disulf ? ? A CYS 3   SG  ? ? ? 1_555 A CYS 159 SG ? ? A CYS 4   A CYS 160 1_555 ? ? ? ? ? ? ? 2.029 ? ? 
disulf2 disulf ? ? A CYS 69  SG  ? ? ? 1_555 A CYS 173 SG ? ? A CYS 70  A CYS 174 1_555 ? ? ? ? ? ? ? 2.040 ? ? 
disulf3 disulf ? ? A CYS 119 SG  ? ? ? 1_555 A CYS 128 SG ? ? A CYS 120 A CYS 129 1_555 ? ? ? ? ? ? ? 2.026 ? ? 
metalc1 metalc ? ? A GLU 32  OE1 ? ? ? 1_555 B CD  .   CD ? ? A GLU 33  A CD  177 1_555 ? ? ? ? ? ? ? 2.550 ? ? 
metalc2 metalc ? ? A GLU 32  OE2 ? ? ? 1_555 B CD  .   CD ? ? A GLU 33  A CD  177 1_555 ? ? ? ? ? ? ? 3.015 ? ? 
metalc3 metalc ? ? A ASP 139 OD1 ? ? ? 3_544 B CD  .   CD ? ? A ASP 140 A CD  177 1_555 ? ? ? ? ? ? ? 2.859 ? ? 
metalc4 metalc ? ? A ASP 139 OD2 ? ? ? 3_544 B CD  .   CD ? ? A ASP 140 A CD  177 1_555 ? ? ? ? ? ? ? 2.593 ? ? 
metalc5 metalc ? ? A LYS 141 NZ  ? ? ? 3_544 B CD  .   CD ? ? A LYS 142 A CD  177 1_555 ? ? ? ? ? ? ? 2.559 ? ? 
metalc6 metalc ? ? B CD  .   CD  ? ? ? 1_555 D HOH .   O  ? ? A CD  177 A HOH 260 3_544 ? ? ? ? ? ? ? 2.718 ? ? 
# 
loop_
_struct_conn_type.id 
_struct_conn_type.criteria 
_struct_conn_type.reference 
disulf ? ? 
metalc ? ? 
# 
loop_
_pdbx_struct_conn_angle.id 
_pdbx_struct_conn_angle.ptnr1_label_atom_id 
_pdbx_struct_conn_angle.ptnr1_label_alt_id 
_pdbx_struct_conn_angle.ptnr1_label_asym_id 
_pdbx_struct_conn_angle.ptnr1_label_comp_id 
_pdbx_struct_conn_angle.ptnr1_label_seq_id 
_pdbx_struct_conn_angle.ptnr1_auth_atom_id 
_pdbx_struct_conn_angle.ptnr1_auth_asym_id 
_pdbx_struct_conn_angle.ptnr1_auth_comp_id 
_pdbx_struct_conn_angle.ptnr1_auth_seq_id 
_pdbx_struct_conn_angle.ptnr1_PDB_ins_code 
_pdbx_struct_conn_angle.ptnr1_symmetry 
_pdbx_struct_conn_angle.ptnr2_label_atom_id 
_pdbx_struct_conn_angle.ptnr2_label_alt_id 
_pdbx_struct_conn_angle.ptnr2_label_asym_id 
_pdbx_struct_conn_angle.ptnr2_label_comp_id 
_pdbx_struct_conn_angle.ptnr2_label_seq_id 
_pdbx_struct_conn_angle.ptnr2_auth_atom_id 
_pdbx_struct_conn_angle.ptnr2_auth_asym_id 
_pdbx_struct_conn_angle.ptnr2_auth_comp_id 
_pdbx_struct_conn_angle.ptnr2_auth_seq_id 
_pdbx_struct_conn_angle.ptnr2_PDB_ins_code 
_pdbx_struct_conn_angle.ptnr2_symmetry 
_pdbx_struct_conn_angle.ptnr3_label_atom_id 
_pdbx_struct_conn_angle.ptnr3_label_alt_id 
_pdbx_struct_conn_angle.ptnr3_label_asym_id 
_pdbx_struct_conn_angle.ptnr3_label_comp_id 
_pdbx_struct_conn_angle.ptnr3_label_seq_id 
_pdbx_struct_conn_angle.ptnr3_auth_atom_id 
_pdbx_struct_conn_angle.ptnr3_auth_asym_id 
_pdbx_struct_conn_angle.ptnr3_auth_comp_id 
_pdbx_struct_conn_angle.ptnr3_auth_seq_id 
_pdbx_struct_conn_angle.ptnr3_PDB_ins_code 
_pdbx_struct_conn_angle.ptnr3_symmetry 
_pdbx_struct_conn_angle.value 
_pdbx_struct_conn_angle.value_esd 
1  OE1 ? A GLU 32  ? A GLU 33  ? 1_555 CD ? B CD . ? A CD 177 ? 1_555 OE2 ? A GLU 32  ? A GLU 33  ? 1_555 45.8  ? 
2  OE1 ? A GLU 32  ? A GLU 33  ? 1_555 CD ? B CD . ? A CD 177 ? 1_555 OD1 ? A ASP 139 ? A ASP 140 ? 3_544 101.5 ? 
3  OE2 ? A GLU 32  ? A GLU 33  ? 1_555 CD ? B CD . ? A CD 177 ? 1_555 OD1 ? A ASP 139 ? A ASP 140 ? 3_544 137.0 ? 
4  OE1 ? A GLU 32  ? A GLU 33  ? 1_555 CD ? B CD . ? A CD 177 ? 1_555 OD2 ? A ASP 139 ? A ASP 140 ? 3_544 146.0 ? 
5  OE2 ? A GLU 32  ? A GLU 33  ? 1_555 CD ? B CD . ? A CD 177 ? 1_555 OD2 ? A ASP 139 ? A ASP 140 ? 3_544 145.0 ? 
6  OD1 ? A ASP 139 ? A ASP 140 ? 3_544 CD ? B CD . ? A CD 177 ? 1_555 OD2 ? A ASP 139 ? A ASP 140 ? 3_544 47.2  ? 
7  OE1 ? A GLU 32  ? A GLU 33  ? 1_555 CD ? B CD . ? A CD 177 ? 1_555 NZ  ? A LYS 141 ? A LYS 142 ? 3_544 117.0 ? 
8  OE2 ? A GLU 32  ? A GLU 33  ? 1_555 CD ? B CD . ? A CD 177 ? 1_555 NZ  ? A LYS 141 ? A LYS 142 ? 3_544 79.6  ? 
9  OD1 ? A ASP 139 ? A ASP 140 ? 3_544 CD ? B CD . ? A CD 177 ? 1_555 NZ  ? A LYS 141 ? A LYS 142 ? 3_544 140.9 ? 
10 OD2 ? A ASP 139 ? A ASP 140 ? 3_544 CD ? B CD . ? A CD 177 ? 1_555 NZ  ? A LYS 141 ? A LYS 142 ? 3_544 96.1  ? 
11 OE1 ? A GLU 32  ? A GLU 33  ? 1_555 CD ? B CD . ? A CD 177 ? 1_555 O   ? D HOH .   ? A HOH 260 ? 3_544 113.1 ? 
12 OE2 ? A GLU 32  ? A GLU 33  ? 1_555 CD ? B CD . ? A CD 177 ? 1_555 O   ? D HOH .   ? A HOH 260 ? 3_544 74.8  ? 
13 OD1 ? A ASP 139 ? A ASP 140 ? 3_544 CD ? B CD . ? A CD 177 ? 1_555 O   ? D HOH .   ? A HOH 260 ? 3_544 104.7 ? 
14 OD2 ? A ASP 139 ? A ASP 140 ? 3_544 CD ? B CD . ? A CD 177 ? 1_555 O   ? D HOH .   ? A HOH 260 ? 3_544 71.8  ? 
15 NZ  ? A LYS 141 ? A LYS 142 ? 3_544 CD ? B CD . ? A CD 177 ? 1_555 O   ? D HOH .   ? A HOH 260 ? 3_544 66.9  ? 
# 
loop_
_pdbx_modification_feature.ordinal 
_pdbx_modification_feature.label_comp_id 
_pdbx_modification_feature.label_asym_id 
_pdbx_modification_feature.label_seq_id 
_pdbx_modification_feature.label_alt_id 
_pdbx_modification_feature.modified_residue_label_comp_id 
_pdbx_modification_feature.modified_residue_label_asym_id 
_pdbx_modification_feature.modified_residue_label_seq_id 
_pdbx_modification_feature.modified_residue_label_alt_id 
_pdbx_modification_feature.auth_comp_id 
_pdbx_modification_feature.auth_asym_id 
_pdbx_modification_feature.auth_seq_id 
_pdbx_modification_feature.PDB_ins_code 
_pdbx_modification_feature.symmetry 
_pdbx_modification_feature.modified_residue_auth_comp_id 
_pdbx_modification_feature.modified_residue_auth_asym_id 
_pdbx_modification_feature.modified_residue_auth_seq_id 
_pdbx_modification_feature.modified_residue_PDB_ins_code 
_pdbx_modification_feature.modified_residue_symmetry 
_pdbx_modification_feature.comp_id_linking_atom 
_pdbx_modification_feature.modified_residue_id_linking_atom 
_pdbx_modification_feature.modified_residue_id 
_pdbx_modification_feature.ref_pcm_id 
_pdbx_modification_feature.ref_comp_id 
_pdbx_modification_feature.type 
_pdbx_modification_feature.category 
1 CYS A 3   ? CYS A 159 ? CYS A 4   ? 1_555 CYS A 160 ? 1_555 SG SG . . . None 'Disulfide bridge' 
2 CYS A 69  ? CYS A 173 ? CYS A 70  ? 1_555 CYS A 174 ? 1_555 SG SG . . . None 'Disulfide bridge' 
3 CYS A 119 ? CYS A 128 ? CYS A 120 ? 1_555 CYS A 129 ? 1_555 SG SG . . . None 'Disulfide bridge' 
# 
_struct_sheet.id               A 
_struct_sheet.type             ? 
_struct_sheet.number_strands   10 
_struct_sheet.details          ? 
# 
loop_
_struct_sheet_order.sheet_id 
_struct_sheet_order.range_id_1 
_struct_sheet_order.range_id_2 
_struct_sheet_order.offset 
_struct_sheet_order.sense 
A 1 2  ? anti-parallel 
A 2 3  ? anti-parallel 
A 3 4  ? anti-parallel 
A 4 5  ? anti-parallel 
A 5 6  ? anti-parallel 
A 6 7  ? anti-parallel 
A 7 8  ? anti-parallel 
A 8 9  ? anti-parallel 
A 9 10 ? anti-parallel 
# 
loop_
_struct_sheet_range.sheet_id 
_struct_sheet_range.id 
_struct_sheet_range.beg_label_comp_id 
_struct_sheet_range.beg_label_asym_id 
_struct_sheet_range.beg_label_seq_id 
_struct_sheet_range.pdbx_beg_PDB_ins_code 
_struct_sheet_range.end_label_comp_id 
_struct_sheet_range.end_label_asym_id 
_struct_sheet_range.end_label_seq_id 
_struct_sheet_range.pdbx_end_PDB_ins_code 
_struct_sheet_range.beg_auth_comp_id 
_struct_sheet_range.beg_auth_asym_id 
_struct_sheet_range.beg_auth_seq_id 
_struct_sheet_range.end_auth_comp_id 
_struct_sheet_range.end_auth_asym_id 
_struct_sheet_range.end_auth_seq_id 
A 1  ARG A 165 ? VAL A 166 ? ARG A 166 VAL A 167 
A 2  GLY A 21  ? LYS A 29  ? GLY A 22  LYS A 30  
A 3  ASP A 38  ? VAL A 46  ? ASP A 39  VAL A 47  
A 4  MET A 52  ? ARG A 61  ? MET A 53  ARG A 62  
A 5  ASP A 67  ? THR A 77  ? ASP A 68  THR A 78  
A 6  LYS A 84  ? GLY A 91  ? LYS A 85  GLY A 92  
A 7  GLY A 99  ? THR A 108 ? GLY A 100 THR A 109 
A 8  TYR A 113 ? LEU A 122 ? TYR A 114 LEU A 123 
A 9  CYS A 128 ? SER A 137 ? CYS A 129 SER A 138 
A 10 GLY A 21  ? LYS A 29  ? GLY A 22  LYS A 30  
# 
loop_
_pdbx_struct_sheet_hbond.sheet_id 
_pdbx_struct_sheet_hbond.range_id_1 
_pdbx_struct_sheet_hbond.range_id_2 
_pdbx_struct_sheet_hbond.range_1_label_atom_id 
_pdbx_struct_sheet_hbond.range_1_label_comp_id 
_pdbx_struct_sheet_hbond.range_1_label_asym_id 
_pdbx_struct_sheet_hbond.range_1_label_seq_id 
_pdbx_struct_sheet_hbond.range_1_PDB_ins_code 
_pdbx_struct_sheet_hbond.range_1_auth_atom_id 
_pdbx_struct_sheet_hbond.range_1_auth_comp_id 
_pdbx_struct_sheet_hbond.range_1_auth_asym_id 
_pdbx_struct_sheet_hbond.range_1_auth_seq_id 
_pdbx_struct_sheet_hbond.range_2_label_atom_id 
_pdbx_struct_sheet_hbond.range_2_label_comp_id 
_pdbx_struct_sheet_hbond.range_2_label_asym_id 
_pdbx_struct_sheet_hbond.range_2_label_seq_id 
_pdbx_struct_sheet_hbond.range_2_PDB_ins_code 
_pdbx_struct_sheet_hbond.range_2_auth_atom_id 
_pdbx_struct_sheet_hbond.range_2_auth_comp_id 
_pdbx_struct_sheet_hbond.range_2_auth_asym_id 
_pdbx_struct_sheet_hbond.range_2_auth_seq_id 
A 1 2  N ARG A 165 ? N ARG A 166 O LYS A 28  ? O LYS A 29  
A 2 3  N ALA A 25  ? N ALA A 26  O VAL A 40  ? O VAL A 41  
A 3 4  O THR A 45  ? O THR A 46  N SER A 53  ? N SER A 54  
A 4 5  O VAL A 60  ? O VAL A 61  N VAL A 68  ? N VAL A 69  
A 5 6  N THR A 77  ? N THR A 78  O LYS A 86  ? O LYS A 87  
A 6 7  N TYR A 89  ? N TYR A 90  O GLY A 99  ? O GLY A 100 
A 7 8  O ASP A 107 ? O ASP A 108 N LEU A 115 ? N LEU A 116 
A 8 9  O GLU A 121 ? O GLU A 122 N ALA A 129 ? N ALA A 130 
A 9 10 O SER A 137 ? O SER A 138 N TYR A 24  ? N TYR A 25  
# 
loop_
_struct_site.id 
_struct_site.pdbx_evidence_code 
_struct_site.pdbx_auth_asym_id 
_struct_site.pdbx_auth_comp_id 
_struct_site.pdbx_auth_seq_id 
_struct_site.pdbx_auth_ins_code 
_struct_site.pdbx_num_residues 
_struct_site.details 
AC1 Software A CD  177 ? 4 'BINDING SITE FOR RESIDUE CD A 177'  
AC2 Software A RTL 176 ? 5 'BINDING SITE FOR RESIDUE RTL A 176' 
# 
loop_
_struct_site_gen.id 
_struct_site_gen.site_id 
_struct_site_gen.pdbx_num_res 
_struct_site_gen.label_comp_id 
_struct_site_gen.label_asym_id 
_struct_site_gen.label_seq_id 
_struct_site_gen.pdbx_auth_ins_code 
_struct_site_gen.auth_comp_id 
_struct_site_gen.auth_asym_id 
_struct_site_gen.auth_seq_id 
_struct_site_gen.label_atom_id 
_struct_site_gen.label_alt_id 
_struct_site_gen.symmetry 
_struct_site_gen.details 
1 AC1 4 GLU A 32  ? GLU A 33  . ? 1_555 ? 
2 AC1 4 ASP A 139 ? ASP A 140 . ? 3_544 ? 
3 AC1 4 LYS A 141 ? LYS A 142 . ? 3_544 ? 
4 AC1 4 HOH D .   ? HOH A 260 . ? 3_544 ? 
5 AC2 5 LEU A 34  ? LEU A 35  . ? 1_555 ? 
6 AC2 5 PHE A 35  ? PHE A 36  . ? 1_555 ? 
7 AC2 5 MET A 87  ? MET A 88  . ? 1_555 ? 
8 AC2 5 LEU A 96  ? LEU A 97  . ? 1_555 ? 
9 AC2 5 GLN A 97  ? GLN A 98  . ? 1_555 ? 
# 
_pdbx_entry_details.entry_id                   1IIU 
_pdbx_entry_details.compound_details           ? 
_pdbx_entry_details.source_details             ? 
_pdbx_entry_details.nonpolymer_details         ? 
_pdbx_entry_details.sequence_details           ? 
_pdbx_entry_details.has_ligand_of_interest     ? 
_pdbx_entry_details.has_protein_modification   Y 
# 
_pdbx_validate_close_contact.id               1 
_pdbx_validate_close_contact.PDB_model_num    1 
_pdbx_validate_close_contact.auth_atom_id_1   CE 
_pdbx_validate_close_contact.auth_asym_id_1   A 
_pdbx_validate_close_contact.auth_comp_id_1   LYS 
_pdbx_validate_close_contact.auth_seq_id_1    99 
_pdbx_validate_close_contact.PDB_ins_code_1   ? 
_pdbx_validate_close_contact.label_alt_id_1   ? 
_pdbx_validate_close_contact.auth_atom_id_2   O 
_pdbx_validate_close_contact.auth_asym_id_2   A 
_pdbx_validate_close_contact.auth_comp_id_2   HOH 
_pdbx_validate_close_contact.auth_seq_id_2    254 
_pdbx_validate_close_contact.PDB_ins_code_2   ? 
_pdbx_validate_close_contact.label_alt_id_2   ? 
_pdbx_validate_close_contact.dist             2.12 
# 
loop_
_pdbx_validate_symm_contact.id 
_pdbx_validate_symm_contact.PDB_model_num 
_pdbx_validate_symm_contact.auth_atom_id_1 
_pdbx_validate_symm_contact.auth_asym_id_1 
_pdbx_validate_symm_contact.auth_comp_id_1 
_pdbx_validate_symm_contact.auth_seq_id_1 
_pdbx_validate_symm_contact.PDB_ins_code_1 
_pdbx_validate_symm_contact.label_alt_id_1 
_pdbx_validate_symm_contact.site_symmetry_1 
_pdbx_validate_symm_contact.auth_atom_id_2 
_pdbx_validate_symm_contact.auth_asym_id_2 
_pdbx_validate_symm_contact.auth_comp_id_2 
_pdbx_validate_symm_contact.auth_seq_id_2 
_pdbx_validate_symm_contact.PDB_ins_code_2 
_pdbx_validate_symm_contact.label_alt_id_2 
_pdbx_validate_symm_contact.site_symmetry_2 
_pdbx_validate_symm_contact.dist 
1 1 OE1 A GLN 52 ? ? 1_555 O A HOH 239 ? ? 4_555 1.93 
2 1 OD2 A ASP 48 ? ? 1_555 O A HOH 239 ? ? 4_555 2.07 
3 1 NE2 A GLN 52 ? ? 1_555 O A HOH 242 ? ? 4_555 2.13 
4 1 CZ3 A TRP 67 ? ? 1_555 O A HOH 222 ? ? 1_455 2.13 
# 
loop_
_pdbx_validate_rmsd_bond.id 
_pdbx_validate_rmsd_bond.PDB_model_num 
_pdbx_validate_rmsd_bond.auth_atom_id_1 
_pdbx_validate_rmsd_bond.auth_asym_id_1 
_pdbx_validate_rmsd_bond.auth_comp_id_1 
_pdbx_validate_rmsd_bond.auth_seq_id_1 
_pdbx_validate_rmsd_bond.PDB_ins_code_1 
_pdbx_validate_rmsd_bond.label_alt_id_1 
_pdbx_validate_rmsd_bond.auth_atom_id_2 
_pdbx_validate_rmsd_bond.auth_asym_id_2 
_pdbx_validate_rmsd_bond.auth_comp_id_2 
_pdbx_validate_rmsd_bond.auth_seq_id_2 
_pdbx_validate_rmsd_bond.PDB_ins_code_2 
_pdbx_validate_rmsd_bond.label_alt_id_2 
_pdbx_validate_rmsd_bond.bond_value 
_pdbx_validate_rmsd_bond.bond_target_value 
_pdbx_validate_rmsd_bond.bond_deviation 
_pdbx_validate_rmsd_bond.bond_standard_deviation 
_pdbx_validate_rmsd_bond.linker_flag 
1 1 CG  A GLU 13  ? ? CD  A GLU 13  ? ? 1.625 1.515 0.110  0.015 N 
2 1 CD1 A PHE 64  ? ? CE1 A PHE 64  ? ? 1.245 1.388 -0.143 0.020 N 
3 1 N   A ASP 110 ? ? CA  A ASP 110 ? ? 1.302 1.459 -0.157 0.020 N 
4 1 N   A TYR 111 ? ? CA  A TYR 111 ? ? 1.317 1.459 -0.142 0.020 N 
5 1 CD  A LYS 164 ? ? CE  A LYS 164 ? ? 1.222 1.508 -0.286 0.025 N 
# 
loop_
_pdbx_validate_rmsd_angle.id 
_pdbx_validate_rmsd_angle.PDB_model_num 
_pdbx_validate_rmsd_angle.auth_atom_id_1 
_pdbx_validate_rmsd_angle.auth_asym_id_1 
_pdbx_validate_rmsd_angle.auth_comp_id_1 
_pdbx_validate_rmsd_angle.auth_seq_id_1 
_pdbx_validate_rmsd_angle.PDB_ins_code_1 
_pdbx_validate_rmsd_angle.label_alt_id_1 
_pdbx_validate_rmsd_angle.auth_atom_id_2 
_pdbx_validate_rmsd_angle.auth_asym_id_2 
_pdbx_validate_rmsd_angle.auth_comp_id_2 
_pdbx_validate_rmsd_angle.auth_seq_id_2 
_pdbx_validate_rmsd_angle.PDB_ins_code_2 
_pdbx_validate_rmsd_angle.label_alt_id_2 
_pdbx_validate_rmsd_angle.auth_atom_id_3 
_pdbx_validate_rmsd_angle.auth_asym_id_3 
_pdbx_validate_rmsd_angle.auth_comp_id_3 
_pdbx_validate_rmsd_angle.auth_seq_id_3 
_pdbx_validate_rmsd_angle.PDB_ins_code_3 
_pdbx_validate_rmsd_angle.label_alt_id_3 
_pdbx_validate_rmsd_angle.angle_value 
_pdbx_validate_rmsd_angle.angle_target_value 
_pdbx_validate_rmsd_angle.angle_deviation 
_pdbx_validate_rmsd_angle.angle_standard_deviation 
_pdbx_validate_rmsd_angle.linker_flag 
1  1 CB A LYS 10  ? ? CA A LYS 10  ? ? C   A LYS 10  ? ? 124.06 110.40 13.66  2.00 N 
2  1 CB A PHE 64  ? ? CA A PHE 64  ? ? C   A PHE 64  ? ? 97.38  110.40 -13.02 2.00 N 
3  1 CB A PHE 64  ? ? CG A PHE 64  ? ? CD1 A PHE 64  ? ? 113.64 120.80 -7.16  0.70 N 
4  1 CA A PHE 64  ? ? C  A PHE 64  ? ? N   A ASN 65  ? ? 94.35  117.20 -22.85 2.20 Y 
5  1 O  A PHE 64  ? ? C  A PHE 64  ? ? N   A ASN 65  ? ? 138.51 122.70 15.81  1.60 Y 
6  1 CB A ASN 66  ? ? CA A ASN 66  ? ? C   A ASN 66  ? ? 123.01 110.40 12.61  2.00 N 
7  1 N  A ASN 66  ? ? CA A ASN 66  ? ? CB  A ASN 66  ? ? 99.17  110.60 -11.43 1.80 N 
8  1 CB A LYS 87  ? ? CA A LYS 87  ? ? C   A LYS 87  ? ? 96.86  110.40 -13.54 2.00 N 
9  1 CB A LYS 87  ? ? CG A LYS 87  ? ? CD  A LYS 87  ? ? 137.43 111.60 25.83  2.60 N 
10 1 CG A LYS 87  ? ? CD A LYS 87  ? ? CE  A LYS 87  ? ? 133.83 111.90 21.93  3.00 N 
11 1 CD A LYS 87  ? ? CE A LYS 87  ? ? NZ  A LYS 87  ? ? 134.48 111.70 22.78  2.30 N 
12 1 N  A ASP 110 ? ? CA A ASP 110 ? ? CB  A ASP 110 ? ? 124.79 110.60 14.19  1.80 N 
13 1 CA A ASP 110 ? ? C  A ASP 110 ? ? N   A TYR 111 ? ? 135.33 117.20 18.13  2.20 Y 
14 1 O  A ASP 110 ? ? C  A ASP 110 ? ? N   A TYR 111 ? ? 97.27  122.70 -25.43 1.60 Y 
15 1 C  A ASP 110 ? ? N  A TYR 111 ? ? CA  A TYR 111 ? ? 145.01 121.70 23.31  2.50 Y 
16 1 N  A TYR 111 ? ? CA A TYR 111 ? ? CB  A TYR 111 ? ? 82.59  110.60 -28.01 1.80 N 
17 1 CB A ASP 162 ? ? CG A ASP 162 ? ? OD1 A ASP 162 ? ? 128.15 118.30 9.85   0.90 N 
18 1 CB A ASP 162 ? ? CG A ASP 162 ? ? OD2 A ASP 162 ? ? 108.94 118.30 -9.36  0.90 N 
# 
loop_
_pdbx_validate_torsion.id 
_pdbx_validate_torsion.PDB_model_num 
_pdbx_validate_torsion.auth_comp_id 
_pdbx_validate_torsion.auth_asym_id 
_pdbx_validate_torsion.auth_seq_id 
_pdbx_validate_torsion.PDB_ins_code 
_pdbx_validate_torsion.label_alt_id 
_pdbx_validate_torsion.phi 
_pdbx_validate_torsion.psi 
1 1 GLN A 38  ? ? -108.27 -61.69  
2 1 LEU A 63  ? ? -97.52  -125.62 
3 1 PHE A 64  ? ? -34.25  -75.38  
4 1 ASN A 65  ? ? -151.55 89.23   
5 1 ASN A 66  ? ? 62.37   96.96   
6 1 TRP A 67  ? ? -173.89 84.93   
7 1 THR A 80  ? ? -117.14 -168.65 
8 1 TYR A 111 ? ? -25.89  -4.28   
9 1 ASP A 162 ? ? -38.36  131.08  
# 
_pdbx_validate_peptide_omega.id               1 
_pdbx_validate_peptide_omega.PDB_model_num    1 
_pdbx_validate_peptide_omega.auth_comp_id_1   ASP 
_pdbx_validate_peptide_omega.auth_asym_id_1   A 
_pdbx_validate_peptide_omega.auth_seq_id_1    110 
_pdbx_validate_peptide_omega.PDB_ins_code_1   ? 
_pdbx_validate_peptide_omega.label_alt_id_1   ? 
_pdbx_validate_peptide_omega.auth_comp_id_2   TYR 
_pdbx_validate_peptide_omega.auth_asym_id_2   A 
_pdbx_validate_peptide_omega.auth_seq_id_2    111 
_pdbx_validate_peptide_omega.PDB_ins_code_2   ? 
_pdbx_validate_peptide_omega.label_alt_id_2   ? 
_pdbx_validate_peptide_omega.omega            -111.88 
# 
loop_
_chem_comp_atom.comp_id 
_chem_comp_atom.atom_id 
_chem_comp_atom.type_symbol 
_chem_comp_atom.pdbx_aromatic_flag 
_chem_comp_atom.pdbx_stereo_config 
_chem_comp_atom.pdbx_ordinal 
ALA N    N  N N 1   
ALA CA   C  N S 2   
ALA C    C  N N 3   
ALA O    O  N N 4   
ALA CB   C  N N 5   
ALA OXT  O  N N 6   
ALA H    H  N N 7   
ALA H2   H  N N 8   
ALA HA   H  N N 9   
ALA HB1  H  N N 10  
ALA HB2  H  N N 11  
ALA HB3  H  N N 12  
ALA HXT  H  N N 13  
ARG N    N  N N 14  
ARG CA   C  N S 15  
ARG C    C  N N 16  
ARG O    O  N N 17  
ARG CB   C  N N 18  
ARG CG   C  N N 19  
ARG CD   C  N N 20  
ARG NE   N  N N 21  
ARG CZ   C  N N 22  
ARG NH1  N  N N 23  
ARG NH2  N  N N 24  
ARG OXT  O  N N 25  
ARG H    H  N N 26  
ARG H2   H  N N 27  
ARG HA   H  N N 28  
ARG HB2  H  N N 29  
ARG HB3  H  N N 30  
ARG HG2  H  N N 31  
ARG HG3  H  N N 32  
ARG HD2  H  N N 33  
ARG HD3  H  N N 34  
ARG HE   H  N N 35  
ARG HH11 H  N N 36  
ARG HH12 H  N N 37  
ARG HH21 H  N N 38  
ARG HH22 H  N N 39  
ARG HXT  H  N N 40  
ASN N    N  N N 41  
ASN CA   C  N S 42  
ASN C    C  N N 43  
ASN O    O  N N 44  
ASN CB   C  N N 45  
ASN CG   C  N N 46  
ASN OD1  O  N N 47  
ASN ND2  N  N N 48  
ASN OXT  O  N N 49  
ASN H    H  N N 50  
ASN H2   H  N N 51  
ASN HA   H  N N 52  
ASN HB2  H  N N 53  
ASN HB3  H  N N 54  
ASN HD21 H  N N 55  
ASN HD22 H  N N 56  
ASN HXT  H  N N 57  
ASP N    N  N N 58  
ASP CA   C  N S 59  
ASP C    C  N N 60  
ASP O    O  N N 61  
ASP CB   C  N N 62  
ASP CG   C  N N 63  
ASP OD1  O  N N 64  
ASP OD2  O  N N 65  
ASP OXT  O  N N 66  
ASP H    H  N N 67  
ASP H2   H  N N 68  
ASP HA   H  N N 69  
ASP HB2  H  N N 70  
ASP HB3  H  N N 71  
ASP HD2  H  N N 72  
ASP HXT  H  N N 73  
CD  CD   CD N N 74  
CYS N    N  N N 75  
CYS CA   C  N R 76  
CYS C    C  N N 77  
CYS O    O  N N 78  
CYS CB   C  N N 79  
CYS SG   S  N N 80  
CYS OXT  O  N N 81  
CYS H    H  N N 82  
CYS H2   H  N N 83  
CYS HA   H  N N 84  
CYS HB2  H  N N 85  
CYS HB3  H  N N 86  
CYS HG   H  N N 87  
CYS HXT  H  N N 88  
GLN N    N  N N 89  
GLN CA   C  N S 90  
GLN C    C  N N 91  
GLN O    O  N N 92  
GLN CB   C  N N 93  
GLN CG   C  N N 94  
GLN CD   C  N N 95  
GLN OE1  O  N N 96  
GLN NE2  N  N N 97  
GLN OXT  O  N N 98  
GLN H    H  N N 99  
GLN H2   H  N N 100 
GLN HA   H  N N 101 
GLN HB2  H  N N 102 
GLN HB3  H  N N 103 
GLN HG2  H  N N 104 
GLN HG3  H  N N 105 
GLN HE21 H  N N 106 
GLN HE22 H  N N 107 
GLN HXT  H  N N 108 
GLU N    N  N N 109 
GLU CA   C  N S 110 
GLU C    C  N N 111 
GLU O    O  N N 112 
GLU CB   C  N N 113 
GLU CG   C  N N 114 
GLU CD   C  N N 115 
GLU OE1  O  N N 116 
GLU OE2  O  N N 117 
GLU OXT  O  N N 118 
GLU H    H  N N 119 
GLU H2   H  N N 120 
GLU HA   H  N N 121 
GLU HB2  H  N N 122 
GLU HB3  H  N N 123 
GLU HG2  H  N N 124 
GLU HG3  H  N N 125 
GLU HE2  H  N N 126 
GLU HXT  H  N N 127 
GLY N    N  N N 128 
GLY CA   C  N N 129 
GLY C    C  N N 130 
GLY O    O  N N 131 
GLY OXT  O  N N 132 
GLY H    H  N N 133 
GLY H2   H  N N 134 
GLY HA2  H  N N 135 
GLY HA3  H  N N 136 
GLY HXT  H  N N 137 
HIS N    N  N N 138 
HIS CA   C  N S 139 
HIS C    C  N N 140 
HIS O    O  N N 141 
HIS CB   C  N N 142 
HIS CG   C  Y N 143 
HIS ND1  N  Y N 144 
HIS CD2  C  Y N 145 
HIS CE1  C  Y N 146 
HIS NE2  N  Y N 147 
HIS OXT  O  N N 148 
HIS H    H  N N 149 
HIS H2   H  N N 150 
HIS HA   H  N N 151 
HIS HB2  H  N N 152 
HIS HB3  H  N N 153 
HIS HD1  H  N N 154 
HIS HD2  H  N N 155 
HIS HE1  H  N N 156 
HIS HE2  H  N N 157 
HIS HXT  H  N N 158 
HOH O    O  N N 159 
HOH H1   H  N N 160 
HOH H2   H  N N 161 
ILE N    N  N N 162 
ILE CA   C  N S 163 
ILE C    C  N N 164 
ILE O    O  N N 165 
ILE CB   C  N S 166 
ILE CG1  C  N N 167 
ILE CG2  C  N N 168 
ILE CD1  C  N N 169 
ILE OXT  O  N N 170 
ILE H    H  N N 171 
ILE H2   H  N N 172 
ILE HA   H  N N 173 
ILE HB   H  N N 174 
ILE HG12 H  N N 175 
ILE HG13 H  N N 176 
ILE HG21 H  N N 177 
ILE HG22 H  N N 178 
ILE HG23 H  N N 179 
ILE HD11 H  N N 180 
ILE HD12 H  N N 181 
ILE HD13 H  N N 182 
ILE HXT  H  N N 183 
LEU N    N  N N 184 
LEU CA   C  N S 185 
LEU C    C  N N 186 
LEU O    O  N N 187 
LEU CB   C  N N 188 
LEU CG   C  N N 189 
LEU CD1  C  N N 190 
LEU CD2  C  N N 191 
LEU OXT  O  N N 192 
LEU H    H  N N 193 
LEU H2   H  N N 194 
LEU HA   H  N N 195 
LEU HB2  H  N N 196 
LEU HB3  H  N N 197 
LEU HG   H  N N 198 
LEU HD11 H  N N 199 
LEU HD12 H  N N 200 
LEU HD13 H  N N 201 
LEU HD21 H  N N 202 
LEU HD22 H  N N 203 
LEU HD23 H  N N 204 
LEU HXT  H  N N 205 
LYS N    N  N N 206 
LYS CA   C  N S 207 
LYS C    C  N N 208 
LYS O    O  N N 209 
LYS CB   C  N N 210 
LYS CG   C  N N 211 
LYS CD   C  N N 212 
LYS CE   C  N N 213 
LYS NZ   N  N N 214 
LYS OXT  O  N N 215 
LYS H    H  N N 216 
LYS H2   H  N N 217 
LYS HA   H  N N 218 
LYS HB2  H  N N 219 
LYS HB3  H  N N 220 
LYS HG2  H  N N 221 
LYS HG3  H  N N 222 
LYS HD2  H  N N 223 
LYS HD3  H  N N 224 
LYS HE2  H  N N 225 
LYS HE3  H  N N 226 
LYS HZ1  H  N N 227 
LYS HZ2  H  N N 228 
LYS HZ3  H  N N 229 
LYS HXT  H  N N 230 
MET N    N  N N 231 
MET CA   C  N S 232 
MET C    C  N N 233 
MET O    O  N N 234 
MET CB   C  N N 235 
MET CG   C  N N 236 
MET SD   S  N N 237 
MET CE   C  N N 238 
MET OXT  O  N N 239 
MET H    H  N N 240 
MET H2   H  N N 241 
MET HA   H  N N 242 
MET HB2  H  N N 243 
MET HB3  H  N N 244 
MET HG2  H  N N 245 
MET HG3  H  N N 246 
MET HE1  H  N N 247 
MET HE2  H  N N 248 
MET HE3  H  N N 249 
MET HXT  H  N N 250 
PHE N    N  N N 251 
PHE CA   C  N S 252 
PHE C    C  N N 253 
PHE O    O  N N 254 
PHE CB   C  N N 255 
PHE CG   C  Y N 256 
PHE CD1  C  Y N 257 
PHE CD2  C  Y N 258 
PHE CE1  C  Y N 259 
PHE CE2  C  Y N 260 
PHE CZ   C  Y N 261 
PHE OXT  O  N N 262 
PHE H    H  N N 263 
PHE H2   H  N N 264 
PHE HA   H  N N 265 
PHE HB2  H  N N 266 
PHE HB3  H  N N 267 
PHE HD1  H  N N 268 
PHE HD2  H  N N 269 
PHE HE1  H  N N 270 
PHE HE2  H  N N 271 
PHE HZ   H  N N 272 
PHE HXT  H  N N 273 
PRO N    N  N N 274 
PRO CA   C  N S 275 
PRO C    C  N N 276 
PRO O    O  N N 277 
PRO CB   C  N N 278 
PRO CG   C  N N 279 
PRO CD   C  N N 280 
PRO OXT  O  N N 281 
PRO H    H  N N 282 
PRO HA   H  N N 283 
PRO HB2  H  N N 284 
PRO HB3  H  N N 285 
PRO HG2  H  N N 286 
PRO HG3  H  N N 287 
PRO HD2  H  N N 288 
PRO HD3  H  N N 289 
PRO HXT  H  N N 290 
RTL C1   C  N N 291 
RTL C2   C  N N 292 
RTL C3   C  N N 293 
RTL C4   C  N N 294 
RTL C5   C  N N 295 
RTL C6   C  N N 296 
RTL C7   C  N N 297 
RTL C8   C  N N 298 
RTL C9   C  N N 299 
RTL C10  C  N N 300 
RTL C11  C  N N 301 
RTL C12  C  N N 302 
RTL C13  C  N N 303 
RTL C14  C  N N 304 
RTL C15  C  N N 305 
RTL O1   O  N N 306 
RTL C16  C  N N 307 
RTL C17  C  N N 308 
RTL C18  C  N N 309 
RTL C19  C  N N 310 
RTL C20  C  N N 311 
RTL H21  H  N N 312 
RTL H22  H  N N 313 
RTL H31  H  N N 314 
RTL H32  H  N N 315 
RTL H41  H  N N 316 
RTL H42  H  N N 317 
RTL H7   H  N N 318 
RTL H8   H  N N 319 
RTL H10  H  N N 320 
RTL H11  H  N N 321 
RTL H12  H  N N 322 
RTL H14  H  N N 323 
RTL H151 H  N N 324 
RTL H152 H  N N 325 
RTL HO1  H  N N 326 
RTL H161 H  N N 327 
RTL H162 H  N N 328 
RTL H163 H  N N 329 
RTL H171 H  N N 330 
RTL H172 H  N N 331 
RTL H173 H  N N 332 
RTL H181 H  N N 333 
RTL H182 H  N N 334 
RTL H183 H  N N 335 
RTL H191 H  N N 336 
RTL H192 H  N N 337 
RTL H193 H  N N 338 
RTL H201 H  N N 339 
RTL H202 H  N N 340 
RTL H203 H  N N 341 
SER N    N  N N 342 
SER CA   C  N S 343 
SER C    C  N N 344 
SER O    O  N N 345 
SER CB   C  N N 346 
SER OG   O  N N 347 
SER OXT  O  N N 348 
SER H    H  N N 349 
SER H2   H  N N 350 
SER HA   H  N N 351 
SER HB2  H  N N 352 
SER HB3  H  N N 353 
SER HG   H  N N 354 
SER HXT  H  N N 355 
THR N    N  N N 356 
THR CA   C  N S 357 
THR C    C  N N 358 
THR O    O  N N 359 
THR CB   C  N R 360 
THR OG1  O  N N 361 
THR CG2  C  N N 362 
THR OXT  O  N N 363 
THR H    H  N N 364 
THR H2   H  N N 365 
THR HA   H  N N 366 
THR HB   H  N N 367 
THR HG1  H  N N 368 
THR HG21 H  N N 369 
THR HG22 H  N N 370 
THR HG23 H  N N 371 
THR HXT  H  N N 372 
TRP N    N  N N 373 
TRP CA   C  N S 374 
TRP C    C  N N 375 
TRP O    O  N N 376 
TRP CB   C  N N 377 
TRP CG   C  Y N 378 
TRP CD1  C  Y N 379 
TRP CD2  C  Y N 380 
TRP NE1  N  Y N 381 
TRP CE2  C  Y N 382 
TRP CE3  C  Y N 383 
TRP CZ2  C  Y N 384 
TRP CZ3  C  Y N 385 
TRP CH2  C  Y N 386 
TRP OXT  O  N N 387 
TRP H    H  N N 388 
TRP H2   H  N N 389 
TRP HA   H  N N 390 
TRP HB2  H  N N 391 
TRP HB3  H  N N 392 
TRP HD1  H  N N 393 
TRP HE1  H  N N 394 
TRP HE3  H  N N 395 
TRP HZ2  H  N N 396 
TRP HZ3  H  N N 397 
TRP HH2  H  N N 398 
TRP HXT  H  N N 399 
TYR N    N  N N 400 
TYR CA   C  N S 401 
TYR C    C  N N 402 
TYR O    O  N N 403 
TYR CB   C  N N 404 
TYR CG   C  Y N 405 
TYR CD1  C  Y N 406 
TYR CD2  C  Y N 407 
TYR CE1  C  Y N 408 
TYR CE2  C  Y N 409 
TYR CZ   C  Y N 410 
TYR OH   O  N N 411 
TYR OXT  O  N N 412 
TYR H    H  N N 413 
TYR H2   H  N N 414 
TYR HA   H  N N 415 
TYR HB2  H  N N 416 
TYR HB3  H  N N 417 
TYR HD1  H  N N 418 
TYR HD2  H  N N 419 
TYR HE1  H  N N 420 
TYR HE2  H  N N 421 
TYR HH   H  N N 422 
TYR HXT  H  N N 423 
VAL N    N  N N 424 
VAL CA   C  N S 425 
VAL C    C  N N 426 
VAL O    O  N N 427 
VAL CB   C  N N 428 
VAL CG1  C  N N 429 
VAL CG2  C  N N 430 
VAL OXT  O  N N 431 
VAL H    H  N N 432 
VAL H2   H  N N 433 
VAL HA   H  N N 434 
VAL HB   H  N N 435 
VAL HG11 H  N N 436 
VAL HG12 H  N N 437 
VAL HG13 H  N N 438 
VAL HG21 H  N N 439 
VAL HG22 H  N N 440 
VAL HG23 H  N N 441 
VAL HXT  H  N N 442 
# 
loop_
_chem_comp_bond.comp_id 
_chem_comp_bond.atom_id_1 
_chem_comp_bond.atom_id_2 
_chem_comp_bond.value_order 
_chem_comp_bond.pdbx_aromatic_flag 
_chem_comp_bond.pdbx_stereo_config 
_chem_comp_bond.pdbx_ordinal 
ALA N   CA   sing N N 1   
ALA N   H    sing N N 2   
ALA N   H2   sing N N 3   
ALA CA  C    sing N N 4   
ALA CA  CB   sing N N 5   
ALA CA  HA   sing N N 6   
ALA C   O    doub N N 7   
ALA C   OXT  sing N N 8   
ALA CB  HB1  sing N N 9   
ALA CB  HB2  sing N N 10  
ALA CB  HB3  sing N N 11  
ALA OXT HXT  sing N N 12  
ARG N   CA   sing N N 13  
ARG N   H    sing N N 14  
ARG N   H2   sing N N 15  
ARG CA  C    sing N N 16  
ARG CA  CB   sing N N 17  
ARG CA  HA   sing N N 18  
ARG C   O    doub N N 19  
ARG C   OXT  sing N N 20  
ARG CB  CG   sing N N 21  
ARG CB  HB2  sing N N 22  
ARG CB  HB3  sing N N 23  
ARG CG  CD   sing N N 24  
ARG CG  HG2  sing N N 25  
ARG CG  HG3  sing N N 26  
ARG CD  NE   sing N N 27  
ARG CD  HD2  sing N N 28  
ARG CD  HD3  sing N N 29  
ARG NE  CZ   sing N N 30  
ARG NE  HE   sing N N 31  
ARG CZ  NH1  sing N N 32  
ARG CZ  NH2  doub N N 33  
ARG NH1 HH11 sing N N 34  
ARG NH1 HH12 sing N N 35  
ARG NH2 HH21 sing N N 36  
ARG NH2 HH22 sing N N 37  
ARG OXT HXT  sing N N 38  
ASN N   CA   sing N N 39  
ASN N   H    sing N N 40  
ASN N   H2   sing N N 41  
ASN CA  C    sing N N 42  
ASN CA  CB   sing N N 43  
ASN CA  HA   sing N N 44  
ASN C   O    doub N N 45  
ASN C   OXT  sing N N 46  
ASN CB  CG   sing N N 47  
ASN CB  HB2  sing N N 48  
ASN CB  HB3  sing N N 49  
ASN CG  OD1  doub N N 50  
ASN CG  ND2  sing N N 51  
ASN ND2 HD21 sing N N 52  
ASN ND2 HD22 sing N N 53  
ASN OXT HXT  sing N N 54  
ASP N   CA   sing N N 55  
ASP N   H    sing N N 56  
ASP N   H2   sing N N 57  
ASP CA  C    sing N N 58  
ASP CA  CB   sing N N 59  
ASP CA  HA   sing N N 60  
ASP C   O    doub N N 61  
ASP C   OXT  sing N N 62  
ASP CB  CG   sing N N 63  
ASP CB  HB2  sing N N 64  
ASP CB  HB3  sing N N 65  
ASP CG  OD1  doub N N 66  
ASP CG  OD2  sing N N 67  
ASP OD2 HD2  sing N N 68  
ASP OXT HXT  sing N N 69  
CYS N   CA   sing N N 70  
CYS N   H    sing N N 71  
CYS N   H2   sing N N 72  
CYS CA  C    sing N N 73  
CYS CA  CB   sing N N 74  
CYS CA  HA   sing N N 75  
CYS C   O    doub N N 76  
CYS C   OXT  sing N N 77  
CYS CB  SG   sing N N 78  
CYS CB  HB2  sing N N 79  
CYS CB  HB3  sing N N 80  
CYS SG  HG   sing N N 81  
CYS OXT HXT  sing N N 82  
GLN N   CA   sing N N 83  
GLN N   H    sing N N 84  
GLN N   H2   sing N N 85  
GLN CA  C    sing N N 86  
GLN CA  CB   sing N N 87  
GLN CA  HA   sing N N 88  
GLN C   O    doub N N 89  
GLN C   OXT  sing N N 90  
GLN CB  CG   sing N N 91  
GLN CB  HB2  sing N N 92  
GLN CB  HB3  sing N N 93  
GLN CG  CD   sing N N 94  
GLN CG  HG2  sing N N 95  
GLN CG  HG3  sing N N 96  
GLN CD  OE1  doub N N 97  
GLN CD  NE2  sing N N 98  
GLN NE2 HE21 sing N N 99  
GLN NE2 HE22 sing N N 100 
GLN OXT HXT  sing N N 101 
GLU N   CA   sing N N 102 
GLU N   H    sing N N 103 
GLU N   H2   sing N N 104 
GLU CA  C    sing N N 105 
GLU CA  CB   sing N N 106 
GLU CA  HA   sing N N 107 
GLU C   O    doub N N 108 
GLU C   OXT  sing N N 109 
GLU CB  CG   sing N N 110 
GLU CB  HB2  sing N N 111 
GLU CB  HB3  sing N N 112 
GLU CG  CD   sing N N 113 
GLU CG  HG2  sing N N 114 
GLU CG  HG3  sing N N 115 
GLU CD  OE1  doub N N 116 
GLU CD  OE2  sing N N 117 
GLU OE2 HE2  sing N N 118 
GLU OXT HXT  sing N N 119 
GLY N   CA   sing N N 120 
GLY N   H    sing N N 121 
GLY N   H2   sing N N 122 
GLY CA  C    sing N N 123 
GLY CA  HA2  sing N N 124 
GLY CA  HA3  sing N N 125 
GLY C   O    doub N N 126 
GLY C   OXT  sing N N 127 
GLY OXT HXT  sing N N 128 
HIS N   CA   sing N N 129 
HIS N   H    sing N N 130 
HIS N   H2   sing N N 131 
HIS CA  C    sing N N 132 
HIS CA  CB   sing N N 133 
HIS CA  HA   sing N N 134 
HIS C   O    doub N N 135 
HIS C   OXT  sing N N 136 
HIS CB  CG   sing N N 137 
HIS CB  HB2  sing N N 138 
HIS CB  HB3  sing N N 139 
HIS CG  ND1  sing Y N 140 
HIS CG  CD2  doub Y N 141 
HIS ND1 CE1  doub Y N 142 
HIS ND1 HD1  sing N N 143 
HIS CD2 NE2  sing Y N 144 
HIS CD2 HD2  sing N N 145 
HIS CE1 NE2  sing Y N 146 
HIS CE1 HE1  sing N N 147 
HIS NE2 HE2  sing N N 148 
HIS OXT HXT  sing N N 149 
HOH O   H1   sing N N 150 
HOH O   H2   sing N N 151 
ILE N   CA   sing N N 152 
ILE N   H    sing N N 153 
ILE N   H2   sing N N 154 
ILE CA  C    sing N N 155 
ILE CA  CB   sing N N 156 
ILE CA  HA   sing N N 157 
ILE C   O    doub N N 158 
ILE C   OXT  sing N N 159 
ILE CB  CG1  sing N N 160 
ILE CB  CG2  sing N N 161 
ILE CB  HB   sing N N 162 
ILE CG1 CD1  sing N N 163 
ILE CG1 HG12 sing N N 164 
ILE CG1 HG13 sing N N 165 
ILE CG2 HG21 sing N N 166 
ILE CG2 HG22 sing N N 167 
ILE CG2 HG23 sing N N 168 
ILE CD1 HD11 sing N N 169 
ILE CD1 HD12 sing N N 170 
ILE CD1 HD13 sing N N 171 
ILE OXT HXT  sing N N 172 
LEU N   CA   sing N N 173 
LEU N   H    sing N N 174 
LEU N   H2   sing N N 175 
LEU CA  C    sing N N 176 
LEU CA  CB   sing N N 177 
LEU CA  HA   sing N N 178 
LEU C   O    doub N N 179 
LEU C   OXT  sing N N 180 
LEU CB  CG   sing N N 181 
LEU CB  HB2  sing N N 182 
LEU CB  HB3  sing N N 183 
LEU CG  CD1  sing N N 184 
LEU CG  CD2  sing N N 185 
LEU CG  HG   sing N N 186 
LEU CD1 HD11 sing N N 187 
LEU CD1 HD12 sing N N 188 
LEU CD1 HD13 sing N N 189 
LEU CD2 HD21 sing N N 190 
LEU CD2 HD22 sing N N 191 
LEU CD2 HD23 sing N N 192 
LEU OXT HXT  sing N N 193 
LYS N   CA   sing N N 194 
LYS N   H    sing N N 195 
LYS N   H2   sing N N 196 
LYS CA  C    sing N N 197 
LYS CA  CB   sing N N 198 
LYS CA  HA   sing N N 199 
LYS C   O    doub N N 200 
LYS C   OXT  sing N N 201 
LYS CB  CG   sing N N 202 
LYS CB  HB2  sing N N 203 
LYS CB  HB3  sing N N 204 
LYS CG  CD   sing N N 205 
LYS CG  HG2  sing N N 206 
LYS CG  HG3  sing N N 207 
LYS CD  CE   sing N N 208 
LYS CD  HD2  sing N N 209 
LYS CD  HD3  sing N N 210 
LYS CE  NZ   sing N N 211 
LYS CE  HE2  sing N N 212 
LYS CE  HE3  sing N N 213 
LYS NZ  HZ1  sing N N 214 
LYS NZ  HZ2  sing N N 215 
LYS NZ  HZ3  sing N N 216 
LYS OXT HXT  sing N N 217 
MET N   CA   sing N N 218 
MET N   H    sing N N 219 
MET N   H2   sing N N 220 
MET CA  C    sing N N 221 
MET CA  CB   sing N N 222 
MET CA  HA   sing N N 223 
MET C   O    doub N N 224 
MET C   OXT  sing N N 225 
MET CB  CG   sing N N 226 
MET CB  HB2  sing N N 227 
MET CB  HB3  sing N N 228 
MET CG  SD   sing N N 229 
MET CG  HG2  sing N N 230 
MET CG  HG3  sing N N 231 
MET SD  CE   sing N N 232 
MET CE  HE1  sing N N 233 
MET CE  HE2  sing N N 234 
MET CE  HE3  sing N N 235 
MET OXT HXT  sing N N 236 
PHE N   CA   sing N N 237 
PHE N   H    sing N N 238 
PHE N   H2   sing N N 239 
PHE CA  C    sing N N 240 
PHE CA  CB   sing N N 241 
PHE CA  HA   sing N N 242 
PHE C   O    doub N N 243 
PHE C   OXT  sing N N 244 
PHE CB  CG   sing N N 245 
PHE CB  HB2  sing N N 246 
PHE CB  HB3  sing N N 247 
PHE CG  CD1  doub Y N 248 
PHE CG  CD2  sing Y N 249 
PHE CD1 CE1  sing Y N 250 
PHE CD1 HD1  sing N N 251 
PHE CD2 CE2  doub Y N 252 
PHE CD2 HD2  sing N N 253 
PHE CE1 CZ   doub Y N 254 
PHE CE1 HE1  sing N N 255 
PHE CE2 CZ   sing Y N 256 
PHE CE2 HE2  sing N N 257 
PHE CZ  HZ   sing N N 258 
PHE OXT HXT  sing N N 259 
PRO N   CA   sing N N 260 
PRO N   CD   sing N N 261 
PRO N   H    sing N N 262 
PRO CA  C    sing N N 263 
PRO CA  CB   sing N N 264 
PRO CA  HA   sing N N 265 
PRO C   O    doub N N 266 
PRO C   OXT  sing N N 267 
PRO CB  CG   sing N N 268 
PRO CB  HB2  sing N N 269 
PRO CB  HB3  sing N N 270 
PRO CG  CD   sing N N 271 
PRO CG  HG2  sing N N 272 
PRO CG  HG3  sing N N 273 
PRO CD  HD2  sing N N 274 
PRO CD  HD3  sing N N 275 
PRO OXT HXT  sing N N 276 
RTL C1  C2   sing N N 277 
RTL C1  C6   sing N N 278 
RTL C1  C16  sing N N 279 
RTL C1  C17  sing N N 280 
RTL C2  C3   sing N N 281 
RTL C2  H21  sing N N 282 
RTL C2  H22  sing N N 283 
RTL C3  C4   sing N N 284 
RTL C3  H31  sing N N 285 
RTL C3  H32  sing N N 286 
RTL C4  C5   sing N N 287 
RTL C4  H41  sing N N 288 
RTL C4  H42  sing N N 289 
RTL C5  C6   doub N N 290 
RTL C5  C18  sing N N 291 
RTL C6  C7   sing N N 292 
RTL C7  C8   doub N E 293 
RTL C7  H7   sing N N 294 
RTL C8  C9   sing N N 295 
RTL C8  H8   sing N N 296 
RTL C9  C10  doub N E 297 
RTL C9  C19  sing N N 298 
RTL C10 C11  sing N N 299 
RTL C10 H10  sing N N 300 
RTL C11 C12  doub N E 301 
RTL C11 H11  sing N N 302 
RTL C12 C13  sing N N 303 
RTL C12 H12  sing N N 304 
RTL C13 C14  doub N E 305 
RTL C13 C20  sing N N 306 
RTL C14 C15  sing N N 307 
RTL C14 H14  sing N N 308 
RTL C15 O1   sing N N 309 
RTL C15 H151 sing N N 310 
RTL C15 H152 sing N N 311 
RTL O1  HO1  sing N N 312 
RTL C16 H161 sing N N 313 
RTL C16 H162 sing N N 314 
RTL C16 H163 sing N N 315 
RTL C17 H171 sing N N 316 
RTL C17 H172 sing N N 317 
RTL C17 H173 sing N N 318 
RTL C18 H181 sing N N 319 
RTL C18 H182 sing N N 320 
RTL C18 H183 sing N N 321 
RTL C19 H191 sing N N 322 
RTL C19 H192 sing N N 323 
RTL C19 H193 sing N N 324 
RTL C20 H201 sing N N 325 
RTL C20 H202 sing N N 326 
RTL C20 H203 sing N N 327 
SER N   CA   sing N N 328 
SER N   H    sing N N 329 
SER N   H2   sing N N 330 
SER CA  C    sing N N 331 
SER CA  CB   sing N N 332 
SER CA  HA   sing N N 333 
SER C   O    doub N N 334 
SER C   OXT  sing N N 335 
SER CB  OG   sing N N 336 
SER CB  HB2  sing N N 337 
SER CB  HB3  sing N N 338 
SER OG  HG   sing N N 339 
SER OXT HXT  sing N N 340 
THR N   CA   sing N N 341 
THR N   H    sing N N 342 
THR N   H2   sing N N 343 
THR CA  C    sing N N 344 
THR CA  CB   sing N N 345 
THR CA  HA   sing N N 346 
THR C   O    doub N N 347 
THR C   OXT  sing N N 348 
THR CB  OG1  sing N N 349 
THR CB  CG2  sing N N 350 
THR CB  HB   sing N N 351 
THR OG1 HG1  sing N N 352 
THR CG2 HG21 sing N N 353 
THR CG2 HG22 sing N N 354 
THR CG2 HG23 sing N N 355 
THR OXT HXT  sing N N 356 
TRP N   CA   sing N N 357 
TRP N   H    sing N N 358 
TRP N   H2   sing N N 359 
TRP CA  C    sing N N 360 
TRP CA  CB   sing N N 361 
TRP CA  HA   sing N N 362 
TRP C   O    doub N N 363 
TRP C   OXT  sing N N 364 
TRP CB  CG   sing N N 365 
TRP CB  HB2  sing N N 366 
TRP CB  HB3  sing N N 367 
TRP CG  CD1  doub Y N 368 
TRP CG  CD2  sing Y N 369 
TRP CD1 NE1  sing Y N 370 
TRP CD1 HD1  sing N N 371 
TRP CD2 CE2  doub Y N 372 
TRP CD2 CE3  sing Y N 373 
TRP NE1 CE2  sing Y N 374 
TRP NE1 HE1  sing N N 375 
TRP CE2 CZ2  sing Y N 376 
TRP CE3 CZ3  doub Y N 377 
TRP CE3 HE3  sing N N 378 
TRP CZ2 CH2  doub Y N 379 
TRP CZ2 HZ2  sing N N 380 
TRP CZ3 CH2  sing Y N 381 
TRP CZ3 HZ3  sing N N 382 
TRP CH2 HH2  sing N N 383 
TRP OXT HXT  sing N N 384 
TYR N   CA   sing N N 385 
TYR N   H    sing N N 386 
TYR N   H2   sing N N 387 
TYR CA  C    sing N N 388 
TYR CA  CB   sing N N 389 
TYR CA  HA   sing N N 390 
TYR C   O    doub N N 391 
TYR C   OXT  sing N N 392 
TYR CB  CG   sing N N 393 
TYR CB  HB2  sing N N 394 
TYR CB  HB3  sing N N 395 
TYR CG  CD1  doub Y N 396 
TYR CG  CD2  sing Y N 397 
TYR CD1 CE1  sing Y N 398 
TYR CD1 HD1  sing N N 399 
TYR CD2 CE2  doub Y N 400 
TYR CD2 HD2  sing N N 401 
TYR CE1 CZ   doub Y N 402 
TYR CE1 HE1  sing N N 403 
TYR CE2 CZ   sing Y N 404 
TYR CE2 HE2  sing N N 405 
TYR CZ  OH   sing N N 406 
TYR OH  HH   sing N N 407 
TYR OXT HXT  sing N N 408 
VAL N   CA   sing N N 409 
VAL N   H    sing N N 410 
VAL N   H2   sing N N 411 
VAL CA  C    sing N N 412 
VAL CA  CB   sing N N 413 
VAL CA  HA   sing N N 414 
VAL C   O    doub N N 415 
VAL C   OXT  sing N N 416 
VAL CB  CG1  sing N N 417 
VAL CB  CG2  sing N N 418 
VAL CB  HB   sing N N 419 
VAL CG1 HG11 sing N N 420 
VAL CG1 HG12 sing N N 421 
VAL CG1 HG13 sing N N 422 
VAL CG2 HG21 sing N N 423 
VAL CG2 HG22 sing N N 424 
VAL CG2 HG23 sing N N 425 
VAL OXT HXT  sing N N 426 
# 
_atom_sites.entry_id                    1IIU 
_atom_sites.fract_transf_matrix[1][1]   0.00644328 
_atom_sites.fract_transf_matrix[1][2]   -0.01328287 
_atom_sites.fract_transf_matrix[1][3]   -0.01591635 
_atom_sites.fract_transf_matrix[2][1]   -0.01773049 
_atom_sites.fract_transf_matrix[2][2]   -0.00202108 
_atom_sites.fract_transf_matrix[2][3]   -0.00549100 
_atom_sites.fract_transf_matrix[3][1]   0.00137000 
_atom_sites.fract_transf_matrix[3][2]   0.01067238 
_atom_sites.fract_transf_matrix[3][3]   -0.00835195 
_atom_sites.fract_transf_vector[1]      0.085699 
_atom_sites.fract_transf_vector[2]      0.066975 
_atom_sites.fract_transf_vector[3]      -0.147573 
# 
loop_
_atom_type.symbol 
C  
CD 
N  
O  
S  
# 
loop_
_atom_site.group_PDB 
_atom_site.id 
_atom_site.type_symbol 
_atom_site.label_atom_id 
_atom_site.label_alt_id 
_atom_site.label_comp_id 
_atom_site.label_asym_id 
_atom_site.label_entity_id 
_atom_site.label_seq_id 
_atom_site.pdbx_PDB_ins_code 
_atom_site.Cartn_x 
_atom_site.Cartn_y 
_atom_site.Cartn_z 
_atom_site.occupancy 
_atom_site.B_iso_or_equiv 
_atom_site.pdbx_formal_charge 
_atom_site.auth_seq_id 
_atom_site.auth_comp_id 
_atom_site.auth_asym_id 
_atom_site.auth_atom_id 
_atom_site.pdbx_PDB_model_num 
ATOM   1    N  N   . MET A 1 1   ? 16.082  -16.840 -8.186  1.00 33.86 ? 2   MET A N   1 
ATOM   2    C  CA  . MET A 1 1   ? 15.809  -15.596 -7.422  1.00 33.09 ? 2   MET A CA  1 
ATOM   3    C  C   . MET A 1 1   ? 15.943  -14.311 -8.215  1.00 32.34 ? 2   MET A C   1 
ATOM   4    O  O   . MET A 1 1   ? 16.841  -13.491 -7.988  1.00 33.01 ? 2   MET A O   1 
ATOM   5    N  N   . ASP A 1 2   ? 15.025  -14.131 -9.153  1.00 30.90 ? 3   ASP A N   1 
ATOM   6    C  CA  . ASP A 1 2   ? 15.022  -12.946 -9.987  1.00 28.60 ? 3   ASP A CA  1 
ATOM   7    C  C   . ASP A 1 2   ? 14.206  -11.821 -9.328  1.00 27.73 ? 3   ASP A C   1 
ATOM   8    O  O   . ASP A 1 2   ? 12.993  -11.954 -9.175  1.00 28.04 ? 3   ASP A O   1 
ATOM   9    C  CB  . ASP A 1 2   ? 14.449  -13.316 -11.351 1.00 28.93 ? 3   ASP A CB  1 
ATOM   10   C  CG  . ASP A 1 2   ? 14.130  -12.113 -12.184 1.00 28.44 ? 3   ASP A CG  1 
ATOM   11   O  OD1 . ASP A 1 2   ? 14.865  -11.112 -12.068 1.00 27.01 ? 3   ASP A OD1 1 
ATOM   12   O  OD2 . ASP A 1 2   ? 13.153  -12.173 -12.956 1.00 28.46 ? 3   ASP A OD2 1 
ATOM   13   N  N   . CYS A 1 3   ? 14.867  -10.726 -8.939  1.00 25.18 ? 4   CYS A N   1 
ATOM   14   C  CA  . CYS A 1 3   ? 14.183  -9.604  -8.287  1.00 22.65 ? 4   CYS A CA  1 
ATOM   15   C  C   . CYS A 1 3   ? 13.978  -8.405  -9.175  1.00 21.89 ? 4   CYS A C   1 
ATOM   16   O  O   . CYS A 1 3   ? 14.000  -7.271  -8.699  1.00 21.46 ? 4   CYS A O   1 
ATOM   17   C  CB  . CYS A 1 3   ? 14.940  -9.105  -7.060  1.00 22.11 ? 4   CYS A CB  1 
ATOM   18   S  SG  . CYS A 1 3   ? 15.209  -10.315 -5.746  1.00 18.97 ? 4   CYS A SG  1 
ATOM   19   N  N   . ARG A 1 4   ? 13.811  -8.632  -10.466 1.00 21.95 ? 5   ARG A N   1 
ATOM   20   C  CA  . ARG A 1 4   ? 13.573  -7.514  -11.346 1.00 22.29 ? 5   ARG A CA  1 
ATOM   21   C  C   . ARG A 1 4   ? 12.107  -7.139  -11.178 1.00 20.51 ? 5   ARG A C   1 
ATOM   22   O  O   . ARG A 1 4   ? 11.237  -8.008  -11.115 1.00 19.38 ? 5   ARG A O   1 
ATOM   23   C  CB  . ARG A 1 4   ? 13.900  -7.897  -12.785 1.00 24.39 ? 5   ARG A CB  1 
ATOM   24   C  CG  . ARG A 1 4   ? 15.395  -7.889  -13.072 1.00 26.80 ? 5   ARG A CG  1 
ATOM   25   C  CD  . ARG A 1 4   ? 15.682  -8.464  -14.436 1.00 27.59 ? 5   ARG A CD  1 
ATOM   26   N  NE  . ARG A 1 4   ? 15.174  -9.826  -14.526 1.00 31.14 ? 5   ARG A NE  1 
ATOM   27   C  CZ  . ARG A 1 4   ? 15.276  -10.597 -15.602 1.00 33.35 ? 5   ARG A CZ  1 
ATOM   28   N  NH1 . ARG A 1 4   ? 15.875  -10.141 -16.693 1.00 36.69 ? 5   ARG A NH1 1 
ATOM   29   N  NH2 . ARG A 1 4   ? 14.775  -11.824 -15.593 1.00 33.89 ? 5   ARG A NH2 1 
ATOM   30   N  N   . VAL A 1 5   ? 11.854  -5.839  -11.080 1.00 20.04 ? 6   VAL A N   1 
ATOM   31   C  CA  . VAL A 1 5   ? 10.511  -5.302  -10.891 1.00 20.57 ? 6   VAL A CA  1 
ATOM   32   C  C   . VAL A 1 5   ? 9.513   -5.736  -11.964 1.00 21.30 ? 6   VAL A C   1 
ATOM   33   O  O   . VAL A 1 5   ? 8.361   -6.032  -11.658 1.00 20.23 ? 6   VAL A O   1 
ATOM   34   C  CB  . VAL A 1 5   ? 10.576  -3.753  -10.798 1.00 20.06 ? 6   VAL A CB  1 
ATOM   35   C  CG1 . VAL A 1 5   ? 9.191   -3.147  -10.909 1.00 21.55 ? 6   VAL A CG1 1 
ATOM   36   C  CG2 . VAL A 1 5   ? 11.221  -3.350  -9.477  1.00 18.30 ? 6   VAL A CG2 1 
ATOM   37   N  N   . SER A 1 6   ? 9.955   -5.791  -13.213 1.00 23.07 ? 7   SER A N   1 
ATOM   38   C  CA  . SER A 1 6   ? 9.080   -6.197  -14.306 1.00 25.09 ? 7   SER A CA  1 
ATOM   39   C  C   . SER A 1 6   ? 8.789   -7.697  -14.271 1.00 25.84 ? 7   SER A C   1 
ATOM   40   O  O   . SER A 1 6   ? 7.928   -8.191  -15.000 1.00 27.87 ? 7   SER A O   1 
ATOM   41   C  CB  . SER A 1 6   ? 9.720   -5.834  -15.638 1.00 26.72 ? 7   SER A CB  1 
ATOM   42   O  OG  . SER A 1 6   ? 11.017  -6.394  -15.707 1.00 31.27 ? 7   SER A OG  1 
ATOM   43   N  N   . SER A 1 7   ? 9.520   -8.413  -13.424 1.00 26.22 ? 8   SER A N   1 
ATOM   44   C  CA  . SER A 1 7   ? 9.353   -9.853  -13.264 1.00 25.92 ? 8   SER A CA  1 
ATOM   45   C  C   . SER A 1 7   ? 8.233   -10.204 -12.292 1.00 25.00 ? 8   SER A C   1 
ATOM   46   O  O   . SER A 1 7   ? 7.636   -11.275 -12.386 1.00 24.49 ? 8   SER A O   1 
ATOM   47   C  CB  . SER A 1 7   ? 10.636  -10.491 -12.726 1.00 24.76 ? 8   SER A CB  1 
ATOM   48   O  OG  . SER A 1 7   ? 11.675  -10.454 -13.679 1.00 28.19 ? 8   SER A OG  1 
ATOM   49   N  N   . PHE A 1 8   ? 7.951   -9.315  -11.349 1.00 23.29 ? 9   PHE A N   1 
ATOM   50   C  CA  . PHE A 1 8   ? 6.929   -9.602  -10.341 1.00 22.78 ? 9   PHE A CA  1 
ATOM   51   C  C   . PHE A 1 8   ? 5.524   -9.883  -10.880 1.00 21.28 ? 9   PHE A C   1 
ATOM   52   O  O   . PHE A 1 8   ? 5.091   -9.228  -11.810 1.00 21.40 ? 9   PHE A O   1 
ATOM   53   C  CB  . PHE A 1 8   ? 6.864   -8.435  -9.347  1.00 22.25 ? 9   PHE A CB  1 
ATOM   54   C  CG  . PHE A 1 8   ? 8.131   -8.244  -8.555  1.00 23.72 ? 9   PHE A CG  1 
ATOM   55   C  CD1 . PHE A 1 8   ? 8.912   -9.349  -8.223  1.00 23.85 ? 9   PHE A CD1 1 
ATOM   56   C  CD2 . PHE A 1 8   ? 8.552   -6.976  -8.152  1.00 22.79 ? 9   PHE A CD2 1 
ATOM   57   C  CE1 . PHE A 1 8   ? 10.088  -9.205  -7.514  1.00 24.00 ? 9   PHE A CE1 1 
ATOM   58   C  CE2 . PHE A 1 8   ? 9.730   -6.820  -7.440  1.00 22.58 ? 9   PHE A CE2 1 
ATOM   59   C  CZ  . PHE A 1 8   ? 10.502  -7.937  -7.120  1.00 24.66 ? 9   PHE A CZ  1 
ATOM   60   N  N   . LYS A 1 9   ? 4.805   -10.865 -10.346 1.00 21.69 ? 10  LYS A N   1 
ATOM   61   C  CA  . LYS A 1 9   ? 3.486   -11.111 -10.937 1.00 23.46 ? 10  LYS A CA  1 
ATOM   62   C  C   . LYS A 1 9   ? 2.401   -10.425 -9.945  1.00 22.47 ? 10  LYS A C   1 
ATOM   63   O  O   . LYS A 1 9   ? 2.519   -10.391 -8.707  1.00 20.91 ? 10  LYS A O   1 
ATOM   64   C  CB  . LYS A 1 9   ? 3.214   -12.407 -11.771 1.00 26.07 ? 10  LYS A CB  1 
ATOM   65   C  CG  . LYS A 1 9   ? 2.678   -13.362 -10.856 1.00 29.57 ? 10  LYS A CG  1 
ATOM   66   C  CD  . LYS A 1 9   ? 3.284   -14.591 -10.450 1.00 33.63 ? 10  LYS A CD  1 
ATOM   67   C  CE  . LYS A 1 9   ? 4.675   -15.291 -11.005 1.00 36.91 ? 10  LYS A CE  1 
ATOM   68   N  NZ  . LYS A 1 9   ? 5.180   -15.176 -12.439 1.00 38.47 ? 10  LYS A NZ  1 
ATOM   69   N  N   . VAL A 1 10  ? 1.427   -9.835  -10.620 1.00 21.26 ? 11  VAL A N   1 
ATOM   70   C  CA  . VAL A 1 10  ? 0.338   -9.156  -9.993  1.00 20.82 ? 11  VAL A CA  1 
ATOM   71   C  C   . VAL A 1 10  ? -0.981  -9.874  -10.110 1.00 22.98 ? 11  VAL A C   1 
ATOM   72   O  O   . VAL A 1 10  ? -1.136  -10.806 -10.892 1.00 24.02 ? 11  VAL A O   1 
ATOM   73   C  CB  . VAL A 1 10  ? 0.239   -7.731  -10.585 1.00 19.84 ? 11  VAL A CB  1 
ATOM   74   C  CG1 . VAL A 1 10  ? 1.587   -7.006  -10.460 1.00 18.66 ? 11  VAL A CG1 1 
ATOM   75   C  CG2 . VAL A 1 10  ? -0.189  -7.798  -12.039 1.00 19.01 ? 11  VAL A CG2 1 
ATOM   76   N  N   . LYS A 1 11  ? -1.933  -9.404  -9.317  1.00 23.08 ? 12  LYS A N   1 
ATOM   77   C  CA  . LYS A 1 11  ? -3.266  -9.977  -9.271  1.00 23.33 ? 12  LYS A CA  1 
ATOM   78   C  C   . LYS A 1 11  ? -3.992  -10.109 -10.627 1.00 25.34 ? 12  LYS A C   1 
ATOM   79   O  O   . LYS A 1 11  ? -4.195  -9.107  -11.325 1.00 24.73 ? 12  LYS A O   1 
ATOM   80   C  CB  . LYS A 1 11  ? -4.116  -9.170  -8.288  1.00 22.98 ? 12  LYS A CB  1 
ATOM   81   C  CG  . LYS A 1 11  ? -5.510  -9.704  -8.101  1.00 21.01 ? 12  LYS A CG  1 
ATOM   82   C  CD  . LYS A 1 11  ? -5.466  -11.128 -7.616  1.00 20.59 ? 12  LYS A CD  1 
ATOM   83   C  CE  . LYS A 1 11  ? -6.844  -11.632 -7.329  1.00 19.08 ? 12  LYS A CE  1 
ATOM   84   N  NZ  . LYS A 1 11  ? -6.760  -13.029 -6.840  1.00 19.62 ? 12  LYS A NZ  1 
ATOM   85   N  N   . GLU A 1 12  ? -4.381  -11.357 -10.959 1.00 28.13 ? 13  GLU A N   1 
ATOM   86   C  CA  . GLU A 1 12  ? -5.098  -11.752 -12.200 1.00 29.62 ? 13  GLU A CA  1 
ATOM   87   C  C   . GLU A 1 12  ? -6.497  -11.045 -12.239 1.00 29.48 ? 13  GLU A C   1 
ATOM   88   O  O   . GLU A 1 12  ? -7.283  -11.179 -11.298 1.00 30.23 ? 13  GLU A O   1 
ATOM   89   C  CB  . GLU A 1 12  ? -5.277  -13.338 -12.281 1.00 32.10 ? 13  GLU A CB  1 
ATOM   90   C  CG  . GLU A 1 12  ? -4.059  -14.262 -12.785 1.00 36.88 ? 13  GLU A CG  1 
ATOM   91   C  CD  . GLU A 1 12  ? -4.219  -15.869 -12.606 1.00 40.29 ? 13  GLU A CD  1 
ATOM   92   O  OE1 . GLU A 1 12  ? -4.174  -16.408 -11.459 1.00 41.88 ? 13  GLU A OE1 1 
ATOM   93   O  OE2 . GLU A 1 12  ? -4.372  -16.621 -13.617 1.00 41.90 ? 13  GLU A OE2 1 
ATOM   94   N  N   . ASN A 1 13  ? -6.790  -10.261 -13.283 1.00 27.93 ? 14  ASN A N   1 
ATOM   95   C  CA  . ASN A 1 13  ? -8.108  -9.611  -13.421 1.00 26.90 ? 14  ASN A CA  1 
ATOM   96   C  C   . ASN A 1 13  ? -8.569  -8.877  -12.186 1.00 24.83 ? 14  ASN A C   1 
ATOM   97   O  O   . ASN A 1 13  ? -9.706  -9.052  -11.759 1.00 23.87 ? 14  ASN A O   1 
ATOM   98   C  CB  . ASN A 1 13  ? -9.202  -10.643 -13.724 1.00 29.21 ? 14  ASN A CB  1 
ATOM   99   C  CG  . ASN A 1 13  ? -8.893  -11.506 -14.925 1.00 31.49 ? 14  ASN A CG  1 
ATOM   100  O  OD1 . ASN A 1 13  ? -8.938  -11.047 -16.074 1.00 33.26 ? 14  ASN A OD1 1 
ATOM   101  N  ND2 . ASN A 1 13  ? -8.578  -12.772 -14.669 1.00 30.77 ? 14  ASN A ND2 1 
ATOM   102  N  N   . PHE A 1 14  ? -7.706  -8.063  -11.604 1.00 22.96 ? 15  PHE A N   1 
ATOM   103  C  CA  . PHE A 1 14  ? -8.082  -7.328  -10.409 1.00 20.84 ? 15  PHE A CA  1 
ATOM   104  C  C   . PHE A 1 14  ? -9.465  -6.660  -10.502 1.00 20.40 ? 15  PHE A C   1 
ATOM   105  O  O   . PHE A 1 14  ? -9.716  -5.821  -11.366 1.00 18.49 ? 15  PHE A O   1 
ATOM   106  C  CB  . PHE A 1 14  ? -7.020  -6.284  -10.105 1.00 19.73 ? 15  PHE A CB  1 
ATOM   107  C  CG  . PHE A 1 14  ? -7.348  -5.430  -8.929  1.00 16.90 ? 15  PHE A CG  1 
ATOM   108  C  CD1 . PHE A 1 14  ? -7.385  -5.979  -7.653  1.00 14.67 ? 15  PHE A CD1 1 
ATOM   109  C  CD2 . PHE A 1 14  ? -7.625  -4.074  -9.096  1.00 14.47 ? 15  PHE A CD2 1 
ATOM   110  C  CE1 . PHE A 1 14  ? -7.688  -5.193  -6.558  1.00 13.57 ? 15  PHE A CE1 1 
ATOM   111  C  CE2 . PHE A 1 14  ? -7.929  -3.280  -8.009  1.00 13.32 ? 15  PHE A CE2 1 
ATOM   112  C  CZ  . PHE A 1 14  ? -7.961  -3.838  -6.735  1.00 13.35 ? 15  PHE A CZ  1 
ATOM   113  N  N   . ASP A 1 15  ? -10.340 -7.018  -9.568  1.00 19.20 ? 16  ASP A N   1 
ATOM   114  C  CA  . ASP A 1 15  ? -11.706 -6.499  -9.511  1.00 19.08 ? 16  ASP A CA  1 
ATOM   115  C  C   . ASP A 1 15  ? -11.700 -5.242  -8.665  1.00 18.33 ? 16  ASP A C   1 
ATOM   116  O  O   . ASP A 1 15  ? -11.543 -5.315  -7.457  1.00 18.05 ? 16  ASP A O   1 
ATOM   117  C  CB  . ASP A 1 15  ? -12.609 -7.543  -8.860  1.00 20.59 ? 16  ASP A CB  1 
ATOM   118  C  CG  . ASP A 1 15  ? -14.080 -7.247  -9.051  1.00 21.16 ? 16  ASP A CG  1 
ATOM   119  O  OD1 . ASP A 1 15  ? -14.531 -6.107  -8.814  1.00 23.24 ? 16  ASP A OD1 1 
ATOM   120  O  OD2 . ASP A 1 15  ? -14.783 -8.194  -9.447  1.00 18.93 ? 16  ASP A OD2 1 
ATOM   121  N  N   . LYS A 1 16  ? -11.884 -4.094  -9.296  1.00 18.72 ? 17  LYS A N   1 
ATOM   122  C  CA  . LYS A 1 16  ? -11.881 -2.834  -8.570  1.00 18.70 ? 17  LYS A CA  1 
ATOM   123  C  C   . LYS A 1 16  ? -13.038 -2.686  -7.572  1.00 19.70 ? 17  LYS A C   1 
ATOM   124  O  O   . LYS A 1 16  ? -12.813 -2.084  -6.538  1.00 19.16 ? 17  LYS A O   1 
ATOM   125  C  CB  . LYS A 1 16  ? -11.960 -1.654  -9.511  1.00 18.23 ? 17  LYS A CB  1 
ATOM   126  C  CG  . LYS A 1 16  ? -10.639 -1.202  -10.043 1.00 17.93 ? 17  LYS A CG  1 
ATOM   127  C  CD  . LYS A 1 16  ? -10.784 0.093   -10.821 1.00 17.75 ? 17  LYS A CD  1 
ATOM   128  C  CE  . LYS A 1 16  ? -11.493 -0.122  -12.140 1.00 17.34 ? 17  LYS A CE  1 
ATOM   129  N  NZ  . LYS A 1 16  ? -11.448 1.113   -12.971 1.00 17.50 ? 17  LYS A NZ  1 
ATOM   130  N  N   . ASN A 1 17  ? -14.265 -3.147  -7.864  1.00 22.34 ? 18  ASN A N   1 
ATOM   131  C  CA  . ASN A 1 17  ? -15.333 -2.983  -6.852  1.00 22.63 ? 18  ASN A CA  1 
ATOM   132  C  C   . ASN A 1 17  ? -15.238 -4.013  -5.718  1.00 20.76 ? 18  ASN A C   1 
ATOM   133  O  O   . ASN A 1 17  ? -15.645 -3.690  -4.637  1.00 19.25 ? 18  ASN A O   1 
ATOM   134  C  CB  . ASN A 1 17  ? -16.838 -3.123  -7.375  1.00 24.74 ? 18  ASN A CB  1 
ATOM   135  C  CG  . ASN A 1 17  ? -17.360 -1.857  -8.242  1.00 28.35 ? 18  ASN A CG  1 
ATOM   136  O  OD1 . ASN A 1 17  ? -17.622 -0.714  -7.770  1.00 30.68 ? 18  ASN A OD1 1 
ATOM   137  N  ND2 . ASN A 1 17  ? -17.416 -2.092  -9.557  1.00 31.25 ? 18  ASN A ND2 1 
ATOM   138  N  N   . ARG A 1 18  ? -14.777 -5.252  -5.944  1.00 19.76 ? 19  ARG A N   1 
ATOM   139  C  CA  . ARG A 1 18  ? -14.747 -6.228  -4.821  1.00 18.23 ? 19  ARG A CA  1 
ATOM   140  C  C   . ARG A 1 18  ? -13.739 -5.769  -3.794  1.00 16.95 ? 19  ARG A C   1 
ATOM   141  O  O   . ARG A 1 18  ? -13.743 -6.160  -2.615  1.00 18.19 ? 19  ARG A O   1 
ATOM   142  C  CB  . ARG A 1 18  ? -14.328 -7.654  -5.237  1.00 18.38 ? 19  ARG A CB  1 
ATOM   143  C  CG  . ARG A 1 18  ? -15.254 -8.387  -6.141  1.00 19.12 ? 19  ARG A CG  1 
ATOM   144  C  CD  . ARG A 1 18  ? -14.719 -9.780  -6.404  1.00 18.32 ? 19  ARG A CD  1 
ATOM   145  N  NE  . ARG A 1 18  ? -14.618 -10.558 -5.176  1.00 16.23 ? 19  ARG A NE  1 
ATOM   146  C  CZ  . ARG A 1 18  ? -14.145 -11.796 -5.122  1.00 17.86 ? 19  ARG A CZ  1 
ATOM   147  N  NH1 . ARG A 1 18  ? -14.087 -12.440 -3.960  1.00 17.77 ? 19  ARG A NH1 1 
ATOM   148  N  NH2 . ARG A 1 18  ? -13.724 -12.391 -6.232  1.00 18.25 ? 19  ARG A NH2 1 
ATOM   149  N  N   . TYR A 1 19  ? -12.846 -4.936  -4.288  1.00 14.94 ? 20  TYR A N   1 
ATOM   150  C  CA  . TYR A 1 19  ? -11.752 -4.413  -3.499  1.00 13.16 ? 20  TYR A CA  1 
ATOM   151  C  C   . TYR A 1 19  ? -12.082 -3.178  -2.667  1.00 12.93 ? 20  TYR A C   1 
ATOM   152  O  O   . TYR A 1 19  ? -11.419 -2.898  -1.664  1.00 13.31 ? 20  TYR A O   1 
ATOM   153  C  CB  . TYR A 1 19  ? -10.600 -4.091  -4.440  1.00 13.05 ? 20  TYR A CB  1 
ATOM   154  C  CG  . TYR A 1 19  ? -9.317  -3.780  -3.745  1.00 12.81 ? 20  TYR A CG  1 
ATOM   155  C  CD1 . TYR A 1 19  ? -8.530  -4.800  -3.222  1.00 14.29 ? 20  TYR A CD1 1 
ATOM   156  C  CD2 . TYR A 1 19  ? -8.861  -2.473  -3.657  1.00 15.02 ? 20  TYR A CD2 1 
ATOM   157  C  CE1 . TYR A 1 19  ? -7.312  -4.528  -2.639  1.00 16.58 ? 20  TYR A CE1 1 
ATOM   158  C  CE2 . TYR A 1 19  ? -7.650  -2.180  -3.074  1.00 17.62 ? 20  TYR A CE2 1 
ATOM   159  C  CZ  . TYR A 1 19  ? -6.871  -3.216  -2.569  1.00 19.95 ? 20  TYR A CZ  1 
ATOM   160  O  OH  . TYR A 1 19  ? -5.632  -2.954  -2.025  1.00 23.08 ? 20  TYR A OH  1 
ATOM   161  N  N   . SER A 1 20  ? -13.091 -2.430  -3.095  1.00 11.40 ? 21  SER A N   1 
ATOM   162  C  CA  . SER A 1 20  ? -13.473 -1.218  -2.391  1.00 12.14 ? 21  SER A CA  1 
ATOM   163  C  C   . SER A 1 20  ? -13.860 -1.457  -0.935  1.00 12.11 ? 21  SER A C   1 
ATOM   164  O  O   . SER A 1 20  ? -14.239 -2.560  -0.546  1.00 14.15 ? 21  SER A O   1 
ATOM   165  C  CB  . SER A 1 20  ? -14.612 -0.506  -3.140  1.00 11.38 ? 21  SER A CB  1 
ATOM   166  O  OG  . SER A 1 20  ? -15.685 -1.383  -3.430  1.00 11.44 ? 21  SER A OG  1 
ATOM   167  N  N   . GLY A 1 21  ? -13.742 -0.417  -0.124  1.00 12.39 ? 22  GLY A N   1 
ATOM   168  C  CA  . GLY A 1 21  ? -14.099 -0.535  1.274   1.00 13.91 ? 22  GLY A CA  1 
ATOM   169  C  C   . GLY A 1 21  ? -12.995 -0.126  2.228   1.00 15.23 ? 22  GLY A C   1 
ATOM   170  O  O   . GLY A 1 21  ? -12.063 0.599   1.867   1.00 15.19 ? 22  GLY A O   1 
ATOM   171  N  N   . THR A 1 22  ? -13.098 -0.585  3.464   1.00 14.44 ? 23  THR A N   1 
ATOM   172  C  CA  . THR A 1 22  ? -12.081 -0.263  4.445   1.00 13.86 ? 23  THR A CA  1 
ATOM   173  C  C   . THR A 1 22  ? -11.033 -1.385  4.510   1.00 13.33 ? 23  THR A C   1 
ATOM   174  O  O   . THR A 1 22  ? -11.374 -2.573  4.449   1.00 14.39 ? 23  THR A O   1 
ATOM   175  C  CB  . THR A 1 22  ? -12.719 -0.053  5.839   1.00 15.11 ? 23  THR A CB  1 
ATOM   176  O  OG1 . THR A 1 22  ? -13.565 1.103   5.803   1.00 14.92 ? 23  THR A OG1 1 
ATOM   177  C  CG2 . THR A 1 22  ? -11.648 0.142   6.897   1.00 16.33 ? 23  THR A CG2 1 
ATOM   178  N  N   . TRP A 1 23  ? -9.761  -0.989  4.578   1.00 11.08 ? 24  TRP A N   1 
ATOM   179  C  CA  . TRP A 1 23  ? -8.640  -1.920  4.701   1.00 9.26  ? 24  TRP A CA  1 
ATOM   180  C  C   . TRP A 1 23  ? -7.725  -1.402  5.803   1.00 7.96  ? 24  TRP A C   1 
ATOM   181  O  O   . TRP A 1 23  ? -7.438  -0.203  5.872   1.00 7.96  ? 24  TRP A O   1 
ATOM   182  C  CB  . TRP A 1 23  ? -7.795  -2.017  3.427   1.00 6.09  ? 24  TRP A CB  1 
ATOM   183  C  CG  . TRP A 1 23  ? -8.371  -2.815  2.296   1.00 5.61  ? 24  TRP A CG  1 
ATOM   184  C  CD1 . TRP A 1 23  ? -9.035  -2.320  1.198   1.00 4.81  ? 24  TRP A CD1 1 
ATOM   185  C  CD2 . TRP A 1 23  ? -8.329  -4.244  2.128   1.00 3.89  ? 24  TRP A CD2 1 
ATOM   186  N  NE1 . TRP A 1 23  ? -9.403  -3.344  0.368   1.00 1.22  ? 24  TRP A NE1 1 
ATOM   187  C  CE2 . TRP A 1 23  ? -8.986  -4.535  0.909   1.00 3.19  ? 24  TRP A CE2 1 
ATOM   188  C  CE3 . TRP A 1 23  ? -7.807  -5.303  2.886   1.00 1.91  ? 24  TRP A CE3 1 
ATOM   189  C  CZ2 . TRP A 1 23  ? -9.136  -5.842  0.430   1.00 2.30  ? 24  TRP A CZ2 1 
ATOM   190  C  CZ3 . TRP A 1 23  ? -7.961  -6.601  2.412   1.00 2.59  ? 24  TRP A CZ3 1 
ATOM   191  C  CH2 . TRP A 1 23  ? -8.620  -6.859  1.190   1.00 2.72  ? 24  TRP A CH2 1 
ATOM   192  N  N   . TYR A 1 24  ? -7.254  -2.313  6.647   1.00 8.85  ? 25  TYR A N   1 
ATOM   193  C  CA  . TYR A 1 24  ? -6.348  -1.959  7.735   1.00 9.49  ? 25  TYR A CA  1 
ATOM   194  C  C   . TYR A 1 24  ? -4.944  -2.455  7.457   1.00 9.89  ? 25  TYR A C   1 
ATOM   195  O  O   . TYR A 1 24  ? -4.735  -3.643  7.224   1.00 9.97  ? 25  TYR A O   1 
ATOM   196  C  CB  . TYR A 1 24  ? -6.827  -2.560  9.050   1.00 7.56  ? 25  TYR A CB  1 
ATOM   197  C  CG  . TYR A 1 24  ? -8.238  -2.175  9.407   1.00 8.22  ? 25  TYR A CG  1 
ATOM   198  C  CD1 . TYR A 1 24  ? -9.319  -2.934  8.967   1.00 7.42  ? 25  TYR A CD1 1 
ATOM   199  C  CD2 . TYR A 1 24  ? -8.495  -1.017  10.148  1.00 7.71  ? 25  TYR A CD2 1 
ATOM   200  C  CE1 . TYR A 1 24  ? -10.617 -2.555  9.251   1.00 8.78  ? 25  TYR A CE1 1 
ATOM   201  C  CE2 . TYR A 1 24  ? -9.792  -0.628  10.438  1.00 8.22  ? 25  TYR A CE2 1 
ATOM   202  C  CZ  . TYR A 1 24  ? -10.851 -1.399  9.984   1.00 8.81  ? 25  TYR A CZ  1 
ATOM   203  O  OH  . TYR A 1 24  ? -12.147 -1.006  10.233  1.00 8.05  ? 25  TYR A OH  1 
ATOM   204  N  N   . ALA A 1 25  ? -3.979  -1.540  7.478   1.00 9.92  ? 26  ALA A N   1 
ATOM   205  C  CA  . ALA A 1 25  ? -2.585  -1.901  7.239   1.00 9.08  ? 26  ALA A CA  1 
ATOM   206  C  C   . ALA A 1 25  ? -2.067  -2.602  8.480   1.00 8.15  ? 26  ALA A C   1 
ATOM   207  O  O   . ALA A 1 25  ? -2.100  -2.048  9.571   1.00 5.39  ? 26  ALA A O   1 
ATOM   208  C  CB  . ALA A 1 25  ? -1.767  -0.668  6.957   1.00 9.88  ? 26  ALA A CB  1 
ATOM   209  N  N   . MET A 1 26  ? -1.599  -3.830  8.307   1.00 8.46  ? 27  MET A N   1 
ATOM   210  C  CA  . MET A 1 26  ? -1.099  -4.616  9.419   1.00 8.88  ? 27  MET A CA  1 
ATOM   211  C  C   . MET A 1 26  ? 0.422   -4.622  9.489   1.00 10.52 ? 27  MET A C   1 
ATOM   212  O  O   . MET A 1 26  ? 1.003   -4.759  10.566  1.00 12.72 ? 27  MET A O   1 
ATOM   213  C  CB  . MET A 1 26  ? -1.627  -6.045  9.302   1.00 9.75  ? 27  MET A CB  1 
ATOM   214  C  CG  . MET A 1 26  ? -3.142  -6.155  9.414   1.00 12.50 ? 27  MET A CG  1 
ATOM   215  S  SD  . MET A 1 26  ? -3.773  -5.746  11.051  1.00 16.75 ? 27  MET A SD  1 
ATOM   216  C  CE  . MET A 1 26  ? -4.123  -3.956  10.899  1.00 19.73 ? 27  MET A CE  1 
ATOM   217  N  N   . ALA A 1 27  ? 1.063   -4.474  8.332   1.00 9.96  ? 28  ALA A N   1 
ATOM   218  C  CA  . ALA A 1 27  ? 2.519   -4.458  8.254   1.00 9.74  ? 28  ALA A CA  1 
ATOM   219  C  C   . ALA A 1 27  ? 2.959   -3.633  7.044   1.00 9.49  ? 28  ALA A C   1 
ATOM   220  O  O   . ALA A 1 27  ? 2.177   -3.417  6.117   1.00 9.21  ? 28  ALA A O   1 
ATOM   221  C  CB  . ALA A 1 27  ? 3.058   -5.893  8.156   1.00 6.29  ? 28  ALA A CB  1 
ATOM   222  N  N   . LYS A 1 28  ? 4.205   -3.163  7.077   1.00 8.01  ? 29  LYS A N   1 
ATOM   223  C  CA  . LYS A 1 28  ? 4.764   -2.362  5.993   1.00 8.93  ? 29  LYS A CA  1 
ATOM   224  C  C   . LYS A 1 28  ? 6.266   -2.517  5.885   1.00 8.39  ? 29  LYS A C   1 
ATOM   225  O  O   . LYS A 1 28  ? 6.948   -2.975  6.801   1.00 5.68  ? 29  LYS A O   1 
ATOM   226  C  CB  . LYS A 1 28  ? 4.489   -0.871  6.197   1.00 9.12  ? 29  LYS A CB  1 
ATOM   227  C  CG  . LYS A 1 28  ? 5.209   -0.318  7.412   1.00 11.33 ? 29  LYS A CG  1 
ATOM   228  C  CD  . LYS A 1 28  ? 5.273   1.197   7.431   1.00 13.06 ? 29  LYS A CD  1 
ATOM   229  C  CE  . LYS A 1 28  ? 5.923   1.668   8.726   1.00 14.98 ? 29  LYS A CE  1 
ATOM   230  N  NZ  . LYS A 1 28  ? 6.123   3.146   8.777   1.00 13.40 ? 29  LYS A NZ  1 
ATOM   231  N  N   . LYS A 1 29  ? 6.757   -2.087  4.737   1.00 8.76  ? 30  LYS A N   1 
ATOM   232  C  CA  . LYS A 1 29  ? 8.156   -2.084  4.410   1.00 8.98  ? 30  LYS A CA  1 
ATOM   233  C  C   . LYS A 1 29  ? 8.317   -0.615  3.997   1.00 10.66 ? 30  LYS A C   1 
ATOM   234  O  O   . LYS A 1 29  ? 7.612   -0.142  3.102   1.00 10.92 ? 30  LYS A O   1 
ATOM   235  C  CB  . LYS A 1 29  ? 8.409   -3.049  3.246   1.00 8.94  ? 30  LYS A CB  1 
ATOM   236  C  CG  . LYS A 1 29  ? 9.874   -3.211  2.855   1.00 8.34  ? 30  LYS A CG  1 
ATOM   237  C  CD  . LYS A 1 29  ? 10.335  -2.067  1.978   1.00 9.00  ? 30  LYS A CD  1 
ATOM   238  C  CE  . LYS A 1 29  ? 11.802  -2.183  1.628   1.00 7.53  ? 30  LYS A CE  1 
ATOM   239  N  NZ  . LYS A 1 29  ? 12.231  -1.139  0.638   1.00 8.65  ? 30  LYS A NZ  1 
ATOM   240  N  N   . ASP A 1 30  ? 9.202   0.109   4.687   1.00 12.02 ? 31  ASP A N   1 
ATOM   241  C  CA  . ASP A 1 30  ? 9.428   1.530   4.408   1.00 13.38 ? 31  ASP A CA  1 
ATOM   242  C  C   . ASP A 1 30  ? 10.278  1.811   3.167   1.00 12.38 ? 31  ASP A C   1 
ATOM   243  O  O   . ASP A 1 30  ? 11.000  0.939   2.678   1.00 13.24 ? 31  ASP A O   1 
ATOM   244  C  CB  . ASP A 1 30  ? 10.128  2.239   5.587   1.00 13.73 ? 31  ASP A CB  1 
ATOM   245  C  CG  . ASP A 1 30  ? 9.267   2.337   6.840   1.00 15.72 ? 31  ASP A CG  1 
ATOM   246  O  OD1 . ASP A 1 30  ? 8.053   2.617   6.762   1.00 16.72 ? 31  ASP A OD1 1 
ATOM   247  O  OD2 . ASP A 1 30  ? 9.839   2.157   7.934   1.00 19.52 ? 31  ASP A OD2 1 
ATOM   248  N  N   . PRO A 1 31  ? 10.177  3.045   2.636   1.00 11.00 ? 32  PRO A N   1 
ATOM   249  C  CA  . PRO A 1 31  ? 10.909  3.542   1.462   1.00 11.09 ? 32  PRO A CA  1 
ATOM   250  C  C   . PRO A 1 31  ? 11.952  4.534   2.020   1.00 10.05 ? 32  PRO A C   1 
ATOM   251  O  O   . PRO A 1 31  ? 12.098  4.628   3.237   1.00 10.92 ? 32  PRO A O   1 
ATOM   252  C  CB  . PRO A 1 31  ? 9.816   4.237   0.667   1.00 9.44  ? 32  PRO A CB  1 
ATOM   253  C  CG  . PRO A 1 31  ? 9.014   4.903   1.770   1.00 11.64 ? 32  PRO A CG  1 
ATOM   254  C  CD  . PRO A 1 31  ? 8.983   3.880   2.900   1.00 10.27 ? 32  PRO A CD  1 
ATOM   255  N  N   . GLU A 1 32  ? 12.675  5.267   1.175   1.00 9.50  ? 33  GLU A N   1 
ATOM   256  C  CA  . GLU A 1 32  ? 13.633  6.231   1.724   1.00 9.10  ? 33  GLU A CA  1 
ATOM   257  C  C   . GLU A 1 32  ? 12.876  7.480   2.113   1.00 7.82  ? 33  GLU A C   1 
ATOM   258  O  O   . GLU A 1 32  ? 11.934  7.885   1.432   1.00 5.99  ? 33  GLU A O   1 
ATOM   259  C  CB  . GLU A 1 32  ? 14.676  6.693   0.715   1.00 9.08  ? 33  GLU A CB  1 
ATOM   260  C  CG  . GLU A 1 32  ? 15.645  5.669   0.182   1.00 13.31 ? 33  GLU A CG  1 
ATOM   261  C  CD  . GLU A 1 32  ? 16.384  4.918   1.256   1.00 14.35 ? 33  GLU A CD  1 
ATOM   262  O  OE1 . GLU A 1 32  ? 16.725  5.523   2.300   1.00 14.15 ? 33  GLU A OE1 1 
ATOM   263  O  OE2 . GLU A 1 32  ? 16.631  3.717   1.032   1.00 12.79 ? 33  GLU A OE2 1 
ATOM   264  N  N   . GLY A 1 33  ? 13.305  8.099   3.199   1.00 6.29  ? 34  GLY A N   1 
ATOM   265  C  CA  . GLY A 1 33  ? 12.676  9.324   3.617   1.00 7.65  ? 34  GLY A CA  1 
ATOM   266  C  C   . GLY A 1 33  ? 11.342  9.222   4.311   1.00 9.54  ? 34  GLY A C   1 
ATOM   267  O  O   . GLY A 1 33  ? 10.852  8.161   4.708   1.00 12.15 ? 34  GLY A O   1 
ATOM   268  N  N   . LEU A 1 34  ? 10.770  10.401  4.453   1.00 9.86  ? 35  LEU A N   1 
ATOM   269  C  CA  . LEU A 1 34  ? 9.494   10.641  5.101   1.00 11.06 ? 35  LEU A CA  1 
ATOM   270  C  C   . LEU A 1 34  ? 8.354   9.742   4.626   1.00 11.21 ? 35  LEU A C   1 
ATOM   271  O  O   . LEU A 1 34  ? 8.112   9.592   3.422   1.00 11.13 ? 35  LEU A O   1 
ATOM   272  C  CB  . LEU A 1 34  ? 9.155   12.093  4.872   1.00 12.02 ? 35  LEU A CB  1 
ATOM   273  C  CG  . LEU A 1 34  ? 8.189   12.793  5.788   1.00 12.36 ? 35  LEU A CG  1 
ATOM   274  C  CD1 . LEU A 1 34  ? 8.670   12.737  7.231   1.00 12.38 ? 35  LEU A CD1 1 
ATOM   275  C  CD2 . LEU A 1 34  ? 8.100   14.219  5.296   1.00 9.96  ? 35  LEU A CD2 1 
ATOM   276  N  N   . PHE A 1 35  ? 7.619   9.181   5.577   1.00 9.75  ? 36  PHE A N   1 
ATOM   277  C  CA  . PHE A 1 35  ? 6.545   8.267   5.226   1.00 9.90  ? 36  PHE A CA  1 
ATOM   278  C  C   . PHE A 1 35  ? 5.567   8.087   6.390   1.00 10.69 ? 36  PHE A C   1 
ATOM   279  O  O   . PHE A 1 35  ? 5.864   8.467   7.523   1.00 11.70 ? 36  PHE A O   1 
ATOM   280  C  CB  . PHE A 1 35  ? 7.183   6.930   4.833   1.00 8.09  ? 36  PHE A CB  1 
ATOM   281  C  CG  . PHE A 1 35  ? 6.308   6.045   4.008   1.00 6.08  ? 36  PHE A CG  1 
ATOM   282  C  CD1 . PHE A 1 35  ? 5.775   6.487   2.790   1.00 7.85  ? 36  PHE A CD1 1 
ATOM   283  C  CD2 . PHE A 1 35  ? 6.021   4.761   4.442   1.00 5.34  ? 36  PHE A CD2 1 
ATOM   284  C  CE1 . PHE A 1 35  ? 4.967   5.655   2.027   1.00 6.09  ? 36  PHE A CE1 1 
ATOM   285  C  CE2 . PHE A 1 35  ? 5.222   3.923   3.692   1.00 6.72  ? 36  PHE A CE2 1 
ATOM   286  C  CZ  . PHE A 1 35  ? 4.690   4.367   2.482   1.00 6.82  ? 36  PHE A CZ  1 
ATOM   287  N  N   . LEU A 1 36  ? 4.391   7.532   6.100   1.00 10.43 ? 37  LEU A N   1 
ATOM   288  C  CA  . LEU A 1 36  ? 3.374   7.263   7.124   1.00 11.57 ? 37  LEU A CA  1 
ATOM   289  C  C   . LEU A 1 36  ? 3.927   6.263   8.121   1.00 11.55 ? 37  LEU A C   1 
ATOM   290  O  O   . LEU A 1 36  ? 4.690   5.386   7.741   1.00 11.03 ? 37  LEU A O   1 
ATOM   291  C  CB  . LEU A 1 36  ? 2.135   6.670   6.477   1.00 12.37 ? 37  LEU A CB  1 
ATOM   292  C  CG  . LEU A 1 36  ? 1.226   7.647   5.760   1.00 11.80 ? 37  LEU A CG  1 
ATOM   293  C  CD1 . LEU A 1 36  ? 0.159   6.855   5.035   1.00 10.86 ? 37  LEU A CD1 1 
ATOM   294  C  CD2 . LEU A 1 36  ? 0.615   8.624   6.773   1.00 11.50 ? 37  LEU A CD2 1 
ATOM   295  N  N   . GLN A 1 37  ? 3.515   6.352   9.381   1.00 12.98 ? 38  GLN A N   1 
ATOM   296  C  CA  . GLN A 1 37  ? 4.055   5.444   10.388  1.00 13.31 ? 38  GLN A CA  1 
ATOM   297  C  C   . GLN A 1 37  ? 3.154   4.335   10.946  1.00 14.93 ? 38  GLN A C   1 
ATOM   298  O  O   . GLN A 1 37  ? 3.467   3.149   10.805  1.00 16.20 ? 38  GLN A O   1 
ATOM   299  C  CB  . GLN A 1 37  ? 4.645   6.280   11.533  1.00 14.60 ? 38  GLN A CB  1 
ATOM   300  C  CG  . GLN A 1 37  ? 5.856   7.110   11.114  1.00 16.52 ? 38  GLN A CG  1 
ATOM   301  C  CD  . GLN A 1 37  ? 7.015   6.252   10.600  1.00 20.18 ? 38  GLN A CD  1 
ATOM   302  O  OE1 . GLN A 1 37  ? 8.000   6.773   10.068  1.00 20.59 ? 38  GLN A OE1 1 
ATOM   303  N  NE2 . GLN A 1 37  ? 6.903   4.932   10.763  1.00 21.29 ? 38  GLN A NE2 1 
ATOM   304  N  N   . ASP A 1 38  ? 2.055   4.724   11.589  1.00 15.24 ? 39  ASP A N   1 
ATOM   305  C  CA  . ASP A 1 38  ? 1.118   3.771   12.172  1.00 15.68 ? 39  ASP A CA  1 
ATOM   306  C  C   . ASP A 1 38  ? -0.292  4.328   12.189  1.00 17.28 ? 39  ASP A C   1 
ATOM   307  O  O   . ASP A 1 38  ? -0.535  5.448   11.737  1.00 14.79 ? 39  ASP A O   1 
ATOM   308  C  CB  . ASP A 1 38  ? 1.522   3.408   13.608  1.00 15.79 ? 39  ASP A CB  1 
ATOM   309  C  CG  . ASP A 1 38  ? 1.795   4.636   14.485  1.00 15.38 ? 39  ASP A CG  1 
ATOM   310  O  OD1 . ASP A 1 38  ? 1.046   5.640   14.414  1.00 14.45 ? 39  ASP A OD1 1 
ATOM   311  O  OD2 . ASP A 1 38  ? 2.768   4.579   15.269  1.00 14.46 ? 39  ASP A OD2 1 
ATOM   312  N  N   . ASN A 1 39  ? -1.215  3.536   12.724  1.00 18.96 ? 40  ASN A N   1 
ATOM   313  C  CA  . ASN A 1 39  ? -2.611  3.928   12.807  1.00 19.60 ? 40  ASN A CA  1 
ATOM   314  C  C   . ASN A 1 39  ? -3.141  4.233   11.432  1.00 19.51 ? 40  ASN A C   1 
ATOM   315  O  O   . ASN A 1 39  ? -4.088  5.034   11.283  1.00 18.85 ? 40  ASN A O   1 
ATOM   316  C  CB  . ASN A 1 39  ? -2.745  5.128   13.726  1.00 21.02 ? 40  ASN A CB  1 
ATOM   317  C  CG  . ASN A 1 39  ? -2.767  4.715   15.158  1.00 24.96 ? 40  ASN A CG  1 
ATOM   318  O  OD1 . ASN A 1 39  ? -3.783  4.219   15.633  1.00 27.61 ? 40  ASN A OD1 1 
ATOM   319  N  ND2 . ASN A 1 39  ? -1.646  4.874   15.852  1.00 25.07 ? 40  ASN A ND2 1 
ATOM   320  N  N   . VAL A 1 40  ? -2.554  3.575   10.420  1.00 18.92 ? 41  VAL A N   1 
ATOM   321  C  CA  . VAL A 1 40  ? -2.978  3.836   9.045   1.00 19.52 ? 41  VAL A CA  1 
ATOM   322  C  C   . VAL A 1 40  ? -4.069  2.847   8.542   1.00 18.48 ? 41  VAL A C   1 
ATOM   323  O  O   . VAL A 1 40  ? -3.983  1.610   8.620   1.00 19.27 ? 41  VAL A O   1 
ATOM   324  C  CB  . VAL A 1 40  ? -1.717  4.012   8.026   1.00 20.88 ? 41  VAL A CB  1 
ATOM   325  C  CG1 . VAL A 1 40  ? -0.370  3.541   8.675   1.00 19.84 ? 41  VAL A CG1 1 
ATOM   326  C  CG2 . VAL A 1 40  ? -1.950  3.222   6.705   1.00 20.08 ? 41  VAL A CG2 1 
ATOM   327  N  N   . VAL A 1 41  ? -5.169  3.478   8.143   1.00 18.66 ? 42  VAL A N   1 
ATOM   328  C  CA  . VAL A 1 41  ? -6.369  2.846   7.608   1.00 18.63 ? 42  VAL A CA  1 
ATOM   329  C  C   . VAL A 1 41  ? -6.733  3.545   6.295   1.00 18.56 ? 42  VAL A C   1 
ATOM   330  O  O   . VAL A 1 41  ? -6.723  4.773   6.215   1.00 16.77 ? 42  VAL A O   1 
ATOM   331  C  CB  . VAL A 1 41  ? -7.572  2.986   8.571   1.00 18.87 ? 42  VAL A CB  1 
ATOM   332  C  CG1 . VAL A 1 41  ? -8.777  2.218   8.019   1.00 18.72 ? 42  VAL A CG1 1 
ATOM   333  C  CG2 . VAL A 1 41  ? -7.201  2.462   9.950   1.00 20.42 ? 42  VAL A CG2 1 
ATOM   334  N  N   . ALA A 1 42  ? -7.058  2.754   5.274   1.00 20.52 ? 43  ALA A N   1 
ATOM   335  C  CA  . ALA A 1 42  ? -7.401  3.286   3.959   1.00 21.21 ? 43  ALA A CA  1 
ATOM   336  C  C   . ALA A 1 42  ? -8.828  2.947   3.549   1.00 21.98 ? 43  ALA A C   1 
ATOM   337  O  O   . ALA A 1 42  ? -9.353  1.888   3.881   1.00 21.60 ? 43  ALA A O   1 
ATOM   338  C  CB  . ALA A 1 42  ? -6.422  2.752   2.923   1.00 20.31 ? 43  ALA A CB  1 
ATOM   339  N  N   . GLN A 1 43  ? -9.452  3.852   2.806   1.00 23.54 ? 44  GLN A N   1 
ATOM   340  C  CA  . GLN A 1 43  ? -10.822 3.647   2.372   1.00 24.08 ? 44  GLN A CA  1 
ATOM   341  C  C   . GLN A 1 43  ? -10.967 3.820   0.854   1.00 23.90 ? 44  GLN A C   1 
ATOM   342  O  O   . GLN A 1 43  ? -10.912 4.939   0.334   1.00 24.57 ? 44  GLN A O   1 
ATOM   343  C  CB  . GLN A 1 43  ? -11.733 4.610   3.144   1.00 25.29 ? 44  GLN A CB  1 
ATOM   344  C  CG  . GLN A 1 43  ? -13.205 4.469   2.856   1.00 31.45 ? 44  GLN A CG  1 
ATOM   345  C  CD  . GLN A 1 43  ? -14.057 5.114   3.932   1.00 33.73 ? 44  GLN A CD  1 
ATOM   346  O  OE1 . GLN A 1 43  ? -14.203 4.575   5.034   1.00 36.09 ? 44  GLN A OE1 1 
ATOM   347  N  NE2 . GLN A 1 43  ? -14.609 6.285   3.628   1.00 34.83 ? 44  GLN A NE2 1 
ATOM   348  N  N   . PHE A 1 44  ? -11.138 2.694   0.157   1.00 22.25 ? 45  PHE A N   1 
ATOM   349  C  CA  . PHE A 1 44  ? -11.297 2.681   -1.298  1.00 20.99 ? 45  PHE A CA  1 
ATOM   350  C  C   . PHE A 1 44  ? -12.749 2.748   -1.754  1.00 21.42 ? 45  PHE A C   1 
ATOM   351  O  O   . PHE A 1 44  ? -13.643 2.154   -1.146  1.00 22.63 ? 45  PHE A O   1 
ATOM   352  C  CB  . PHE A 1 44  ? -10.684 1.419   -1.913  1.00 19.04 ? 45  PHE A CB  1 
ATOM   353  C  CG  . PHE A 1 44  ? -9.187  1.359   -1.827  1.00 17.33 ? 45  PHE A CG  1 
ATOM   354  C  CD1 . PHE A 1 44  ? -8.560  1.089   -0.618  1.00 17.33 ? 45  PHE A CD1 1 
ATOM   355  C  CD2 . PHE A 1 44  ? -8.404  1.558   -2.960  1.00 17.24 ? 45  PHE A CD2 1 
ATOM   356  C  CE1 . PHE A 1 44  ? -7.171  1.016   -0.536  1.00 16.78 ? 45  PHE A CE1 1 
ATOM   357  C  CE2 . PHE A 1 44  ? -7.018  1.487   -2.893  1.00 16.83 ? 45  PHE A CE2 1 
ATOM   358  C  CZ  . PHE A 1 44  ? -6.398  1.215   -1.680  1.00 16.46 ? 45  PHE A CZ  1 
ATOM   359  N  N   . THR A 1 45  ? -12.965 3.474   -2.841  1.00 20.95 ? 46  THR A N   1 
ATOM   360  C  CA  . THR A 1 45  ? -14.284 3.603   -3.435  1.00 23.46 ? 46  THR A CA  1 
ATOM   361  C  C   . THR A 1 45  ? -14.069 3.738   -4.941  1.00 22.30 ? 46  THR A C   1 
ATOM   362  O  O   . THR A 1 45  ? -12.979 4.114   -5.384  1.00 23.23 ? 46  THR A O   1 
ATOM   363  C  CB  . THR A 1 45  ? -15.035 4.847   -2.901  1.00 24.97 ? 46  THR A CB  1 
ATOM   364  O  OG1 . THR A 1 45  ? -14.315 6.035   -3.254  1.00 28.78 ? 46  THR A OG1 1 
ATOM   365  C  CG2 . THR A 1 45  ? -15.176 4.777   -1.379  1.00 26.65 ? 46  THR A CG2 1 
ATOM   366  N  N   . VAL A 1 46  ? -15.081 3.395   -5.729  1.00 20.76 ? 47  VAL A N   1 
ATOM   367  C  CA  . VAL A 1 46  ? -14.965 3.520   -7.183  1.00 19.25 ? 47  VAL A CA  1 
ATOM   368  C  C   . VAL A 1 46  ? -16.231 4.198   -7.708  1.00 18.98 ? 47  VAL A C   1 
ATOM   369  O  O   . VAL A 1 46  ? -17.332 3.752   -7.391  1.00 16.25 ? 47  VAL A O   1 
ATOM   370  C  CB  . VAL A 1 46  ? -14.715 2.119   -7.858  1.00 17.13 ? 47  VAL A CB  1 
ATOM   371  C  CG1 . VAL A 1 46  ? -15.452 1.040   -7.125  1.00 15.56 ? 47  VAL A CG1 1 
ATOM   372  C  CG2 . VAL A 1 46  ? -15.131 2.144   -9.312  1.00 14.88 ? 47  VAL A CG2 1 
ATOM   373  N  N   . ASP A 1 47  ? -16.070 5.292   -8.473  1.00 21.52 ? 48  ASP A N   1 
ATOM   374  C  CA  . ASP A 1 47  ? -17.225 6.025   -9.007  1.00 22.65 ? 48  ASP A CA  1 
ATOM   375  C  C   . ASP A 1 47  ? -17.977 5.292   -10.103 1.00 23.51 ? 48  ASP A C   1 
ATOM   376  O  O   . ASP A 1 47  ? -17.613 4.184   -10.508 1.00 22.77 ? 48  ASP A O   1 
ATOM   377  C  CB  . ASP A 1 47  ? -16.874 7.469   -9.461  1.00 22.99 ? 48  ASP A CB  1 
ATOM   378  C  CG  . ASP A 1 47  ? -16.098 7.547   -10.786 1.00 24.59 ? 48  ASP A CG  1 
ATOM   379  O  OD1 . ASP A 1 47  ? -15.969 6.552   -11.526 1.00 27.36 ? 48  ASP A OD1 1 
ATOM   380  O  OD2 . ASP A 1 47  ? -15.606 8.665   -11.086 1.00 24.07 ? 48  ASP A OD2 1 
ATOM   381  N  N   . GLU A 1 48  ? -19.071 5.904   -10.533 1.00 25.27 ? 49  GLU A N   1 
ATOM   382  C  CA  . GLU A 1 48  ? -19.926 5.333   -11.558 1.00 26.52 ? 49  GLU A CA  1 
ATOM   383  C  C   . GLU A 1 48  ? -19.192 5.101   -12.877 1.00 26.52 ? 49  GLU A C   1 
ATOM   384  O  O   . GLU A 1 48  ? -19.536 4.184   -13.632 1.00 26.09 ? 49  GLU A O   1 
ATOM   385  C  CB  . GLU A 1 48  ? -21.146 6.236   -11.778 1.00 27.57 ? 49  GLU A CB  1 
ATOM   386  C  CG  . GLU A 1 48  ? -20.816 7.644   -12.252 1.00 31.45 ? 49  GLU A CG  1 
ATOM   387  C  CD  . GLU A 1 48  ? -20.243 8.550   -11.160 1.00 34.50 ? 49  GLU A CD  1 
ATOM   388  O  OE1 . GLU A 1 48  ? -19.868 9.697   -11.496 1.00 35.92 ? 49  GLU A OE1 1 
ATOM   389  O  OE2 . GLU A 1 48  ? -20.175 8.135   -9.980  1.00 34.44 ? 49  GLU A OE2 1 
ATOM   390  N  N   . ASN A 1 49  ? -18.177 5.919   -13.148 1.00 23.95 ? 50  ASN A N   1 
ATOM   391  C  CA  . ASN A 1 49  ? -17.416 5.780   -14.380 1.00 23.86 ? 50  ASN A CA  1 
ATOM   392  C  C   . ASN A 1 49  ? -16.203 4.887   -14.216 1.00 22.56 ? 50  ASN A C   1 
ATOM   393  O  O   . ASN A 1 49  ? -15.304 4.883   -15.049 1.00 22.71 ? 50  ASN A O   1 
ATOM   394  C  CB  . ASN A 1 49  ? -17.017 7.152   -14.897 1.00 27.48 ? 50  ASN A CB  1 
ATOM   395  C  CG  . ASN A 1 49  ? -18.223 7.982   -15.288 1.00 31.22 ? 50  ASN A CG  1 
ATOM   396  O  OD1 . ASN A 1 49  ? -18.898 8.562   -14.431 1.00 32.31 ? 50  ASN A OD1 1 
ATOM   397  N  ND2 . ASN A 1 49  ? -18.521 8.021   -16.588 1.00 31.26 ? 50  ASN A ND2 1 
ATOM   398  N  N   . GLY A 1 50  ? -16.203 4.120   -13.133 1.00 20.30 ? 51  GLY A N   1 
ATOM   399  C  CA  . GLY A 1 50  ? -15.120 3.200   -12.869 1.00 19.30 ? 51  GLY A CA  1 
ATOM   400  C  C   . GLY A 1 50  ? -13.876 3.760   -12.210 1.00 18.31 ? 51  GLY A C   1 
ATOM   401  O  O   . GLY A 1 50  ? -12.984 2.993   -11.873 1.00 18.04 ? 51  GLY A O   1 
ATOM   402  N  N   . GLN A 1 51  ? -13.788 5.071   -12.025 1.00 16.93 ? 52  GLN A N   1 
ATOM   403  C  CA  . GLN A 1 51  ? -12.599 5.637   -11.405 1.00 16.10 ? 52  GLN A CA  1 
ATOM   404  C  C   . GLN A 1 51  ? -12.448 5.244   -9.939  1.00 15.60 ? 52  GLN A C   1 
ATOM   405  O  O   . GLN A 1 51  ? -13.383 5.346   -9.146  1.00 14.50 ? 52  GLN A O   1 
ATOM   406  C  CB  . GLN A 1 51  ? -12.592 7.161   -11.505 1.00 18.82 ? 52  GLN A CB  1 
ATOM   407  C  CG  . GLN A 1 51  ? -12.195 7.714   -12.856 1.00 22.67 ? 52  GLN A CG  1 
ATOM   408  C  CD  . GLN A 1 51  ? -13.361 8.330   -13.568 1.00 25.51 ? 52  GLN A CD  1 
ATOM   409  O  OE1 . GLN A 1 51  ? -14.023 9.213   -13.034 1.00 26.65 ? 52  GLN A OE1 1 
ATOM   410  N  NE2 . GLN A 1 51  ? -13.623 7.871   -14.779 1.00 26.39 ? 52  GLN A NE2 1 
ATOM   411  N  N   . MET A 1 52  ? -11.256 4.794   -9.578  1.00 13.62 ? 53  MET A N   1 
ATOM   412  C  CA  . MET A 1 52  ? -10.982 4.423   -8.203  1.00 13.32 ? 53  MET A CA  1 
ATOM   413  C  C   . MET A 1 52  ? -10.249 5.545   -7.452  1.00 12.78 ? 53  MET A C   1 
ATOM   414  O  O   . MET A 1 52  ? -9.395  6.226   -8.016  1.00 12.97 ? 53  MET A O   1 
ATOM   415  C  CB  . MET A 1 52  ? -10.151 3.138   -8.177  1.00 14.72 ? 53  MET A CB  1 
ATOM   416  C  CG  . MET A 1 52  ? -9.779  2.666   -6.778  1.00 12.89 ? 53  MET A CG  1 
ATOM   417  S  SD  . MET A 1 52  ? -9.228  0.946   -6.716  1.00 14.90 ? 53  MET A SD  1 
ATOM   418  C  CE  . MET A 1 52  ? -7.509  1.111   -7.271  1.00 8.92  ? 53  MET A CE  1 
ATOM   419  N  N   . SER A 1 53  ? -10.613 5.761   -6.192  1.00 12.08 ? 54  SER A N   1 
ATOM   420  C  CA  . SER A 1 53  ? -9.948  6.764   -5.366  1.00 10.77 ? 54  SER A CA  1 
ATOM   421  C  C   . SER A 1 53  ? -9.815  6.181   -3.965  1.00 10.12 ? 54  SER A C   1 
ATOM   422  O  O   . SER A 1 53  ? -10.330 5.091   -3.693  1.00 7.84  ? 54  SER A O   1 
ATOM   423  C  CB  . SER A 1 53  ? -10.737 8.090   -5.329  1.00 11.65 ? 54  SER A CB  1 
ATOM   424  O  OG  . SER A 1 53  ? -11.951 8.004   -4.594  1.00 15.25 ? 54  SER A OG  1 
ATOM   425  N  N   . ALA A 1 54  ? -9.101  6.886   -3.092  1.00 11.02 ? 55  ALA A N   1 
ATOM   426  C  CA  . ALA A 1 54  ? -8.933  6.425   -1.736  1.00 10.66 ? 55  ALA A CA  1 
ATOM   427  C  C   . ALA A 1 54  ? -8.479  7.530   -0.832  1.00 13.10 ? 55  ALA A C   1 
ATOM   428  O  O   . ALA A 1 54  ? -7.783  8.446   -1.254  1.00 16.32 ? 55  ALA A O   1 
ATOM   429  C  CB  . ALA A 1 54  ? -7.931  5.297   -1.693  1.00 12.29 ? 55  ALA A CB  1 
ATOM   430  N  N   . THR A 1 55  ? -8.900  7.440   0.423   1.00 15.26 ? 56  THR A N   1 
ATOM   431  C  CA  . THR A 1 55  ? -8.504  8.389   1.457   1.00 15.24 ? 56  THR A CA  1 
ATOM   432  C  C   . THR A 1 55  ? -7.723  7.546   2.465   1.00 15.96 ? 56  THR A C   1 
ATOM   433  O  O   . THR A 1 55  ? -7.952  6.345   2.563   1.00 17.79 ? 56  THR A O   1 
ATOM   434  C  CB  . THR A 1 55  ? -9.725  9.015   2.173   1.00 16.11 ? 56  THR A CB  1 
ATOM   435  O  OG1 . THR A 1 55  ? -10.607 7.979   2.632   1.00 15.51 ? 56  THR A OG1 1 
ATOM   436  C  CG2 . THR A 1 55  ? -10.467 9.948   1.245   1.00 15.98 ? 56  THR A CG2 1 
ATOM   437  N  N   . ALA A 1 56  ? -6.813  8.161   3.216   1.00 16.60 ? 57  ALA A N   1 
ATOM   438  C  CA  . ALA A 1 56  ? -6.024  7.417   4.191   1.00 14.99 ? 57  ALA A CA  1 
ATOM   439  C  C   . ALA A 1 56  ? -5.624  8.256   5.404   1.00 15.73 ? 57  ALA A C   1 
ATOM   440  O  O   . ALA A 1 56  ? -5.253  9.418   5.272   1.00 17.04 ? 57  ALA A O   1 
ATOM   441  C  CB  . ALA A 1 56  ? -4.775  6.860   3.511   1.00 14.09 ? 57  ALA A CB  1 
ATOM   442  N  N   . LYS A 1 57  ? -5.716  7.658   6.584   1.00 15.23 ? 58  LYS A N   1 
ATOM   443  C  CA  . LYS A 1 57  ? -5.332  8.321   7.822   1.00 16.32 ? 58  LYS A CA  1 
ATOM   444  C  C   . LYS A 1 57  ? -4.123  7.566   8.330   1.00 16.11 ? 58  LYS A C   1 
ATOM   445  O  O   . LYS A 1 57  ? -4.053  6.342   8.215   1.00 14.06 ? 58  LYS A O   1 
ATOM   446  C  CB  . LYS A 1 57  ? -6.405  8.195   8.903   1.00 18.37 ? 58  LYS A CB  1 
ATOM   447  C  CG  . LYS A 1 57  ? -7.722  8.843   8.605   1.00 19.90 ? 58  LYS A CG  1 
ATOM   448  C  CD  . LYS A 1 57  ? -7.805  10.214  9.236   1.00 23.24 ? 58  LYS A CD  1 
ATOM   449  C  CE  . LYS A 1 57  ? -7.862  10.131  10.746  1.00 23.51 ? 58  LYS A CE  1 
ATOM   450  N  NZ  . LYS A 1 57  ? -7.745  11.493  11.352  1.00 27.49 ? 58  LYS A NZ  1 
ATOM   451  N  N   . GLY A 1 58  ? -3.183  8.294   8.915   1.00 17.54 ? 59  GLY A N   1 
ATOM   452  C  CA  . GLY A 1 58  ? -2.010  7.650   9.469   1.00 18.32 ? 59  GLY A CA  1 
ATOM   453  C  C   . GLY A 1 58  ? -1.226  8.632   10.301  1.00 18.69 ? 59  GLY A C   1 
ATOM   454  O  O   . GLY A 1 58  ? -1.372  9.836   10.111  1.00 18.71 ? 59  GLY A O   1 
ATOM   455  N  N   . ARG A 1 59  ? -0.421  8.137   11.234  1.00 20.00 ? 60  ARG A N   1 
ATOM   456  C  CA  . ARG A 1 59  ? 0.391   9.036   12.037  1.00 21.71 ? 60  ARG A CA  1 
ATOM   457  C  C   . ARG A 1 59  ? 1.715   9.186   11.337  1.00 23.62 ? 60  ARG A C   1 
ATOM   458  O  O   . ARG A 1 59  ? 2.267   8.220   10.813  1.00 25.27 ? 60  ARG A O   1 
ATOM   459  C  CB  . ARG A 1 59  ? 0.663   8.497   13.445  1.00 21.79 ? 60  ARG A CB  1 
ATOM   460  C  CG  . ARG A 1 59  ? 1.528   9.456   14.270  1.00 18.48 ? 60  ARG A CG  1 
ATOM   461  C  CD  . ARG A 1 59  ? 1.949   8.872   15.601  1.00 19.87 ? 60  ARG A CD  1 
ATOM   462  N  NE  . ARG A 1 59  ? 2.887   7.755   15.469  1.00 21.86 ? 60  ARG A NE  1 
ATOM   463  C  CZ  . ARG A 1 59  ? 4.168   7.872   15.128  1.00 21.31 ? 60  ARG A CZ  1 
ATOM   464  N  NH1 . ARG A 1 59  ? 4.692   9.064   14.874  1.00 22.15 ? 60  ARG A NH1 1 
ATOM   465  N  NH2 . ARG A 1 59  ? 4.932   6.789   15.050  1.00 22.50 ? 60  ARG A NH2 1 
ATOM   466  N  N   . VAL A 1 60  ? 2.219   10.406  11.345  1.00 25.63 ? 61  VAL A N   1 
ATOM   467  C  CA  . VAL A 1 60  ? 3.478   10.688  10.734  1.00 27.27 ? 61  VAL A CA  1 
ATOM   468  C  C   . VAL A 1 60  ? 4.220   11.701  11.574  1.00 28.43 ? 61  VAL A C   1 
ATOM   469  O  O   . VAL A 1 60  ? 3.624   12.620  12.140  1.00 27.29 ? 61  VAL A O   1 
ATOM   470  C  CB  . VAL A 1 60  ? 3.273   11.188  9.327   1.00 27.48 ? 61  VAL A CB  1 
ATOM   471  C  CG1 . VAL A 1 60  ? 2.455   12.451  9.303   1.00 27.32 ? 61  VAL A CG1 1 
ATOM   472  C  CG2 . VAL A 1 60  ? 4.539   11.412  8.757   1.00 28.17 ? 61  VAL A CG2 1 
ATOM   473  N  N   . ARG A 1 61  ? 5.523   11.494  11.688  1.00 32.07 ? 62  ARG A N   1 
ATOM   474  C  CA  . ARG A 1 61  ? 6.351   12.389  12.476  1.00 36.14 ? 62  ARG A CA  1 
ATOM   475  C  C   . ARG A 1 61  ? 7.102   13.234  11.491  1.00 38.46 ? 62  ARG A C   1 
ATOM   476  O  O   . ARG A 1 61  ? 7.559   12.754  10.470  1.00 39.22 ? 62  ARG A O   1 
ATOM   477  C  CB  . ARG A 1 61  ? 7.331   11.598  13.346  1.00 35.63 ? 62  ARG A CB  1 
ATOM   478  C  CG  . ARG A 1 61  ? 8.455   12.433  13.950  1.00 36.03 ? 62  ARG A CG  1 
ATOM   479  C  CD  . ARG A 1 61  ? 8.944   11.753  15.212  1.00 36.71 ? 62  ARG A CD  1 
ATOM   480  N  NE  . ARG A 1 61  ? 8.014   11.958  16.315  1.00 38.08 ? 62  ARG A NE  1 
ATOM   481  C  CZ  . ARG A 1 61  ? 8.130   11.378  17.507  1.00 38.79 ? 62  ARG A CZ  1 
ATOM   482  N  NH1 . ARG A 1 61  ? 9.136   10.550  17.747  1.00 39.69 ? 62  ARG A NH1 1 
ATOM   483  N  NH2 . ARG A 1 61  ? 7.250   11.638  18.467  1.00 37.30 ? 62  ARG A NH2 1 
ATOM   484  N  N   . LEU A 1 62  ? 7.260   14.493  11.802  1.00 42.15 ? 63  LEU A N   1 
ATOM   485  C  CA  . LEU A 1 62  ? 7.905   15.285  10.841  1.00 45.48 ? 63  LEU A CA  1 
ATOM   486  C  C   . LEU A 1 62  ? 9.377   15.536  11.018  1.00 48.85 ? 63  LEU A C   1 
ATOM   487  O  O   . LEU A 1 62  ? 10.201  14.593  11.204  1.00 48.44 ? 63  LEU A O   1 
ATOM   488  C  CB  . LEU A 1 62  ? 7.145   16.620  10.687  1.00 42.87 ? 63  LEU A CB  1 
ATOM   489  C  CG  . LEU A 1 62  ? 5.645   16.505  10.344  1.00 41.40 ? 63  LEU A CG  1 
ATOM   490  C  CD1 . LEU A 1 62  ? 4.939   17.881  10.389  1.00 39.67 ? 63  LEU A CD1 1 
ATOM   491  C  CD2 . LEU A 1 62  ? 5.479   15.918  8.952   1.00 39.25 ? 63  LEU A CD2 1 
ATOM   492  N  N   . PHE A 1 63  ? 9.627   16.872  11.010  1.00 54.32 ? 64  PHE A N   1 
ATOM   493  C  CA  . PHE A 1 63  ? 10.969  17.536  11.101  1.00 58.97 ? 64  PHE A CA  1 
ATOM   494  C  C   . PHE A 1 63  ? 11.882  16.691  12.014  1.00 60.93 ? 64  PHE A C   1 
ATOM   495  O  O   . PHE A 1 63  ? 12.908  16.175  11.670  1.00 61.04 ? 64  PHE A O   1 
ATOM   496  C  CB  . PHE A 1 63  ? 10.958  18.840  11.979  1.00 59.55 ? 64  PHE A CB  1 
ATOM   497  C  CG  . PHE A 1 63  ? 9.807   19.492  12.471  1.00 61.07 ? 64  PHE A CG  1 
ATOM   498  C  CD1 . PHE A 1 63  ? 9.288   20.371  11.621  1.00 61.33 ? 64  PHE A CD1 1 
ATOM   499  C  CD2 . PHE A 1 63  ? 9.163   19.159  13.676  1.00 62.27 ? 64  PHE A CD2 1 
ATOM   500  C  CE1 . PHE A 1 63  ? 8.209   20.945  11.859  1.00 62.05 ? 64  PHE A CE1 1 
ATOM   501  C  CE2 . PHE A 1 63  ? 7.961   19.761  13.977  1.00 62.63 ? 64  PHE A CE2 1 
ATOM   502  C  CZ  . PHE A 1 63  ? 7.482   20.683  13.011  1.00 62.08 ? 64  PHE A CZ  1 
ATOM   503  N  N   . ASN A 1 64  ? 11.250  17.114  13.221  1.00 63.69 ? 65  ASN A N   1 
ATOM   504  C  CA  . ASN A 1 64  ? 11.794  16.684  14.434  1.00 65.97 ? 65  ASN A CA  1 
ATOM   505  C  C   . ASN A 1 64  ? 10.646  16.642  15.385  1.00 66.38 ? 65  ASN A C   1 
ATOM   506  O  O   . ASN A 1 64  ? 10.180  17.656  15.938  1.00 65.88 ? 65  ASN A O   1 
ATOM   507  C  CB  . ASN A 1 64  ? 12.891  17.664  14.932  1.00 68.05 ? 65  ASN A CB  1 
ATOM   508  C  CG  . ASN A 1 64  ? 13.969  16.961  15.849  1.00 69.73 ? 65  ASN A CG  1 
ATOM   509  O  OD1 . ASN A 1 64  ? 14.872  17.609  16.401  1.00 69.82 ? 65  ASN A OD1 1 
ATOM   510  N  ND2 . ASN A 1 64  ? 13.855  15.627  15.993  1.00 70.85 ? 65  ASN A ND2 1 
ATOM   511  N  N   . ASN A 1 65  ? 10.057  15.472  15.358  1.00 67.19 ? 66  ASN A N   1 
ATOM   512  C  CA  . ASN A 1 65  ? 9.169   15.192  16.400  1.00 66.81 ? 66  ASN A CA  1 
ATOM   513  C  C   . ASN A 1 65  ? 8.053   16.165  16.352  1.00 65.37 ? 66  ASN A C   1 
ATOM   514  O  O   . ASN A 1 65  ? 8.151   17.344  16.681  1.00 65.48 ? 66  ASN A O   1 
ATOM   515  C  CB  . ASN A 1 65  ? 10.162  15.124  17.553  1.00 69.18 ? 66  ASN A CB  1 
ATOM   516  C  CG  . ASN A 1 65  ? 11.396  14.325  17.081  1.00 71.38 ? 66  ASN A CG  1 
ATOM   517  O  OD1 . ASN A 1 65  ? 12.429  14.186  17.752  1.00 73.00 ? 66  ASN A OD1 1 
ATOM   518  N  ND2 . ASN A 1 65  ? 11.256  13.783  15.862  1.00 72.25 ? 66  ASN A ND2 1 
ATOM   519  N  N   . TRP A 1 66  ? 7.022   15.627  15.713  1.00 63.49 ? 67  TRP A N   1 
ATOM   520  C  CA  . TRP A 1 66  ? 5.815   16.335  15.434  1.00 61.02 ? 67  TRP A CA  1 
ATOM   521  C  C   . TRP A 1 66  ? 4.848   15.356  14.843  1.00 56.99 ? 67  TRP A C   1 
ATOM   522  O  O   . TRP A 1 66  ? 4.727   15.241  13.626  1.00 56.58 ? 67  TRP A O   1 
ATOM   523  C  CB  . TRP A 1 66  ? 6.102   17.439  14.430  1.00 64.46 ? 67  TRP A CB  1 
ATOM   524  C  CG  . TRP A 1 66  ? 5.429   18.715  14.827  1.00 68.35 ? 67  TRP A CG  1 
ATOM   525  C  CD1 . TRP A 1 66  ? 4.777   19.598  14.017  1.00 69.07 ? 67  TRP A CD1 1 
ATOM   526  C  CD2 . TRP A 1 66  ? 5.348   19.254  16.147  1.00 70.31 ? 67  TRP A CD2 1 
ATOM   527  N  NE1 . TRP A 1 66  ? 4.295   20.657  14.751  1.00 70.09 ? 67  TRP A NE1 1 
ATOM   528  C  CE2 . TRP A 1 66  ? 4.636   20.473  16.063  1.00 70.88 ? 67  TRP A CE2 1 
ATOM   529  C  CE3 . TRP A 1 66  ? 5.819   18.839  17.392  1.00 71.21 ? 67  TRP A CE3 1 
ATOM   530  C  CZ2 . TRP A 1 66  ? 4.376   21.266  17.187  1.00 71.76 ? 67  TRP A CZ2 1 
ATOM   531  C  CZ3 . TRP A 1 66  ? 5.563   19.632  18.492  1.00 72.13 ? 67  TRP A CZ3 1 
ATOM   532  C  CH2 . TRP A 1 66  ? 4.856   20.826  18.388  1.00 72.64 ? 67  TRP A CH2 1 
ATOM   533  N  N   . ASP A 1 67  ? 4.154   14.654  15.721  1.00 52.03 ? 68  ASP A N   1 
ATOM   534  C  CA  . ASP A 1 67  ? 3.176   13.689  15.282  1.00 47.14 ? 68  ASP A CA  1 
ATOM   535  C  C   . ASP A 1 67  ? 1.894   14.383  14.869  1.00 44.20 ? 68  ASP A C   1 
ATOM   536  O  O   . ASP A 1 67  ? 1.291   15.124  15.643  1.00 44.64 ? 68  ASP A O   1 
ATOM   537  C  CB  . ASP A 1 67  ? 2.902   12.678  16.393  1.00 46.00 ? 68  ASP A CB  1 
ATOM   538  C  CG  . ASP A 1 67  ? 4.136   11.898  16.763  1.00 45.07 ? 68  ASP A CG  1 
ATOM   539  O  OD1 . ASP A 1 67  ? 5.069   11.881  15.932  1.00 43.08 ? 68  ASP A OD1 1 
ATOM   540  O  OD2 . ASP A 1 67  ? 4.175   11.304  17.859  1.00 44.57 ? 68  ASP A OD2 1 
ATOM   541  N  N   . VAL A 1 68  ? 1.505   14.161  13.622  1.00 40.02 ? 69  VAL A N   1 
ATOM   542  C  CA  . VAL A 1 68  ? 0.276   14.717  13.094  1.00 35.85 ? 69  VAL A CA  1 
ATOM   543  C  C   . VAL A 1 68  ? -0.453  13.568  12.427  1.00 32.58 ? 69  VAL A C   1 
ATOM   544  O  O   . VAL A 1 68  ? 0.163   12.581  12.018  1.00 30.54 ? 69  VAL A O   1 
ATOM   545  C  CB  . VAL A 1 68  ? 0.537   15.847  12.050  1.00 36.60 ? 69  VAL A CB  1 
ATOM   546  C  CG1 . VAL A 1 68  ? 1.234   17.031  12.716  1.00 37.42 ? 69  VAL A CG1 1 
ATOM   547  C  CG2 . VAL A 1 68  ? 1.379   15.327  10.899  1.00 35.91 ? 69  VAL A CG2 1 
ATOM   548  N  N   . CYS A 1 69  ? -1.772  13.674  12.358  1.00 29.85 ? 70  CYS A N   1 
ATOM   549  C  CA  . CYS A 1 69  ? -2.564  12.641  11.710  1.00 29.12 ? 70  CYS A CA  1 
ATOM   550  C  C   . CYS A 1 69  ? -2.893  13.098  10.296  1.00 26.20 ? 70  CYS A C   1 
ATOM   551  O  O   . CYS A 1 69  ? -3.799  13.901  10.082  1.00 25.39 ? 70  CYS A O   1 
ATOM   552  C  CB  . CYS A 1 69  ? -3.839  12.375  12.500  1.00 30.58 ? 70  CYS A CB  1 
ATOM   553  S  SG  . CYS A 1 69  ? -3.551  11.462  14.048  1.00 34.07 ? 70  CYS A SG  1 
ATOM   554  N  N   . ALA A 1 70  ? -2.134  12.573  9.342   1.00 23.75 ? 71  ALA A N   1 
ATOM   555  C  CA  . ALA A 1 70  ? -2.273  12.913  7.941   1.00 22.73 ? 71  ALA A CA  1 
ATOM   556  C  C   . ALA A 1 70  ? -3.503  12.320  7.271   1.00 22.46 ? 71  ALA A C   1 
ATOM   557  O  O   . ALA A 1 70  ? -3.696  11.103  7.278   1.00 22.48 ? 71  ALA A O   1 
ATOM   558  C  CB  . ALA A 1 70  ? -1.030  12.467  7.193   1.00 22.29 ? 71  ALA A CB  1 
ATOM   559  N  N   . ASP A 1 71  ? -4.340  13.193  6.716   1.00 21.65 ? 72  ASP A N   1 
ATOM   560  C  CA  . ASP A 1 71  ? -5.519  12.780  5.973   1.00 20.39 ? 72  ASP A CA  1 
ATOM   561  C  C   . ASP A 1 71  ? -5.025  12.817  4.523   1.00 18.35 ? 72  ASP A C   1 
ATOM   562  O  O   . ASP A 1 71  ? -4.834  13.897  3.978   1.00 17.28 ? 72  ASP A O   1 
ATOM   563  C  CB  . ASP A 1 71  ? -6.669  13.799  6.112   1.00 24.37 ? 72  ASP A CB  1 
ATOM   564  C  CG  . ASP A 1 71  ? -7.350  13.767  7.482   1.00 26.45 ? 72  ASP A CG  1 
ATOM   565  O  OD1 . ASP A 1 71  ? -7.893  12.731  7.908   1.00 26.03 ? 72  ASP A OD1 1 
ATOM   566  O  OD2 . ASP A 1 71  ? -7.348  14.816  8.144   1.00 29.84 ? 72  ASP A OD2 1 
ATOM   567  N  N   . MET A 1 72  ? -4.787  11.662  3.911   1.00 16.66 ? 73  MET A N   1 
ATOM   568  C  CA  . MET A 1 72  ? -4.329  11.643  2.523   1.00 15.18 ? 73  MET A CA  1 
ATOM   569  C  C   . MET A 1 72  ? -5.467  11.275  1.573   1.00 14.13 ? 73  MET A C   1 
ATOM   570  O  O   . MET A 1 72  ? -6.504  10.734  1.981   1.00 14.25 ? 73  MET A O   1 
ATOM   571  C  CB  . MET A 1 72  ? -3.196  10.631  2.330   1.00 14.69 ? 73  MET A CB  1 
ATOM   572  C  CG  . MET A 1 72  ? -1.982  10.836  3.224   1.00 15.93 ? 73  MET A CG  1 
ATOM   573  S  SD  . MET A 1 72  ? -1.238  12.506  3.180   1.00 16.79 ? 73  MET A SD  1 
ATOM   574  C  CE  . MET A 1 72  ? -0.476  12.511  1.543   1.00 18.83 ? 73  MET A CE  1 
ATOM   575  N  N   . ILE A 1 73  ? -5.275  11.572  0.298   1.00 12.84 ? 74  ILE A N   1 
ATOM   576  C  CA  . ILE A 1 73  ? -6.276  11.238  -0.686  1.00 11.65 ? 74  ILE A CA  1 
ATOM   577  C  C   . ILE A 1 73  ? -5.567  10.920  -2.024  1.00 10.80 ? 74  ILE A C   1 
ATOM   578  O  O   . ILE A 1 73  ? -4.645  11.631  -2.457  1.00 9.95  ? 74  ILE A O   1 
ATOM   579  C  CB  . ILE A 1 73  ? -7.313  12.404  -0.797  1.00 11.23 ? 74  ILE A CB  1 
ATOM   580  C  CG1 . ILE A 1 73  ? -7.757  12.544  -2.214  1.00 12.46 ? 74  ILE A CG1 1 
ATOM   581  C  CG2 . ILE A 1 73  ? -6.635  13.785  -0.621  1.00 12.35 ? 74  ILE A CG2 1 
ATOM   582  C  CD1 . ILE A 1 73  ? -6.792  13.019  -2.937  1.00 13.25 ? 74  ILE A CD1 1 
ATOM   583  N  N   . GLY A 1 74  ? -5.985  9.840   -2.665  1.00 9.70  ? 75  GLY A N   1 
ATOM   584  C  CA  . GLY A 1 74  ? -5.359  9.467   -3.910  1.00 8.30  ? 75  GLY A CA  1 
ATOM   585  C  C   . GLY A 1 74  ? -6.363  9.039   -4.950  1.00 8.50  ? 75  GLY A C   1 
ATOM   586  O  O   . GLY A 1 74  ? -7.457  8.582   -4.630  1.00 8.73  ? 75  GLY A O   1 
ATOM   587  N  N   . SER A 1 75  ? -5.990  9.218   -6.212  1.00 9.52  ? 76  SER A N   1 
ATOM   588  C  CA  . SER A 1 75  ? -6.830  8.820   -7.340  1.00 9.25  ? 76  SER A CA  1 
ATOM   589  C  C   . SER A 1 75  ? -6.013  7.878   -8.176  1.00 10.73 ? 76  SER A C   1 
ATOM   590  O  O   . SER A 1 75  ? -4.788  7.986   -8.230  1.00 10.27 ? 76  SER A O   1 
ATOM   591  C  CB  . SER A 1 75  ? -7.279  10.004  -8.221  1.00 7.96  ? 76  SER A CB  1 
ATOM   592  O  OG  . SER A 1 75  ? -6.251  10.947  -8.496  1.00 5.48  ? 76  SER A OG  1 
ATOM   593  N  N   . PHE A 1 76  ? -6.691  6.955   -8.845  1.00 12.26 ? 77  PHE A N   1 
ATOM   594  C  CA  . PHE A 1 76  ? -5.973  5.973   -9.642  1.00 13.14 ? 77  PHE A CA  1 
ATOM   595  C  C   . PHE A 1 76  ? -6.335  5.917   -11.105 1.00 12.91 ? 77  PHE A C   1 
ATOM   596  O  O   . PHE A 1 76  ? -7.529  5.880   -11.454 1.00 12.21 ? 77  PHE A O   1 
ATOM   597  C  CB  . PHE A 1 76  ? -6.136  4.577   -9.036  1.00 12.55 ? 77  PHE A CB  1 
ATOM   598  C  CG  . PHE A 1 76  ? -5.834  4.511   -7.557  1.00 12.80 ? 77  PHE A CG  1 
ATOM   599  C  CD1 . PHE A 1 76  ? -6.764  4.961   -6.617  1.00 13.27 ? 77  PHE A CD1 1 
ATOM   600  C  CD2 . PHE A 1 76  ? -4.624  4.001   -7.103  1.00 14.46 ? 77  PHE A CD2 1 
ATOM   601  C  CE1 . PHE A 1 76  ? -6.495  4.906   -5.248  1.00 14.08 ? 77  PHE A CE1 1 
ATOM   602  C  CE2 . PHE A 1 76  ? -4.347  3.945   -5.735  1.00 15.55 ? 77  PHE A CE2 1 
ATOM   603  C  CZ  . PHE A 1 76  ? -5.292  4.400   -4.807  1.00 15.06 ? 77  PHE A CZ  1 
ATOM   604  N  N   . THR A 1 77  ? -5.317  5.926   -11.979 1.00 11.54 ? 78  THR A N   1 
ATOM   605  C  CA  . THR A 1 77  ? -5.654  5.863   -13.419 1.00 11.40 ? 78  THR A CA  1 
ATOM   606  C  C   . THR A 1 77  ? -5.211  4.402   -13.833 1.00 10.73 ? 78  THR A C   1 
ATOM   607  O  O   . THR A 1 77  ? -4.348  3.718   -13.230 1.00 12.42 ? 78  THR A O   1 
ATOM   608  C  CB  . THR A 1 77  ? -5.074  7.134   -14.310 1.00 12.15 ? 78  THR A CB  1 
ATOM   609  O  OG1 . THR A 1 77  ? -4.204  6.661   -15.364 1.00 15.50 ? 78  THR A OG1 1 
ATOM   610  C  CG2 . THR A 1 77  ? -4.153  8.041   -13.341 1.00 11.46 ? 78  THR A CG2 1 
ATOM   611  N  N   . ASP A 1 78  ? -5.989  3.866   -14.754 1.00 9.38  ? 79  ASP A N   1 
ATOM   612  C  CA  . ASP A 1 78  ? -5.809  2.497   -15.198 1.00 9.37  ? 79  ASP A CA  1 
ATOM   613  C  C   . ASP A 1 78  ? -4.745  2.324   -16.261 1.00 10.44 ? 79  ASP A C   1 
ATOM   614  O  O   . ASP A 1 78  ? -4.508  3.230   -17.058 1.00 11.64 ? 79  ASP A O   1 
ATOM   615  C  CB  . ASP A 1 78  ? -7.140  1.943   -15.709 1.00 6.61  ? 79  ASP A CB  1 
ATOM   616  C  CG  . ASP A 1 78  ? -8.248  2.025   -14.678 1.00 6.34  ? 79  ASP A CG  1 
ATOM   617  O  OD1 . ASP A 1 78  ? -8.563  3.150   -14.235 1.00 6.04  ? 79  ASP A OD1 1 
ATOM   618  O  OD2 . ASP A 1 78  ? -8.807  0.961   -14.330 1.00 3.94  ? 79  ASP A OD2 1 
ATOM   619  N  N   . THR A 1 79  ? -4.095  1.159   -16.262 1.00 11.49 ? 80  THR A N   1 
ATOM   620  C  CA  . THR A 1 79  ? -3.069  0.854   -17.267 1.00 12.70 ? 80  THR A CA  1 
ATOM   621  C  C   . THR A 1 79  ? -3.519  -0.350  -18.113 1.00 12.14 ? 80  THR A C   1 
ATOM   622  O  O   . THR A 1 79  ? -4.676  -0.774  -18.044 1.00 10.60 ? 80  THR A O   1 
ATOM   623  C  CB  . THR A 1 79  ? -1.696  0.507   -16.626 1.00 12.03 ? 80  THR A CB  1 
ATOM   624  O  OG1 . THR A 1 79  ? -1.790  -0.738  -15.930 1.00 11.82 ? 80  THR A OG1 1 
ATOM   625  C  CG2 . THR A 1 79  ? -1.262  1.586   -15.656 1.00 11.59 ? 80  THR A CG2 1 
ATOM   626  N  N   . GLU A 1 80  ? -2.599  -0.888  -18.906 1.00 12.74 ? 81  GLU A N   1 
ATOM   627  C  CA  . GLU A 1 80  ? -2.888  -2.045  -19.741 1.00 13.88 ? 81  GLU A CA  1 
ATOM   628  C  C   . GLU A 1 80  ? -3.032  -3.257  -18.834 1.00 12.09 ? 81  GLU A C   1 
ATOM   629  O  O   . GLU A 1 80  ? -3.484  -4.323  -19.258 1.00 9.47  ? 81  GLU A O   1 
ATOM   630  C  CB  . GLU A 1 80  ? -1.764  -2.277  -20.766 1.00 14.46 ? 81  GLU A CB  1 
ATOM   631  C  CG  . GLU A 1 80  ? -0.374  -2.417  -20.169 1.00 18.74 ? 81  GLU A CG  1 
ATOM   632  C  CD  . GLU A 1 80  ? 0.207   -1.103  -19.655 1.00 21.31 ? 81  GLU A CD  1 
ATOM   633  O  OE1 . GLU A 1 80  ? 1.215   -1.154  -18.916 1.00 24.00 ? 81  GLU A OE1 1 
ATOM   634  O  OE2 . GLU A 1 80  ? -0.321  -0.019  -19.989 1.00 22.27 ? 81  GLU A OE2 1 
ATOM   635  N  N   . ASP A 1 81  ? -2.634  -3.086  -17.577 1.00 11.65 ? 82  ASP A N   1 
ATOM   636  C  CA  . ASP A 1 81  ? -2.741  -4.167  -16.609 1.00 13.17 ? 82  ASP A CA  1 
ATOM   637  C  C   . ASP A 1 81  ? -3.710  -3.793  -15.513 1.00 11.53 ? 82  ASP A C   1 
ATOM   638  O  O   . ASP A 1 81  ? -3.461  -2.866  -14.739 1.00 10.69 ? 82  ASP A O   1 
ATOM   639  C  CB  . ASP A 1 81  ? -1.400  -4.505  -15.971 1.00 12.96 ? 82  ASP A CB  1 
ATOM   640  C  CG  . ASP A 1 81  ? -1.431  -5.837  -15.245 1.00 15.79 ? 82  ASP A CG  1 
ATOM   641  O  OD1 . ASP A 1 81  ? -2.265  -5.999  -14.327 1.00 15.28 ? 82  ASP A OD1 1 
ATOM   642  O  OD2 . ASP A 1 81  ? -0.621  -6.724  -15.601 1.00 16.36 ? 82  ASP A OD2 1 
ATOM   643  N  N   . PRO A 1 82  ? -4.823  -4.533  -15.424 1.00 10.53 ? 83  PRO A N   1 
ATOM   644  C  CA  . PRO A 1 82  ? -5.884  -4.332  -14.435 1.00 10.03 ? 83  PRO A CA  1 
ATOM   645  C  C   . PRO A 1 82  ? -5.429  -4.154  -12.979 1.00 10.51 ? 83  PRO A C   1 
ATOM   646  O  O   . PRO A 1 82  ? -6.105  -3.467  -12.203 1.00 11.93 ? 83  PRO A O   1 
ATOM   647  C  CB  . PRO A 1 82  ? -6.781  -5.559  -14.639 1.00 9.47  ? 83  PRO A CB  1 
ATOM   648  C  CG  . PRO A 1 82  ? -5.870  -6.580  -15.249 1.00 9.64  ? 83  PRO A CG  1 
ATOM   649  C  CD  . PRO A 1 82  ? -5.070  -5.755  -16.210 1.00 10.17 ? 83  PRO A CD  1 
ATOM   650  N  N   . ALA A 1 83  ? -4.292  -4.749  -12.613 1.00 7.43  ? 84  ALA A N   1 
ATOM   651  C  CA  . ALA A 1 83  ? -3.777  -4.652  -11.247 1.00 8.48  ? 84  ALA A CA  1 
ATOM   652  C  C   . ALA A 1 83  ? -2.786  -3.500  -11.016 1.00 8.91  ? 84  ALA A C   1 
ATOM   653  O  O   . ALA A 1 83  ? -2.590  -3.064  -9.874  1.00 9.08  ? 84  ALA A O   1 
ATOM   654  C  CB  . ALA A 1 83  ? -3.125  -5.968  -10.853 1.00 7.07  ? 84  ALA A CB  1 
ATOM   655  N  N   . LYS A 1 84  ? -2.182  -3.007  -12.100 1.00 8.77  ? 85  LYS A N   1 
ATOM   656  C  CA  . LYS A 1 84  ? -1.190  -1.934  -12.037 1.00 7.44  ? 85  LYS A CA  1 
ATOM   657  C  C   . LYS A 1 84  ? -1.733  -0.531  -12.300 1.00 9.60  ? 85  LYS A C   1 
ATOM   658  O  O   . LYS A 1 84  ? -2.059  -0.193  -13.422 1.00 10.35 ? 85  LYS A O   1 
ATOM   659  C  CB  . LYS A 1 84  ? -0.069  -2.251  -13.017 1.00 5.43  ? 85  LYS A CB  1 
ATOM   660  C  CG  . LYS A 1 84  ? 0.692   -3.490  -12.628 1.00 4.72  ? 85  LYS A CG  1 
ATOM   661  C  CD  . LYS A 1 84  ? 1.702   -3.872  -13.676 1.00 4.56  ? 85  LYS A CD  1 
ATOM   662  C  CE  . LYS A 1 84  ? 2.554   -5.026  -13.186 1.00 4.69  ? 85  LYS A CE  1 
ATOM   663  N  NZ  . LYS A 1 84  ? 3.501   -5.505  -14.225 1.00 7.60  ? 85  LYS A NZ  1 
ATOM   664  N  N   . PHE A 1 85  ? -1.786  0.292   -11.255 1.00 9.80  ? 86  PHE A N   1 
ATOM   665  C  CA  . PHE A 1 85  ? -2.308  1.660   -11.339 1.00 11.12 ? 86  PHE A CA  1 
ATOM   666  C  C   . PHE A 1 85  ? -1.243  2.758   -11.180 1.00 12.47 ? 86  PHE A C   1 
ATOM   667  O  O   . PHE A 1 85  ? -0.101  2.491   -10.814 1.00 12.70 ? 86  PHE A O   1 
ATOM   668  C  CB  . PHE A 1 85  ? -3.357  1.877   -10.230 1.00 9.93  ? 86  PHE A CB  1 
ATOM   669  C  CG  . PHE A 1 85  ? -4.545  0.965   -10.318 1.00 9.17  ? 86  PHE A CG  1 
ATOM   670  C  CD1 . PHE A 1 85  ? -5.675  1.341   -11.033 1.00 7.79  ? 86  PHE A CD1 1 
ATOM   671  C  CD2 . PHE A 1 85  ? -4.526  -0.288  -9.706  1.00 8.93  ? 86  PHE A CD2 1 
ATOM   672  C  CE1 . PHE A 1 85  ? -6.765  0.479   -11.140 1.00 5.71  ? 86  PHE A CE1 1 
ATOM   673  C  CE2 . PHE A 1 85  ? -5.619  -1.158  -9.812  1.00 3.78  ? 86  PHE A CE2 1 
ATOM   674  C  CZ  . PHE A 1 85  ? -6.735  -0.773  -10.530 1.00 4.30  ? 86  PHE A CZ  1 
ATOM   675  N  N   . LYS A 1 86  ? -1.639  3.993   -11.480 1.00 11.95 ? 87  LYS A N   1 
ATOM   676  C  CA  . LYS A 1 86  ? -0.781  5.155   -11.276 1.00 13.99 ? 87  LYS A CA  1 
ATOM   677  C  C   . LYS A 1 86  ? -1.559  5.937   -10.262 1.00 12.90 ? 87  LYS A C   1 
ATOM   678  O  O   . LYS A 1 86  ? -2.701  6.300   -10.519 1.00 12.22 ? 87  LYS A O   1 
ATOM   679  C  CB  . LYS A 1 86  ? -0.835  6.132   -12.325 1.00 15.33 ? 87  LYS A CB  1 
ATOM   680  C  CG  . LYS A 1 86  ? -0.072  5.984   -13.511 1.00 19.73 ? 87  LYS A CG  1 
ATOM   681  C  CD  . LYS A 1 86  ? 1.304   5.514   -13.890 1.00 25.15 ? 87  LYS A CD  1 
ATOM   682  C  CE  . LYS A 1 86  ? 1.849   4.227   -14.485 1.00 27.55 ? 87  LYS A CE  1 
ATOM   683  N  NZ  . LYS A 1 86  ? 2.221   3.791   -15.850 1.00 28.57 ? 87  LYS A NZ  1 
ATOM   684  N  N   . MET A 1 87  ? -0.946  6.221   -9.124  1.00 12.20 ? 88  MET A N   1 
ATOM   685  C  CA  . MET A 1 87  ? -1.641  6.942   -8.084  1.00 11.84 ? 88  MET A CA  1 
ATOM   686  C  C   . MET A 1 87  ? -1.106  8.331   -7.795  1.00 13.38 ? 88  MET A C   1 
ATOM   687  O  O   . MET A 1 87  ? 0.076   8.530   -7.512  1.00 13.22 ? 88  MET A O   1 
ATOM   688  C  CB  . MET A 1 87  ? -1.646  6.111   -6.798  1.00 11.02 ? 88  MET A CB  1 
ATOM   689  C  CG  . MET A 1 87  ? -2.214  6.858   -5.593  1.00 11.40 ? 88  MET A CG  1 
ATOM   690  S  SD  . MET A 1 87  ? -1.969  5.991   -4.057  1.00 7.57  ? 88  MET A SD  1 
ATOM   691  C  CE  . MET A 1 87  ? -0.248  6.222   -3.836  1.00 6.91  ? 88  MET A CE  1 
ATOM   692  N  N   . LYS A 1 88  ? -2.014  9.293   -7.855  1.00 13.93 ? 89  LYS A N   1 
ATOM   693  C  CA  . LYS A 1 88  ? -1.697  10.682  -7.584  1.00 14.18 ? 89  LYS A CA  1 
ATOM   694  C  C   . LYS A 1 88  ? -2.247  10.941  -6.179  1.00 12.37 ? 89  LYS A C   1 
ATOM   695  O  O   . LYS A 1 88  ? -3.415  10.684  -5.937  1.00 14.06 ? 89  LYS A O   1 
ATOM   696  C  CB  . LYS A 1 88  ? -2.396  11.553  -8.639  1.00 17.08 ? 89  LYS A CB  1 
ATOM   697  C  CG  . LYS A 1 88  ? -2.964  12.868  -8.130  1.00 21.25 ? 89  LYS A CG  1 
ATOM   698  C  CD  . LYS A 1 88  ? -1.994  14.008  -8.315  1.00 23.78 ? 89  LYS A CD  1 
ATOM   699  C  CE  . LYS A 1 88  ? -2.095  14.599  -9.717  1.00 25.27 ? 89  LYS A CE  1 
ATOM   700  N  NZ  . LYS A 1 88  ? -1.730  13.617  -10.795 1.00 26.99 ? 89  LYS A NZ  1 
ATOM   701  N  N   . TYR A 1 89  ? -1.415  11.412  -5.254  1.00 11.21 ? 90  TYR A N   1 
ATOM   702  C  CA  . TYR A 1 89  ? -1.879  11.683  -3.890  1.00 6.51  ? 90  TYR A CA  1 
ATOM   703  C  C   . TYR A 1 89  ? -1.522  13.073  -3.386  1.00 6.83  ? 90  TYR A C   1 
ATOM   704  O  O   . TYR A 1 89  ? -0.668  13.754  -3.940  1.00 7.48  ? 90  TYR A O   1 
ATOM   705  C  CB  . TYR A 1 89  ? -1.323  10.660  -2.895  1.00 5.67  ? 90  TYR A CB  1 
ATOM   706  C  CG  . TYR A 1 89  ? 0.184   10.621  -2.803  1.00 4.45  ? 90  TYR A CG  1 
ATOM   707  C  CD1 . TYR A 1 89  ? 0.934   9.979   -3.783  1.00 6.19  ? 90  TYR A CD1 1 
ATOM   708  C  CD2 . TYR A 1 89  ? 0.865   11.224  -1.739  1.00 7.07  ? 90  TYR A CD2 1 
ATOM   709  C  CE1 . TYR A 1 89  ? 2.318   9.923   -3.719  1.00 5.62  ? 90  TYR A CE1 1 
ATOM   710  C  CE2 . TYR A 1 89  ? 2.264   11.180  -1.664  1.00 6.31  ? 90  TYR A CE2 1 
ATOM   711  C  CZ  . TYR A 1 89  ? 2.981   10.522  -2.659  1.00 6.95  ? 90  TYR A CZ  1 
ATOM   712  O  OH  . TYR A 1 89  ? 4.359   10.434  -2.580  1.00 7.98  ? 90  TYR A OH  1 
ATOM   713  N  N   . TRP A 1 90  ? -2.175  13.464  -2.300  1.00 9.05  ? 91  TRP A N   1 
ATOM   714  C  CA  . TRP A 1 90  ? -1.977  14.761  -1.685  1.00 7.91  ? 91  TRP A CA  1 
ATOM   715  C  C   . TRP A 1 90  ? -2.759  14.755  -0.370  1.00 9.28  ? 91  TRP A C   1 
ATOM   716  O  O   . TRP A 1 90  ? -3.548  13.855  -0.131  1.00 8.68  ? 91  TRP A O   1 
ATOM   717  C  CB  . TRP A 1 90  ? -2.485  15.846  -2.640  1.00 10.19 ? 91  TRP A CB  1 
ATOM   718  C  CG  . TRP A 1 90  ? -3.978  15.860  -2.805  1.00 12.44 ? 91  TRP A CG  1 
ATOM   719  C  CD1 . TRP A 1 90  ? -4.874  16.497  -2.004  1.00 11.08 ? 91  TRP A CD1 1 
ATOM   720  C  CD2 . TRP A 1 90  ? -4.746  15.227  -3.846  1.00 13.65 ? 91  TRP A CD2 1 
ATOM   721  N  NE1 . TRP A 1 90  ? -6.151  16.312  -2.477  1.00 13.06 ? 91  TRP A NE1 1 
ATOM   722  C  CE2 . TRP A 1 90  ? -6.107  15.541  -3.607  1.00 12.91 ? 91  TRP A CE2 1 
ATOM   723  C  CE3 . TRP A 1 90  ? -4.418  14.422  -4.955  1.00 13.83 ? 91  TRP A CE3 1 
ATOM   724  C  CZ2 . TRP A 1 90  ? -7.151  15.086  -4.445  1.00 13.28 ? 91  TRP A CZ2 1 
ATOM   725  C  CZ3 . TRP A 1 90  ? -5.455  13.961  -5.788  1.00 14.46 ? 91  TRP A CZ3 1 
ATOM   726  C  CH2 . TRP A 1 90  ? -6.806  14.296  -5.522  1.00 13.71 ? 91  TRP A CH2 1 
ATOM   727  N  N   . GLY A 1 91  ? -2.541  15.741  0.490   1.00 11.40 ? 92  GLY A N   1 
ATOM   728  C  CA  . GLY A 1 91  ? -3.249  15.756  1.760   1.00 13.87 ? 92  GLY A CA  1 
ATOM   729  C  C   . GLY A 1 91  ? -4.210  16.916  1.879   1.00 16.00 ? 92  GLY A C   1 
ATOM   730  O  O   . GLY A 1 91  ? -4.113  17.859  1.095   1.00 16.89 ? 92  GLY A O   1 
ATOM   731  N  N   . VAL A 1 92  ? -5.144  16.848  2.835   1.00 18.59 ? 93  VAL A N   1 
ATOM   732  C  CA  . VAL A 1 92  ? -6.103  17.936  3.044   1.00 20.78 ? 93  VAL A CA  1 
ATOM   733  C  C   . VAL A 1 92  ? -5.307  19.169  3.455   1.00 21.85 ? 93  VAL A C   1 
ATOM   734  O  O   . VAL A 1 92  ? -5.653  20.293  3.081   1.00 22.47 ? 93  VAL A O   1 
ATOM   735  C  CB  . VAL A 1 92  ? -7.172  17.600  4.137   1.00 19.49 ? 93  VAL A CB  1 
ATOM   736  C  CG1 . VAL A 1 92  ? -8.068  16.462  3.653   1.00 18.99 ? 93  VAL A CG1 1 
ATOM   737  C  CG2 . VAL A 1 92  ? -6.496  17.236  5.452   1.00 20.84 ? 93  VAL A CG2 1 
ATOM   738  N  N   . ALA A 1 93  ? -4.235  18.933  4.215   1.00 23.21 ? 94  ALA A N   1 
ATOM   739  C  CA  . ALA A 1 93  ? -3.318  19.982  4.655   1.00 25.91 ? 94  ALA A CA  1 
ATOM   740  C  C   . ALA A 1 93  ? -2.292  20.127  3.531   1.00 27.87 ? 94  ALA A C   1 
ATOM   741  O  O   . ALA A 1 93  ? -1.906  19.149  2.885   1.00 29.08 ? 94  ALA A O   1 
ATOM   742  C  CB  . ALA A 1 93  ? -2.630  19.581  5.947   1.00 24.37 ? 94  ALA A CB  1 
ATOM   743  N  N   . SER A 1 94  ? -1.845  21.349  3.300   1.00 28.39 ? 95  SER A N   1 
ATOM   744  C  CA  . SER A 1 94  ? -0.905  21.635  2.222   1.00 30.21 ? 95  SER A CA  1 
ATOM   745  C  C   . SER A 1 94  ? 0.549   21.238  2.460   1.00 30.31 ? 95  SER A C   1 
ATOM   746  O  O   . SER A 1 94  ? 1.247   20.816  1.539   1.00 29.95 ? 95  SER A O   1 
ATOM   747  C  CB  . SER A 1 94  ? -0.977  23.118  1.944   1.00 30.43 ? 95  SER A CB  1 
ATOM   748  O  OG  . SER A 1 94  ? -1.004  23.776  3.200   1.00 34.38 ? 95  SER A OG  1 
ATOM   749  N  N   . PHE A 1 95  ? 1.022   21.393  3.689   1.00 29.54 ? 96  PHE A N   1 
ATOM   750  C  CA  . PHE A 1 95  ? 2.405   21.052  3.988   1.00 29.06 ? 96  PHE A CA  1 
ATOM   751  C  C   . PHE A 1 95  ? 2.679   19.548  3.825   1.00 28.74 ? 96  PHE A C   1 
ATOM   752  O  O   . PHE A 1 95  ? 3.836   19.119  3.752   1.00 29.60 ? 96  PHE A O   1 
ATOM   753  C  CB  . PHE A 1 95  ? 2.751   21.539  5.398   1.00 29.34 ? 96  PHE A CB  1 
ATOM   754  C  CG  . PHE A 1 95  ? 1.912   20.931  6.471   1.00 30.58 ? 96  PHE A CG  1 
ATOM   755  C  CD1 . PHE A 1 95  ? 2.234   19.685  6.979   1.00 30.13 ? 96  PHE A CD1 1 
ATOM   756  C  CD2 . PHE A 1 95  ? 0.805   21.603  6.979   1.00 30.42 ? 96  PHE A CD2 1 
ATOM   757  C  CE1 . PHE A 1 95  ? 1.477   19.110  7.978   1.00 30.10 ? 96  PHE A CE1 1 
ATOM   758  C  CE2 . PHE A 1 95  ? 0.033   21.039  7.982   1.00 31.05 ? 96  PHE A CE2 1 
ATOM   759  C  CZ  . PHE A 1 95  ? 0.370   19.788  8.486   1.00 31.18 ? 96  PHE A CZ  1 
ATOM   760  N  N   . LEU A 1 96  ? 1.612   18.754  3.758   1.00 27.52 ? 97  LEU A N   1 
ATOM   761  C  CA  . LEU A 1 96  ? 1.741   17.313  3.578   1.00 24.88 ? 97  LEU A CA  1 
ATOM   762  C  C   . LEU A 1 96  ? 2.128   17.042  2.140   1.00 23.74 ? 97  LEU A C   1 
ATOM   763  O  O   . LEU A 1 96  ? 1.675   17.707  1.215   1.00 23.50 ? 97  LEU A O   1 
ATOM   764  C  CB  . LEU A 1 96  ? 0.434   16.594  3.908   1.00 23.30 ? 97  LEU A CB  1 
ATOM   765  C  CG  . LEU A 1 96  ? 0.016   16.574  5.380   1.00 23.28 ? 97  LEU A CG  1 
ATOM   766  C  CD1 . LEU A 1 96  ? -1.326  15.873  5.526   1.00 23.25 ? 97  LEU A CD1 1 
ATOM   767  C  CD2 . LEU A 1 96  ? 1.081   15.865  6.196   1.00 23.90 ? 97  LEU A CD2 1 
ATOM   768  N  N   . GLN A 1 97  ? 2.971   16.047  1.956   1.00 23.02 ? 98  GLN A N   1 
ATOM   769  C  CA  . GLN A 1 97  ? 3.478   15.680  0.641   1.00 20.86 ? 98  GLN A CA  1 
ATOM   770  C  C   . GLN A 1 97  ? 2.441   15.316  -0.450  1.00 18.16 ? 98  GLN A C   1 
ATOM   771  O  O   . GLN A 1 97  ? 1.429   14.696  -0.155  1.00 16.01 ? 98  GLN A O   1 
ATOM   772  C  CB  . GLN A 1 97  ? 4.477   14.538  0.876   1.00 22.26 ? 98  GLN A CB  1 
ATOM   773  C  CG  . GLN A 1 97  ? 4.847   13.699  -0.306  1.00 24.70 ? 98  GLN A CG  1 
ATOM   774  C  CD  . GLN A 1 97  ? 5.749   12.541  0.099   1.00 26.51 ? 98  GLN A CD  1 
ATOM   775  O  OE1 . GLN A 1 97  ? 5.995   11.628  -0.692  1.00 27.66 ? 98  GLN A OE1 1 
ATOM   776  N  NE2 . GLN A 1 97  ? 6.250   12.576  1.338   1.00 27.87 ? 98  GLN A NE2 1 
ATOM   777  N  N   . LYS A 1 98  ? 2.693   15.760  -1.688  1.00 17.75 ? 99  LYS A N   1 
ATOM   778  C  CA  . LYS A 1 98  ? 1.879   15.446  -2.869  1.00 15.93 ? 99  LYS A CA  1 
ATOM   779  C  C   . LYS A 1 98  ? 2.825   14.559  -3.674  1.00 16.29 ? 99  LYS A C   1 
ATOM   780  O  O   . LYS A 1 98  ? 4.024   14.531  -3.396  1.00 15.95 ? 99  LYS A O   1 
ATOM   781  C  CB  . LYS A 1 98  ? 1.598   16.661  -3.766  1.00 17.07 ? 99  LYS A CB  1 
ATOM   782  C  CG  . LYS A 1 98  ? 0.716   17.784  -3.233  1.00 19.43 ? 99  LYS A CG  1 
ATOM   783  C  CD  . LYS A 1 98  ? 1.502   18.717  -2.301  1.00 21.09 ? 99  LYS A CD  1 
ATOM   784  C  CE  . LYS A 1 98  ? 0.599   19.455  -1.248  1.00 22.97 ? 99  LYS A CE  1 
ATOM   785  N  NZ  . LYS A 1 98  ? 0.207   20.941  -1.432  1.00 23.76 ? 99  LYS A NZ  1 
ATOM   786  N  N   . GLY A 1 99  ? 2.307   13.852  -4.675  1.00 14.72 ? 100 GLY A N   1 
ATOM   787  C  CA  . GLY A 1 99  ? 3.187   13.025  -5.465  1.00 12.85 ? 100 GLY A CA  1 
ATOM   788  C  C   . GLY A 1 99  ? 2.510   12.013  -6.334  1.00 13.96 ? 100 GLY A C   1 
ATOM   789  O  O   . GLY A 1 99  ? 1.294   11.850  -6.304  1.00 15.10 ? 100 GLY A O   1 
ATOM   790  N  N   . ASN A 1 100 ? 3.323   11.345  -7.135  1.00 11.98 ? 101 ASN A N   1 
ATOM   791  C  CA  . ASN A 1 100 ? 2.833   10.306  -8.008  1.00 12.69 ? 101 ASN A CA  1 
ATOM   792  C  C   . ASN A 1 100 ? 3.648   9.025   -7.926  1.00 10.61 ? 101 ASN A C   1 
ATOM   793  O  O   . ASN A 1 100 ? 4.814   8.992   -8.322  1.00 9.46  ? 101 ASN A O   1 
ATOM   794  C  CB  . ASN A 1 100 ? 2.788   10.773  -9.449  1.00 15.64 ? 101 ASN A CB  1 
ATOM   795  C  CG  . ASN A 1 100 ? 1.430   11.218  -9.838  1.00 18.17 ? 101 ASN A CG  1 
ATOM   796  O  OD1 . ASN A 1 100 ? 0.974   12.265  -9.389  1.00 18.43 ? 101 ASN A OD1 1 
ATOM   797  N  ND2 . ASN A 1 100 ? 0.747   10.419  -10.652 1.00 18.72 ? 101 ASN A ND2 1 
ATOM   798  N  N   . ASP A 1 101 ? 3.030   7.970   -7.399  1.00 10.07 ? 102 ASP A N   1 
ATOM   799  C  CA  . ASP A 1 101 ? 3.684   6.671   -7.294  1.00 8.70  ? 102 ASP A CA  1 
ATOM   800  C  C   . ASP A 1 101 ? 2.861   5.628   -8.018  1.00 7.14  ? 102 ASP A C   1 
ATOM   801  O  O   . ASP A 1 101 ? 1.646   5.739   -8.090  1.00 7.73  ? 102 ASP A O   1 
ATOM   802  C  CB  . ASP A 1 101 ? 3.760   6.125   -5.863  1.00 6.40  ? 102 ASP A CB  1 
ATOM   803  C  CG  . ASP A 1 101 ? 4.447   7.038   -4.882  1.00 8.28  ? 102 ASP A CG  1 
ATOM   804  O  OD1 . ASP A 1 101 ? 5.471   7.680   -5.203  1.00 8.75  ? 102 ASP A OD1 1 
ATOM   805  O  OD2 . ASP A 1 101 ? 3.949   7.070   -3.740  1.00 10.21 ? 102 ASP A OD2 1 
ATOM   806  N  N   . ASP A 1 102 ? 3.527   4.588   -8.508  1.00 8.14  ? 103 ASP A N   1 
ATOM   807  C  CA  . ASP A 1 102 ? 2.798   3.500   -9.129  1.00 10.95 ? 103 ASP A CA  1 
ATOM   808  C  C   . ASP A 1 102 ? 2.112   2.872   -7.927  1.00 11.66 ? 103 ASP A C   1 
ATOM   809  O  O   . ASP A 1 102 ? 2.545   3.050   -6.782  1.00 12.51 ? 103 ASP A O   1 
ATOM   810  C  CB  . ASP A 1 102 ? 3.702   2.404   -9.706  1.00 12.70 ? 103 ASP A CB  1 
ATOM   811  C  CG  . ASP A 1 102 ? 4.590   2.874   -10.840 1.00 11.76 ? 103 ASP A CG  1 
ATOM   812  O  OD1 . ASP A 1 102 ? 4.235   3.820   -11.575 1.00 10.15 ? 103 ASP A OD1 1 
ATOM   813  O  OD2 . ASP A 1 102 ? 5.656   2.241   -10.998 1.00 13.34 ? 103 ASP A OD2 1 
ATOM   814  N  N   . HIS A 1 103 ? 1.059   2.119   -8.188  1.00 11.49 ? 104 HIS A N   1 
ATOM   815  C  CA  . HIS A 1 103 ? 0.354   1.441   -7.126  1.00 12.49 ? 104 HIS A CA  1 
ATOM   816  C  C   . HIS A 1 103 ? -0.023  0.089   -7.710  1.00 12.14 ? 104 HIS A C   1 
ATOM   817  O  O   . HIS A 1 103 ? -0.941  0.006   -8.523  1.00 14.10 ? 104 HIS A O   1 
ATOM   818  C  CB  . HIS A 1 103 ? -0.900  2.233   -6.736  1.00 13.13 ? 104 HIS A CB  1 
ATOM   819  C  CG  . HIS A 1 103 ? -1.645  1.650   -5.572  1.00 14.05 ? 104 HIS A CG  1 
ATOM   820  N  ND1 . HIS A 1 103 ? -1.346  1.959   -4.262  1.00 15.22 ? 104 HIS A ND1 1 
ATOM   821  C  CD2 . HIS A 1 103 ? -2.660  0.755   -5.524  1.00 14.36 ? 104 HIS A CD2 1 
ATOM   822  C  CE1 . HIS A 1 103 ? -2.146  1.283   -3.458  1.00 13.81 ? 104 HIS A CE1 1 
ATOM   823  N  NE2 . HIS A 1 103 ? -2.952  0.546   -4.197  1.00 15.69 ? 104 HIS A NE2 1 
ATOM   824  N  N   . TRP A 1 104 ? 0.691   -0.962  -7.330  1.00 10.63 ? 105 TRP A N   1 
ATOM   825  C  CA  . TRP A 1 104 ? 0.372   -2.272  -7.862  1.00 10.58 ? 105 TRP A CA  1 
ATOM   826  C  C   . TRP A 1 104 ? -0.187  -3.191  -6.823  1.00 9.71  ? 105 TRP A C   1 
ATOM   827  O  O   . TRP A 1 104 ? 0.298   -3.253  -5.683  1.00 9.12  ? 105 TRP A O   1 
ATOM   828  C  CB  . TRP A 1 104 ? 1.592   -2.969  -8.446  1.00 11.48 ? 105 TRP A CB  1 
ATOM   829  C  CG  . TRP A 1 104 ? 2.262   -2.250  -9.553  1.00 13.05 ? 105 TRP A CG  1 
ATOM   830  C  CD1 . TRP A 1 104 ? 1.924   -1.039  -10.087 1.00 13.09 ? 105 TRP A CD1 1 
ATOM   831  C  CD2 . TRP A 1 104 ? 3.436   -2.679  -10.234 1.00 12.71 ? 105 TRP A CD2 1 
ATOM   832  N  NE1 . TRP A 1 104 ? 2.826   -0.689  -11.056 1.00 13.78 ? 105 TRP A NE1 1 
ATOM   833  C  CE2 . TRP A 1 104 ? 3.765   -1.681  -11.166 1.00 11.96 ? 105 TRP A CE2 1 
ATOM   834  C  CE3 . TRP A 1 104 ? 4.248   -3.822  -10.141 1.00 13.12 ? 105 TRP A CE3 1 
ATOM   835  C  CZ2 . TRP A 1 104 ? 4.872   -1.781  -12.003 1.00 13.01 ? 105 TRP A CZ2 1 
ATOM   836  C  CZ3 . TRP A 1 104 ? 5.359   -3.921  -10.980 1.00 13.37 ? 105 TRP A CZ3 1 
ATOM   837  C  CH2 . TRP A 1 104 ? 5.657   -2.904  -11.897 1.00 13.77 ? 105 TRP A CH2 1 
ATOM   838  N  N   . VAL A 1 105 ? -1.234  -3.913  -7.179  1.00 9.64  ? 106 VAL A N   1 
ATOM   839  C  CA  . VAL A 1 105 ? -1.742  -4.873  -6.211  1.00 11.12 ? 106 VAL A CA  1 
ATOM   840  C  C   . VAL A 1 105 ? -1.226  -6.275  -6.617  1.00 10.15 ? 106 VAL A C   1 
ATOM   841  O  O   . VAL A 1 105 ? -1.732  -6.909  -7.563  1.00 10.27 ? 106 VAL A O   1 
ATOM   842  C  CB  . VAL A 1 105 ? -3.334  -4.853  -6.107  1.00 12.07 ? 106 VAL A CB  1 
ATOM   843  C  CG1 . VAL A 1 105 ? -3.745  -5.751  -5.011  1.00 14.32 ? 106 VAL A CG1 1 
ATOM   844  C  CG2 . VAL A 1 105 ? -3.896  -3.402  -5.746  1.00 13.04 ? 106 VAL A CG2 1 
ATOM   845  N  N   . VAL A 1 106 ? -0.222  -6.756  -5.877  1.00 10.23 ? 107 VAL A N   1 
ATOM   846  C  CA  . VAL A 1 106 ? 0.397   -8.059  -6.162  1.00 10.89 ? 107 VAL A CA  1 
ATOM   847  C  C   . VAL A 1 106 ? -0.515  -9.243  -5.813  1.00 10.36 ? 107 VAL A C   1 
ATOM   848  O  O   . VAL A 1 106 ? -0.574  -10.215 -6.564  1.00 12.12 ? 107 VAL A O   1 
ATOM   849  C  CB  . VAL A 1 106 ? 1.859   -8.190  -5.510  1.00 7.89  ? 107 VAL A CB  1 
ATOM   850  C  CG1 . VAL A 1 106 ? 2.358   -6.824  -5.070  1.00 7.09  ? 107 VAL A CG1 1 
ATOM   851  C  CG2 . VAL A 1 106 ? 1.904   -9.170  -4.372  1.00 7.64  ? 107 VAL A CG2 1 
ATOM   852  N  N   . ASP A 1 107 ? -1.291  -9.136  -4.739  1.00 10.51 ? 108 ASP A N   1 
ATOM   853  C  CA  . ASP A 1 107 ? -2.207  -10.224 -4.404  1.00 12.36 ? 108 ASP A CA  1 
ATOM   854  C  C   . ASP A 1 107 ? -3.307  -9.844  -3.423  1.00 12.19 ? 108 ASP A C   1 
ATOM   855  O  O   . ASP A 1 107 ? -3.107  -9.008  -2.541  1.00 12.56 ? 108 ASP A O   1 
ATOM   856  C  CB  . ASP A 1 107 ? -1.424  -11.426 -3.865  1.00 12.16 ? 108 ASP A CB  1 
ATOM   857  C  CG  . ASP A 1 107 ? -2.265  -12.694 -3.808  1.00 13.16 ? 108 ASP A CG  1 
ATOM   858  O  OD1 . ASP A 1 107 ? -3.077  -12.899 -4.730  1.00 13.89 ? 108 ASP A OD1 1 
ATOM   859  O  OD2 . ASP A 1 107 ? -2.104  -13.491 -2.855  1.00 13.49 ? 108 ASP A OD2 1 
ATOM   860  N  N   . THR A 1 108 ? -4.471  -10.464 -3.598  1.00 9.59  ? 109 THR A N   1 
ATOM   861  C  CA  . THR A 1 108 ? -5.608  -10.235 -2.718  1.00 9.92  ? 109 THR A CA  1 
ATOM   862  C  C   . THR A 1 108 ? -6.694  -11.266 -2.913  1.00 8.23  ? 109 THR A C   1 
ATOM   863  O  O   . THR A 1 108 ? -6.807  -11.880 -3.973  1.00 8.66  ? 109 THR A O   1 
ATOM   864  C  CB  . THR A 1 108 ? -6.252  -8.835  -2.915  1.00 9.17  ? 109 THR A CB  1 
ATOM   865  O  OG1 . THR A 1 108 ? -7.407  -8.726  -2.082  1.00 5.04  ? 109 THR A OG1 1 
ATOM   866  C  CG2 . THR A 1 108 ? -6.682  -8.629  -4.341  1.00 8.98  ? 109 THR A CG2 1 
ATOM   867  N  N   . ASP A 1 109 ? -7.483  -11.452 -1.861  1.00 8.11  ? 110 ASP A N   1 
ATOM   868  C  CA  . ASP A 1 109 ? -8.446  -12.316 -1.720  1.00 6.97  ? 110 ASP A CA  1 
ATOM   869  C  C   . ASP A 1 109 ? -9.866  -11.551 -1.630  1.00 6.59  ? 110 ASP A C   1 
ATOM   870  O  O   . ASP A 1 109 ? -10.968 -12.082 -1.533  1.00 7.15  ? 110 ASP A O   1 
ATOM   871  C  CB  . ASP A 1 109 ? -8.383  -13.514 -0.866  1.00 7.84  ? 110 ASP A CB  1 
ATOM   872  C  CG  . ASP A 1 109 ? -8.650  -13.108 0.582   1.00 11.57 ? 110 ASP A CG  1 
ATOM   873  O  OD1 . ASP A 1 109 ? -8.289  -11.995 1.028   1.00 8.99  ? 110 ASP A OD1 1 
ATOM   874  O  OD2 . ASP A 1 109 ? -9.224  -13.961 1.293   1.00 11.28 ? 110 ASP A OD2 1 
ATOM   875  N  N   . TYR A 1 110 ? -10.280 -10.367 -1.887  1.00 8.85  ? 111 TYR A N   1 
ATOM   876  C  CA  . TYR A 1 110 ? -10.742 -9.249  -1.366  1.00 10.04 ? 111 TYR A CA  1 
ATOM   877  C  C   . TYR A 1 110 ? -11.470 -9.324  -0.024  1.00 8.85  ? 111 TYR A C   1 
ATOM   878  O  O   . TYR A 1 110 ? -11.850 -8.294  0.541   1.00 7.81  ? 111 TYR A O   1 
ATOM   879  C  CB  . TYR A 1 110 ? -11.766 -9.376  -2.504  1.00 8.28  ? 111 TYR A CB  1 
ATOM   880  C  CG  . TYR A 1 110 ? -11.182 -9.328  -3.909  1.00 9.30  ? 111 TYR A CG  1 
ATOM   881  C  CD1 . TYR A 1 110 ? -10.759 -8.120  -4.485  1.00 11.16 ? 111 TYR A CD1 1 
ATOM   882  C  CD2 . TYR A 1 110 ? -11.073 -10.487 -4.670  1.00 10.52 ? 111 TYR A CD2 1 
ATOM   883  C  CE1 . TYR A 1 110 ? -10.247 -8.076  -5.784  1.00 11.59 ? 111 TYR A CE1 1 
ATOM   884  C  CE2 . TYR A 1 110 ? -10.563 -10.456 -5.967  1.00 11.38 ? 111 TYR A CE2 1 
ATOM   885  C  CZ  . TYR A 1 110 ? -10.153 -9.251  -6.518  1.00 13.42 ? 111 TYR A CZ  1 
ATOM   886  O  OH  . TYR A 1 110 ? -9.647  -9.234  -7.798  1.00 14.66 ? 111 TYR A OH  1 
ATOM   887  N  N   . ASP A 1 111 ? -11.655 -10.549 0.472   1.00 11.45 ? 112 ASP A N   1 
ATOM   888  C  CA  . ASP A 1 111 ? -12.365 -10.818 1.720   1.00 10.90 ? 112 ASP A CA  1 
ATOM   889  C  C   . ASP A 1 111 ? -11.527 -10.723 2.990   1.00 11.77 ? 112 ASP A C   1 
ATOM   890  O  O   . ASP A 1 111 ? -12.073 -10.456 4.058   1.00 13.03 ? 112 ASP A O   1 
ATOM   891  C  CB  . ASP A 1 111 ? -12.993 -12.217 1.693   1.00 13.29 ? 112 ASP A CB  1 
ATOM   892  C  CG  . ASP A 1 111 ? -13.881 -12.476 0.470   1.00 14.25 ? 112 ASP A CG  1 
ATOM   893  O  OD1 . ASP A 1 111 ? -14.081 -13.675 0.184   1.00 17.04 ? 112 ASP A OD1 1 
ATOM   894  O  OD2 . ASP A 1 111 ? -14.381 -11.544 -0.197  1.00 14.09 ? 112 ASP A OD2 1 
ATOM   895  N  N   . THR A 1 112 ? -10.223 -10.970 2.905   1.00 10.90 ? 113 THR A N   1 
ATOM   896  C  CA  . THR A 1 112 ? -9.399  -10.894 4.114   1.00 12.10 ? 113 THR A CA  1 
ATOM   897  C  C   . THR A 1 112 ? -8.029  -10.200 4.009   1.00 10.76 ? 113 THR A C   1 
ATOM   898  O  O   . THR A 1 112 ? -7.538  -9.665  5.008   1.00 12.45 ? 113 THR A O   1 
ATOM   899  C  CB  . THR A 1 112 ? -9.167  -12.313 4.754   1.00 13.33 ? 113 THR A CB  1 
ATOM   900  O  OG1 . THR A 1 112 ? -8.404  -13.128 3.857   1.00 15.34 ? 113 THR A OG1 1 
ATOM   901  C  CG2 . THR A 1 112 ? -10.496 -13.016 5.046   1.00 13.47 ? 113 THR A CG2 1 
ATOM   902  N  N   . TYR A 1 113 ? -7.407  -10.201 2.831   1.00 10.46 ? 114 TYR A N   1 
ATOM   903  C  CA  . TYR A 1 113 ? -6.092  -9.571  2.701   1.00 8.02  ? 114 TYR A CA  1 
ATOM   904  C  C   . TYR A 1 113 ? -5.731  -9.040  1.324   1.00 7.49  ? 114 TYR A C   1 
ATOM   905  O  O   . TYR A 1 113 ? -6.180  -9.549  0.291   1.00 7.72  ? 114 TYR A O   1 
ATOM   906  C  CB  . TYR A 1 113 ? -4.982  -10.537 3.099   1.00 7.64  ? 114 TYR A CB  1 
ATOM   907  C  CG  . TYR A 1 113 ? -4.747  -11.582 2.045   1.00 7.23  ? 114 TYR A CG  1 
ATOM   908  C  CD1 . TYR A 1 113 ? -5.570  -12.695 1.960   1.00 8.52  ? 114 TYR A CD1 1 
ATOM   909  C  CD2 . TYR A 1 113 ? -3.762  -11.413 1.070   1.00 8.09  ? 114 TYR A CD2 1 
ATOM   910  C  CE1 . TYR A 1 113 ? -5.432  -13.617 0.929   1.00 8.52  ? 114 TYR A CE1 1 
ATOM   911  C  CE2 . TYR A 1 113 ? -3.613  -12.324 0.034   1.00 8.73  ? 114 TYR A CE2 1 
ATOM   912  C  CZ  . TYR A 1 113 ? -4.456  -13.424 -0.035  1.00 9.32  ? 114 TYR A CZ  1 
ATOM   913  O  OH  . TYR A 1 113 ? -4.347  -14.314 -1.082  1.00 9.82  ? 114 TYR A OH  1 
ATOM   914  N  N   . ALA A 1 114 ? -4.861  -8.037  1.344   1.00 8.30  ? 115 ALA A N   1 
ATOM   915  C  CA  . ALA A 1 114 ? -4.371  -7.382  0.147   1.00 7.83  ? 115 ALA A CA  1 
ATOM   916  C  C   . ALA A 1 114 ? -2.895  -7.081  0.335   1.00 9.40  ? 115 ALA A C   1 
ATOM   917  O  O   . ALA A 1 114 ? -2.448  -6.668  1.411   1.00 9.64  ? 115 ALA A O   1 
ATOM   918  C  CB  . ALA A 1 114 ? -5.130  -6.105  -0.103  1.00 7.28  ? 115 ALA A CB  1 
ATOM   919  N  N   . LEU A 1 115 ? -2.141  -7.272  -0.736  1.00 9.83  ? 116 LEU A N   1 
ATOM   920  C  CA  . LEU A 1 115 ? -0.712  -7.053  -0.703  1.00 10.21 ? 116 LEU A CA  1 
ATOM   921  C  C   . LEU A 1 115 ? -0.327  -6.045  -1.797  1.00 10.00 ? 116 LEU A C   1 
ATOM   922  O  O   . LEU A 1 115 ? -0.406  -6.320  -2.996  1.00 9.43  ? 116 LEU A O   1 
ATOM   923  C  CB  . LEU A 1 115 ? -0.022  -8.405  -0.890  1.00 14.07 ? 116 LEU A CB  1 
ATOM   924  C  CG  . LEU A 1 115 ? 1.365   -8.542  -0.296  1.00 17.18 ? 116 LEU A CG  1 
ATOM   925  C  CD1 . LEU A 1 115 ? 2.298   -7.574  -1.011  1.00 18.25 ? 116 LEU A CD1 1 
ATOM   926  C  CD2 . LEU A 1 115 ? 1.304   -8.273  1.211   1.00 19.06 ? 116 LEU A CD2 1 
ATOM   927  N  N   . HIS A 1 116 ? 0.107   -4.874  -1.354  1.00 9.20  ? 117 HIS A N   1 
ATOM   928  C  CA  . HIS A 1 116 ? 0.464   -3.786  -2.246  1.00 9.11  ? 117 HIS A CA  1 
ATOM   929  C  C   . HIS A 1 116 ? 1.974   -3.599  -2.392  1.00 8.02  ? 117 HIS A C   1 
ATOM   930  O  O   . HIS A 1 116 ? 2.749   -4.035  -1.546  1.00 8.25  ? 117 HIS A O   1 
ATOM   931  C  CB  . HIS A 1 116 ? -0.218  -2.510  -1.733  1.00 11.70 ? 117 HIS A CB  1 
ATOM   932  C  CG  . HIS A 1 116 ? 0.589   -1.267  -1.927  1.00 14.49 ? 117 HIS A CG  1 
ATOM   933  N  ND1 . HIS A 1 116 ? 0.593   -0.560  -3.109  1.00 16.98 ? 117 HIS A ND1 1 
ATOM   934  C  CD2 . HIS A 1 116 ? 1.460   -0.635  -1.105  1.00 12.39 ? 117 HIS A CD2 1 
ATOM   935  C  CE1 . HIS A 1 116 ? 1.435   0.453   -3.009  1.00 16.64 ? 117 HIS A CE1 1 
ATOM   936  N  NE2 . HIS A 1 116 ? 1.976   0.428   -1.803  1.00 15.48 ? 117 HIS A NE2 1 
ATOM   937  N  N   . TYR A 1 117 ? 2.378   -2.950  -3.481  1.00 6.81  ? 118 TYR A N   1 
ATOM   938  C  CA  . TYR A 1 117 ? 3.788   -2.711  -3.753  1.00 6.31  ? 118 TYR A CA  1 
ATOM   939  C  C   . TYR A 1 117 ? 4.008   -1.530  -4.679  1.00 7.91  ? 118 TYR A C   1 
ATOM   940  O  O   . TYR A 1 117 ? 3.236   -1.304  -5.604  1.00 8.08  ? 118 TYR A O   1 
ATOM   941  C  CB  . TYR A 1 117 ? 4.419   -3.956  -4.371  1.00 6.13  ? 118 TYR A CB  1 
ATOM   942  C  CG  . TYR A 1 117 ? 5.835   -3.755  -4.841  1.00 8.79  ? 118 TYR A CG  1 
ATOM   943  C  CD1 . TYR A 1 117 ? 6.911   -3.827  -3.948  1.00 9.68  ? 118 TYR A CD1 1 
ATOM   944  C  CD2 . TYR A 1 117 ? 6.103   -3.505  -6.186  1.00 9.00  ? 118 TYR A CD2 1 
ATOM   945  C  CE1 . TYR A 1 117 ? 8.215   -3.664  -4.388  1.00 10.52 ? 118 TYR A CE1 1 
ATOM   946  C  CE2 . TYR A 1 117 ? 7.402   -3.338  -6.637  1.00 9.63  ? 118 TYR A CE2 1 
ATOM   947  C  CZ  . TYR A 1 117 ? 8.452   -3.422  -5.739  1.00 10.24 ? 118 TYR A CZ  1 
ATOM   948  O  OH  . TYR A 1 117 ? 9.729   -3.293  -6.214  1.00 8.27  ? 118 TYR A OH  1 
ATOM   949  N  N   . SER A 1 118 ? 5.076   -0.783  -4.427  1.00 7.63  ? 119 SER A N   1 
ATOM   950  C  CA  . SER A 1 118 ? 5.415   0.362   -5.252  1.00 7.72  ? 119 SER A CA  1 
ATOM   951  C  C   . SER A 1 118 ? 6.933   0.596   -5.264  1.00 9.32  ? 119 SER A C   1 
ATOM   952  O  O   . SER A 1 118 ? 7.559   0.696   -4.215  1.00 8.36  ? 119 SER A O   1 
ATOM   953  C  CB  . SER A 1 118 ? 4.681   1.599   -4.730  1.00 8.24  ? 119 SER A CB  1 
ATOM   954  O  OG  . SER A 1 118 ? 4.915   2.735   -5.547  1.00 9.23  ? 119 SER A OG  1 
ATOM   955  N  N   . CYS A 1 119 ? 7.515   0.644   -6.462  1.00 12.03 ? 120 CYS A N   1 
ATOM   956  C  CA  . CYS A 1 119 ? 8.943   0.910   -6.619  1.00 14.07 ? 120 CYS A CA  1 
ATOM   957  C  C   . CYS A 1 119 ? 9.093   2.336   -7.108  1.00 13.22 ? 120 CYS A C   1 
ATOM   958  O  O   . CYS A 1 119 ? 8.763   2.635   -8.251  1.00 12.51 ? 120 CYS A O   1 
ATOM   959  C  CB  . CYS A 1 119 ? 9.599   -0.013  -7.649  1.00 14.26 ? 120 CYS A CB  1 
ATOM   960  S  SG  . CYS A 1 119 ? 11.356  0.396   -7.851  1.00 14.50 ? 120 CYS A SG  1 
ATOM   961  N  N   . ARG A 1 120 ? 9.590   3.213   -6.243  1.00 13.90 ? 121 ARG A N   1 
ATOM   962  C  CA  . ARG A 1 120 ? 9.769   4.619   -6.601  1.00 16.03 ? 121 ARG A CA  1 
ATOM   963  C  C   . ARG A 1 120 ? 11.006  4.861   -7.451  1.00 18.81 ? 121 ARG A C   1 
ATOM   964  O  O   . ARG A 1 120 ? 11.062  5.799   -8.244  1.00 17.27 ? 121 ARG A O   1 
ATOM   965  C  CB  . ARG A 1 120 ? 9.857   5.474   -5.334  1.00 13.50 ? 121 ARG A CB  1 
ATOM   966  C  CG  . ARG A 1 120 ? 8.513   5.759   -4.684  1.00 10.84 ? 121 ARG A CG  1 
ATOM   967  C  CD  . ARG A 1 120 ? 8.665   6.531   -3.377  1.00 8.02  ? 121 ARG A CD  1 
ATOM   968  N  NE  . ARG A 1 120 ? 7.378   7.052   -2.929  1.00 6.42  ? 121 ARG A NE  1 
ATOM   969  C  CZ  . ARG A 1 120 ? 7.162   7.640   -1.757  1.00 5.15  ? 121 ARG A CZ  1 
ATOM   970  N  NH1 . ARG A 1 120 ? 5.946   8.081   -1.454  1.00 5.39  ? 121 ARG A NH1 1 
ATOM   971  N  NH2 . ARG A 1 120 ? 8.151   7.782   -0.884  1.00 3.84  ? 121 ARG A NH2 1 
ATOM   972  N  N   . GLU A 1 121 ? 11.982  3.980   -7.299  1.00 21.84 ? 122 GLU A N   1 
ATOM   973  C  CA  . GLU A 1 121 ? 13.247  4.118   -7.992  1.00 23.55 ? 122 GLU A CA  1 
ATOM   974  C  C   . GLU A 1 121 ? 13.759  2.778   -8.527  1.00 24.05 ? 122 GLU A C   1 
ATOM   975  O  O   . GLU A 1 121 ? 13.966  1.843   -7.761  1.00 22.91 ? 122 GLU A O   1 
ATOM   976  C  CB  . GLU A 1 121 ? 14.246  4.725   -7.006  1.00 27.00 ? 122 GLU A CB  1 
ATOM   977  C  CG  . GLU A 1 121 ? 15.658  4.704   -7.475  1.00 31.97 ? 122 GLU A CG  1 
ATOM   978  C  CD  . GLU A 1 121 ? 15.833  5.516   -8.723  1.00 34.56 ? 122 GLU A CD  1 
ATOM   979  O  OE1 . GLU A 1 121 ? 15.704  6.758   -8.640  1.00 36.78 ? 122 GLU A OE1 1 
ATOM   980  O  OE2 . GLU A 1 121 ? 16.089  4.906   -9.782  1.00 36.20 ? 122 GLU A OE2 1 
ATOM   981  N  N   . LEU A 1 122 ? 13.961  2.697   -9.841  1.00 24.56 ? 123 LEU A N   1 
ATOM   982  C  CA  . LEU A 1 122 ? 14.449  1.474   -10.498 1.00 24.54 ? 123 LEU A CA  1 
ATOM   983  C  C   . LEU A 1 122 ? 15.983  1.532   -10.617 1.00 24.51 ? 123 LEU A C   1 
ATOM   984  O  O   . LEU A 1 122 ? 16.544  2.604   -10.809 1.00 23.57 ? 123 LEU A O   1 
ATOM   985  C  CB  . LEU A 1 122 ? 13.832  1.352   -11.908 1.00 24.17 ? 123 LEU A CB  1 
ATOM   986  C  CG  . LEU A 1 122 ? 13.179  0.057   -12.414 1.00 23.73 ? 123 LEU A CG  1 
ATOM   987  C  CD1 . LEU A 1 122 ? 11.775  -0.053  -11.861 1.00 23.81 ? 123 LEU A CD1 1 
ATOM   988  C  CD2 . LEU A 1 122 ? 13.112  0.058   -13.927 1.00 22.74 ? 123 LEU A CD2 1 
ATOM   989  N  N   . ASN A 1 123 ? 16.660  0.394   -10.486 1.00 26.88 ? 124 ASN A N   1 
ATOM   990  C  CA  . ASN A 1 123 ? 18.120  0.366   -10.619 1.00 28.63 ? 124 ASN A CA  1 
ATOM   991  C  C   . ASN A 1 123 ? 18.469  0.119   -12.074 1.00 28.74 ? 124 ASN A C   1 
ATOM   992  O  O   . ASN A 1 123 ? 17.590  -0.022  -12.926 1.00 28.35 ? 124 ASN A O   1 
ATOM   993  C  CB  . ASN A 1 123 ? 18.758  -0.782  -9.835  1.00 30.48 ? 124 ASN A CB  1 
ATOM   994  C  CG  . ASN A 1 123 ? 18.937  -0.485  -8.359  1.00 31.70 ? 124 ASN A CG  1 
ATOM   995  O  OD1 . ASN A 1 123 ? 19.541  0.519   -7.967  1.00 32.73 ? 124 ASN A OD1 1 
ATOM   996  N  ND2 . ASN A 1 123 ? 18.426  -1.384  -7.523  1.00 31.68 ? 124 ASN A ND2 1 
ATOM   997  N  N   . GLU A 1 124 ? 19.759  0.011   -12.347 1.00 29.57 ? 125 GLU A N   1 
ATOM   998  C  CA  . GLU A 1 124 ? 20.208  -0.217  -13.699 1.00 30.97 ? 125 GLU A CA  1 
ATOM   999  C  C   . GLU A 1 124 ? 20.040  -1.577  -14.192 1.00 30.47 ? 125 GLU A C   1 
ATOM   1000 O  O   . GLU A 1 124 ? 20.090  -1.806  -15.395 1.00 30.38 ? 125 GLU A O   1 
ATOM   1001 C  CB  . GLU A 1 124 ? 21.622  0.176   -13.778 1.00 33.24 ? 125 GLU A CB  1 
ATOM   1002 C  CG  . GLU A 1 124 ? 21.582  1.638   -13.401 1.00 37.02 ? 125 GLU A CG  1 
ATOM   1003 C  CD  . GLU A 1 124 ? 21.458  2.448   -14.641 1.00 39.24 ? 125 GLU A CD  1 
ATOM   1004 O  OE1 . GLU A 1 124 ? 22.552  2.860   -15.027 1.00 40.95 ? 125 GLU A OE1 1 
ATOM   1005 O  OE2 . GLU A 1 124 ? 20.377  2.577   -15.290 1.00 40.37 ? 125 GLU A OE2 1 
ATOM   1006 N  N   . ASP A 1 125 ? 19.827  -2.481  -13.259 1.00 31.22 ? 126 ASP A N   1 
ATOM   1007 C  CA  . ASP A 1 125 ? 19.633  -3.839  -13.646 1.00 30.18 ? 126 ASP A CA  1 
ATOM   1008 C  C   . ASP A 1 125 ? 18.170  -4.241  -13.514 1.00 29.69 ? 126 ASP A C   1 
ATOM   1009 O  O   . ASP A 1 125 ? 17.849  -5.425  -13.480 1.00 29.82 ? 126 ASP A O   1 
ATOM   1010 C  CB  . ASP A 1 125 ? 20.573  -4.741  -12.846 1.00 30.57 ? 126 ASP A CB  1 
ATOM   1011 C  CG  . ASP A 1 125 ? 20.172  -4.891  -11.394 1.00 30.34 ? 126 ASP A CG  1 
ATOM   1012 O  OD1 . ASP A 1 125 ? 19.770  -3.906  -10.745 1.00 30.80 ? 126 ASP A OD1 1 
ATOM   1013 O  OD2 . ASP A 1 125 ? 20.282  -6.027  -10.897 1.00 31.40 ? 126 ASP A OD2 1 
ATOM   1014 N  N   . GLY A 1 126 ? 17.287  -3.239  -13.468 1.00 29.19 ? 127 GLY A N   1 
ATOM   1015 C  CA  . GLY A 1 126 ? 15.861  -3.499  -13.388 1.00 27.45 ? 127 GLY A CA  1 
ATOM   1016 C  C   . GLY A 1 126 ? 15.281  -3.821  -12.031 1.00 27.50 ? 127 GLY A C   1 
ATOM   1017 O  O   . GLY A 1 126 ? 14.063  -3.875  -11.892 1.00 29.57 ? 127 GLY A O   1 
ATOM   1018 N  N   . THR A 1 127 ? 16.124  -4.060  -11.036 1.00 25.77 ? 128 THR A N   1 
ATOM   1019 C  CA  . THR A 1 127 ? 15.611  -4.359  -9.707  1.00 24.06 ? 128 THR A CA  1 
ATOM   1020 C  C   . THR A 1 127 ? 15.326  -3.015  -9.056  1.00 21.63 ? 128 THR A C   1 
ATOM   1021 O  O   . THR A 1 127 ? 15.885  -1.995  -9.456  1.00 21.90 ? 128 THR A O   1 
ATOM   1022 C  CB  . THR A 1 127 ? 16.632  -5.142  -8.845  1.00 24.99 ? 128 THR A CB  1 
ATOM   1023 O  OG1 . THR A 1 127 ? 17.804  -4.344  -8.646  1.00 25.15 ? 128 THR A OG1 1 
ATOM   1024 C  CG2 . THR A 1 127 ? 17.028  -6.443  -9.526  1.00 23.95 ? 128 THR A CG2 1 
ATOM   1025 N  N   . CYS A 1 128 ? 14.462  -3.015  -8.049  1.00 18.44 ? 129 CYS A N   1 
ATOM   1026 C  CA  . CYS A 1 128 ? 14.092  -1.775  -7.377  1.00 15.88 ? 129 CYS A CA  1 
ATOM   1027 C  C   . CYS A 1 128 ? 15.105  -1.213  -6.375  1.00 13.34 ? 129 CYS A C   1 
ATOM   1028 O  O   . CYS A 1 128 ? 15.560  -1.926  -5.482  1.00 13.22 ? 129 CYS A O   1 
ATOM   1029 C  CB  . CYS A 1 128 ? 12.751  -1.947  -6.662  1.00 13.41 ? 129 CYS A CB  1 
ATOM   1030 S  SG  . CYS A 1 128 ? 12.158  -0.327  -6.136  1.00 15.66 ? 129 CYS A SG  1 
ATOM   1031 N  N   . ALA A 1 129 ? 15.423  0.072   -6.505  1.00 11.02 ? 130 ALA A N   1 
ATOM   1032 C  CA  . ALA A 1 129 ? 16.356  0.743   -5.599  1.00 9.46  ? 130 ALA A CA  1 
ATOM   1033 C  C   . ALA A 1 129 ? 15.665  1.250   -4.341  1.00 10.11 ? 130 ALA A C   1 
ATOM   1034 O  O   . ALA A 1 129 ? 16.170  1.066   -3.245  1.00 11.79 ? 130 ALA A O   1 
ATOM   1035 C  CB  . ALA A 1 129 ? 17.021  1.900   -6.301  1.00 9.12  ? 130 ALA A CB  1 
ATOM   1036 N  N   . ASP A 1 130 ? 14.514  1.903   -4.509  1.00 12.28 ? 131 ASP A N   1 
ATOM   1037 C  CA  . ASP A 1 130 ? 13.738  2.453   -3.393  1.00 11.56 ? 131 ASP A CA  1 
ATOM   1038 C  C   . ASP A 1 130 ? 12.277  2.005   -3.535  1.00 10.91 ? 131 ASP A C   1 
ATOM   1039 O  O   . ASP A 1 130 ? 11.611  2.299   -4.528  1.00 11.64 ? 131 ASP A O   1 
ATOM   1040 C  CB  . ASP A 1 130 ? 13.877  3.991   -3.390  1.00 9.44  ? 131 ASP A CB  1 
ATOM   1041 C  CG  . ASP A 1 130 ? 13.011  4.683   -2.333  1.00 9.64  ? 131 ASP A CG  1 
ATOM   1042 O  OD1 . ASP A 1 130 ? 12.657  4.066   -1.304  1.00 6.87  ? 131 ASP A OD1 1 
ATOM   1043 O  OD2 . ASP A 1 130 ? 12.700  5.879   -2.532  1.00 6.85  ? 131 ASP A OD2 1 
ATOM   1044 N  N   . SER A 1 131 ? 11.784  1.288   -2.530  1.00 10.22 ? 132 SER A N   1 
ATOM   1045 C  CA  . SER A 1 131 ? 10.430  0.755   -2.581  1.00 9.94  ? 132 SER A CA  1 
ATOM   1046 C  C   . SER A 1 131 ? 9.739   0.662   -1.233  1.00 10.20 ? 132 SER A C   1 
ATOM   1047 O  O   . SER A 1 131 ? 10.390  0.645   -0.195  1.00 12.20 ? 132 SER A O   1 
ATOM   1048 C  CB  . SER A 1 131 ? 10.483  -0.656  -3.153  1.00 9.83  ? 132 SER A CB  1 
ATOM   1049 O  OG  . SER A 1 131 ? 11.162  -1.499  -2.235  1.00 5.30  ? 132 SER A OG  1 
ATOM   1050 N  N   . TYR A 1 132 ? 8.409   0.618   -1.266  1.00 10.55 ? 133 TYR A N   1 
ATOM   1051 C  CA  . TYR A 1 132 ? 7.614   0.409   -0.061  1.00 10.04 ? 133 TYR A CA  1 
ATOM   1052 C  C   . TYR A 1 132 ? 6.523   -0.598  -0.393  1.00 9.65  ? 133 TYR A C   1 
ATOM   1053 O  O   . TYR A 1 132 ? 6.241   -0.870  -1.566  1.00 10.25 ? 133 TYR A O   1 
ATOM   1054 C  CB  . TYR A 1 132 ? 6.993   1.702   0.523   1.00 6.09  ? 133 TYR A CB  1 
ATOM   1055 C  CG  . TYR A 1 132 ? 5.972   2.440   -0.320  1.00 6.37  ? 133 TYR A CG  1 
ATOM   1056 C  CD1 . TYR A 1 132 ? 6.375   3.407   -1.241  1.00 8.10  ? 133 TYR A CD1 1 
ATOM   1057 C  CD2 . TYR A 1 132 ? 4.596   2.216   -0.163  1.00 5.73  ? 133 TYR A CD2 1 
ATOM   1058 C  CE1 . TYR A 1 132 ? 5.440   4.140   -1.983  1.00 7.65  ? 133 TYR A CE1 1 
ATOM   1059 C  CE2 . TYR A 1 132 ? 3.648   2.949   -0.903  1.00 5.54  ? 133 TYR A CE2 1 
ATOM   1060 C  CZ  . TYR A 1 132 ? 4.080   3.907   -1.809  1.00 7.25  ? 133 TYR A CZ  1 
ATOM   1061 O  OH  . TYR A 1 132 ? 3.152   4.625   -2.533  1.00 4.60  ? 133 TYR A OH  1 
ATOM   1062 N  N   . SER A 1 133 ? 5.929   -1.172  0.644   1.00 9.83  ? 134 SER A N   1 
ATOM   1063 C  CA  . SER A 1 133 ? 4.877   -2.148  0.462   1.00 8.03  ? 134 SER A CA  1 
ATOM   1064 C  C   . SER A 1 133 ? 3.963   -2.153  1.667   1.00 8.30  ? 134 SER A C   1 
ATOM   1065 O  O   . SER A 1 133 ? 4.395   -1.868  2.781   1.00 8.72  ? 134 SER A O   1 
ATOM   1066 C  CB  . SER A 1 133 ? 5.476   -3.534  0.285   1.00 8.83  ? 134 SER A CB  1 
ATOM   1067 O  OG  . SER A 1 133 ? 4.448   -4.503  0.213   1.00 9.71  ? 134 SER A OG  1 
ATOM   1068 N  N   . PHE A 1 134 ? 2.693   -2.473  1.437   1.00 8.48  ? 135 PHE A N   1 
ATOM   1069 C  CA  . PHE A 1 134 ? 1.705   -2.540  2.502   1.00 8.18  ? 135 PHE A CA  1 
ATOM   1070 C  C   . PHE A 1 134 ? 1.022   -3.885  2.509   1.00 9.11  ? 135 PHE A C   1 
ATOM   1071 O  O   . PHE A 1 134 ? 0.806   -4.503  1.466   1.00 9.34  ? 135 PHE A O   1 
ATOM   1072 C  CB  . PHE A 1 134 ? 0.619   -1.478  2.334   1.00 8.68  ? 135 PHE A CB  1 
ATOM   1073 C  CG  . PHE A 1 134 ? 1.011   -0.115  2.830   1.00 10.01 ? 135 PHE A CG  1 
ATOM   1074 C  CD1 . PHE A 1 134 ? 1.070   0.170   4.189   1.00 9.96  ? 135 PHE A CD1 1 
ATOM   1075 C  CD2 . PHE A 1 134 ? 1.318   0.891   1.930   1.00 10.57 ? 135 PHE A CD2 1 
ATOM   1076 C  CE1 . PHE A 1 134 ? 1.430   1.448   4.638   1.00 12.17 ? 135 PHE A CE1 1 
ATOM   1077 C  CE2 . PHE A 1 134 ? 1.677   2.164   2.363   1.00 11.81 ? 135 PHE A CE2 1 
ATOM   1078 C  CZ  . PHE A 1 134 ? 1.735   2.445   3.718   1.00 12.46 ? 135 PHE A CZ  1 
ATOM   1079 N  N   . VAL A 1 135 ? 0.688   -4.336  3.703   1.00 9.50  ? 136 VAL A N   1 
ATOM   1080 C  CA  . VAL A 1 135 ? -0.033  -5.577  3.873   1.00 9.80  ? 136 VAL A CA  1 
ATOM   1081 C  C   . VAL A 1 135 ? -1.293  -5.144  4.609   1.00 9.15  ? 136 VAL A C   1 
ATOM   1082 O  O   . VAL A 1 135 ? -1.231  -4.691  5.750   1.00 8.23  ? 136 VAL A O   1 
ATOM   1083 C  CB  . VAL A 1 135 ? 0.748   -6.588  4.733   1.00 10.29 ? 136 VAL A CB  1 
ATOM   1084 C  CG1 . VAL A 1 135 ? -0.040  -7.881  4.830   1.00 10.22 ? 136 VAL A CG1 1 
ATOM   1085 C  CG2 . VAL A 1 135 ? 2.125   -6.832  4.139   1.00 9.90  ? 136 VAL A CG2 1 
ATOM   1086 N  N   . PHE A 1 136 ? -2.430  -5.254  3.934   1.00 8.66  ? 137 PHE A N   1 
ATOM   1087 C  CA  . PHE A 1 136 ? -3.708  -4.863  4.515   1.00 9.05  ? 137 PHE A CA  1 
ATOM   1088 C  C   . PHE A 1 136 ? -4.555  -6.084  4.827   1.00 11.74 ? 137 PHE A C   1 
ATOM   1089 O  O   . PHE A 1 136 ? -4.419  -7.144  4.211   1.00 9.66  ? 137 PHE A O   1 
ATOM   1090 C  CB  . PHE A 1 136 ? -4.540  -4.013  3.550   1.00 8.48  ? 137 PHE A CB  1 
ATOM   1091 C  CG  . PHE A 1 136 ? -3.892  -2.738  3.097   1.00 6.67  ? 137 PHE A CG  1 
ATOM   1092 C  CD1 . PHE A 1 136 ? -3.792  -1.642  3.948   1.00 7.60  ? 137 PHE A CD1 1 
ATOM   1093 C  CD2 . PHE A 1 136 ? -3.468  -2.603  1.785   1.00 5.77  ? 137 PHE A CD2 1 
ATOM   1094 C  CE1 . PHE A 1 136 ? -3.286  -0.426  3.492   1.00 6.07  ? 137 PHE A CE1 1 
ATOM   1095 C  CE2 . PHE A 1 136 ? -2.959  -1.394  1.316   1.00 7.50  ? 137 PHE A CE2 1 
ATOM   1096 C  CZ  . PHE A 1 136 ? -2.871  -0.301  2.173   1.00 4.67  ? 137 PHE A CZ  1 
ATOM   1097 N  N   . SER A 1 137 ? -5.477  -5.892  5.758   1.00 14.14 ? 138 SER A N   1 
ATOM   1098 C  CA  . SER A 1 137 ? -6.410  -6.930  6.162   1.00 16.85 ? 138 SER A CA  1 
ATOM   1099 C  C   . SER A 1 137 ? -7.782  -6.280  6.343   1.00 15.91 ? 138 SER A C   1 
ATOM   1100 O  O   . SER A 1 137 ? -7.880  -5.114  6.724   1.00 14.98 ? 138 SER A O   1 
ATOM   1101 C  CB  . SER A 1 137 ? -5.961  -7.565  7.481   1.00 19.71 ? 138 SER A CB  1 
ATOM   1102 O  OG  . SER A 1 137 ? -6.923  -8.500  7.947   1.00 24.51 ? 138 SER A OG  1 
ATOM   1103 N  N   . ARG A 1 138 ? -8.844  -7.028  6.064   1.00 16.44 ? 139 ARG A N   1 
ATOM   1104 C  CA  . ARG A 1 138 ? -10.192 -6.492  6.225   1.00 16.14 ? 139 ARG A CA  1 
ATOM   1105 C  C   . ARG A 1 138 ? -10.559 -6.411  7.689   1.00 17.89 ? 139 ARG A C   1 
ATOM   1106 O  O   . ARG A 1 138 ? -11.336 -5.560  8.111   1.00 19.12 ? 139 ARG A O   1 
ATOM   1107 C  CB  . ARG A 1 138 ? -11.204 -7.393  5.539   1.00 13.84 ? 139 ARG A CB  1 
ATOM   1108 C  CG  . ARG A 1 138 ? -11.161 -7.324  4.041   1.00 11.42 ? 139 ARG A CG  1 
ATOM   1109 C  CD  . ARG A 1 138 ? -11.550 -5.954  3.552   1.00 11.69 ? 139 ARG A CD  1 
ATOM   1110 N  NE  . ARG A 1 138 ? -11.860 -5.976  2.126   1.00 10.58 ? 139 ARG A NE  1 
ATOM   1111 C  CZ  . ARG A 1 138 ? -12.343 -4.940  1.449   1.00 7.61  ? 139 ARG A CZ  1 
ATOM   1112 N  NH1 . ARG A 1 138 ? -12.601 -5.054  0.155   1.00 5.48  ? 139 ARG A NH1 1 
ATOM   1113 N  NH2 . ARG A 1 138 ? -12.565 -3.788  2.064   1.00 6.42  ? 139 ARG A NH2 1 
ATOM   1114 N  N   . ASP A 1 139 ? -9.965  -7.309  8.458   1.00 17.98 ? 140 ASP A N   1 
ATOM   1115 C  CA  . ASP A 1 139 ? -10.232 -7.449  9.872   1.00 18.31 ? 140 ASP A CA  1 
ATOM   1116 C  C   . ASP A 1 139 ? -9.181  -6.739  10.710  1.00 19.37 ? 140 ASP A C   1 
ATOM   1117 O  O   . ASP A 1 139 ? -8.009  -7.094  10.658  1.00 21.06 ? 140 ASP A O   1 
ATOM   1118 C  CB  . ASP A 1 139 ? -10.268 -8.943  10.149  1.00 19.93 ? 140 ASP A CB  1 
ATOM   1119 C  CG  . ASP A 1 139 ? -10.708 -9.276  11.530  1.00 18.99 ? 140 ASP A CG  1 
ATOM   1120 O  OD1 . ASP A 1 139 ? -10.923 -10.476 11.775  1.00 19.61 ? 140 ASP A OD1 1 
ATOM   1121 O  OD2 . ASP A 1 139 ? -10.826 -8.363  12.364  1.00 24.40 ? 140 ASP A OD2 1 
ATOM   1122 N  N   . PRO A 1 140 ? -9.585  -5.715  11.483  1.00 18.42 ? 141 PRO A N   1 
ATOM   1123 C  CA  . PRO A 1 140 ? -8.628  -4.975  12.320  1.00 18.40 ? 141 PRO A CA  1 
ATOM   1124 C  C   . PRO A 1 140 ? -7.841  -5.865  13.300  1.00 19.36 ? 141 PRO A C   1 
ATOM   1125 O  O   . PRO A 1 140 ? -6.838  -5.441  13.869  1.00 18.52 ? 141 PRO A O   1 
ATOM   1126 C  CB  . PRO A 1 140 ? -9.511  -3.942  13.030  1.00 18.34 ? 141 PRO A CB  1 
ATOM   1127 C  CG  . PRO A 1 140 ? -10.852 -4.628  13.098  1.00 17.67 ? 141 PRO A CG  1 
ATOM   1128 C  CD  . PRO A 1 140 ? -10.965 -5.257  11.730  1.00 18.66 ? 141 PRO A CD  1 
ATOM   1129 N  N   . LYS A 1 141 ? -8.290  -7.103  13.481  1.00 19.26 ? 142 LYS A N   1 
ATOM   1130 C  CA  . LYS A 1 141 ? -7.617  -8.019  14.386  1.00 18.78 ? 142 LYS A CA  1 
ATOM   1131 C  C   . LYS A 1 141 ? -6.471  -8.790  13.737  1.00 18.72 ? 142 LYS A C   1 
ATOM   1132 O  O   . LYS A 1 141 ? -5.697  -9.447  14.428  1.00 18.06 ? 142 LYS A O   1 
ATOM   1133 C  CB  . LYS A 1 141 ? -8.627  -8.996  14.985  1.00 18.82 ? 142 LYS A CB  1 
ATOM   1134 C  CG  . LYS A 1 141 ? -8.942  -8.741  16.456  1.00 18.34 ? 142 LYS A CG  1 
ATOM   1135 C  CD  . LYS A 1 141 ? -9.441  -7.321  16.712  1.00 17.40 ? 142 LYS A CD  1 
ATOM   1136 C  CE  . LYS A 1 141 ? -10.898 -7.304  17.133  1.00 15.81 ? 142 LYS A CE  1 
ATOM   1137 N  NZ  . LYS A 1 141 ? -11.765 -7.788  16.036  1.00 15.89 ? 142 LYS A NZ  1 
ATOM   1138 N  N   . GLY A 1 142 ? -6.353  -8.720  12.415  1.00 18.78 ? 143 GLY A N   1 
ATOM   1139 C  CA  . GLY A 1 142 ? -5.264  -9.421  11.760  1.00 21.47 ? 143 GLY A CA  1 
ATOM   1140 C  C   . GLY A 1 142 ? -5.656  -10.643 10.956  1.00 23.19 ? 143 GLY A C   1 
ATOM   1141 O  O   . GLY A 1 142 ? -6.828  -10.995 10.885  1.00 23.35 ? 143 GLY A O   1 
ATOM   1142 N  N   . LEU A 1 143 ? -4.660  -11.294 10.356  1.00 24.79 ? 144 LEU A N   1 
ATOM   1143 C  CA  . LEU A 1 143 ? -4.872  -12.475 9.524   1.00 26.19 ? 144 LEU A CA  1 
ATOM   1144 C  C   . LEU A 1 143 ? -4.798  -13.827 10.254  1.00 28.17 ? 144 LEU A C   1 
ATOM   1145 O  O   . LEU A 1 143 ? -4.230  -13.947 11.344  1.00 27.68 ? 144 LEU A O   1 
ATOM   1146 C  CB  . LEU A 1 143 ? -3.851  -12.501 8.378   1.00 25.50 ? 144 LEU A CB  1 
ATOM   1147 C  CG  . LEU A 1 143 ? -3.716  -11.371 7.351   1.00 24.37 ? 144 LEU A CG  1 
ATOM   1148 C  CD1 . LEU A 1 143 ? -5.091  -10.896 6.966   1.00 24.34 ? 144 LEU A CD1 1 
ATOM   1149 C  CD2 . LEU A 1 143 ? -2.892  -10.219 7.901   1.00 24.41 ? 144 LEU A CD2 1 
ATOM   1150 N  N   . PRO A 1 144 ? -5.401  -14.864 9.654   1.00 29.82 ? 145 PRO A N   1 
ATOM   1151 C  CA  . PRO A 1 144 ? -5.385  -16.202 10.249  1.00 31.05 ? 145 PRO A CA  1 
ATOM   1152 C  C   . PRO A 1 144 ? -3.989  -16.762 10.029  1.00 32.19 ? 145 PRO A C   1 
ATOM   1153 O  O   . PRO A 1 144 ? -3.242  -16.258 9.192   1.00 32.88 ? 145 PRO A O   1 
ATOM   1154 C  CB  . PRO A 1 144 ? -6.441  -16.956 9.442   1.00 31.62 ? 145 PRO A CB  1 
ATOM   1155 C  CG  . PRO A 1 144 ? -7.375  -15.855 8.982   1.00 31.90 ? 145 PRO A CG  1 
ATOM   1156 C  CD  . PRO A 1 144 ? -6.397  -14.787 8.571   1.00 31.54 ? 145 PRO A CD  1 
ATOM   1157 N  N   . PRO A 1 145 ? -3.615  -17.809 10.771  1.00 32.69 ? 146 PRO A N   1 
ATOM   1158 C  CA  . PRO A 1 145 ? -2.271  -18.375 10.599  1.00 33.25 ? 146 PRO A CA  1 
ATOM   1159 C  C   . PRO A 1 145 ? -2.041  -18.810 9.183   1.00 33.33 ? 146 PRO A C   1 
ATOM   1160 O  O   . PRO A 1 145 ? -0.954  -18.795 8.621   1.00 32.93 ? 146 PRO A O   1 
ATOM   1161 C  CB  . PRO A 1 145 ? -2.284  -19.556 11.564  1.00 33.20 ? 146 PRO A CB  1 
ATOM   1162 C  CG  . PRO A 1 145 ? -3.150  -19.033 12.682  1.00 33.21 ? 146 PRO A CG  1 
ATOM   1163 C  CD  . PRO A 1 145 ? -4.305  -18.431 11.915  1.00 34.32 ? 146 PRO A CD  1 
ATOM   1164 N  N   . GLU A 1 146 ? -3.145  -19.140 8.582   1.00 33.18 ? 147 GLU A N   1 
ATOM   1165 C  CA  . GLU A 1 146 ? -3.122  -19.656 7.253   1.00 34.21 ? 147 GLU A CA  1 
ATOM   1166 C  C   . GLU A 1 146 ? -3.000  -18.597 6.139   1.00 33.08 ? 147 GLU A C   1 
ATOM   1167 O  O   . GLU A 1 146 ? -2.447  -18.873 5.066   1.00 32.48 ? 147 GLU A O   1 
ATOM   1168 C  CB  . GLU A 1 146 ? -4.369  -20.507 7.152   1.00 36.48 ? 147 GLU A CB  1 
ATOM   1169 C  CG  . GLU A 1 146 ? -4.332  -21.587 6.158   1.00 40.80 ? 147 GLU A CG  1 
ATOM   1170 C  CD  . GLU A 1 146 ? -3.224  -22.630 6.430   1.00 43.67 ? 147 GLU A CD  1 
ATOM   1171 O  OE1 . GLU A 1 146 ? -2.860  -23.034 7.590   1.00 45.87 ? 147 GLU A OE1 1 
ATOM   1172 O  OE2 . GLU A 1 146 ? -2.668  -23.034 5.399   1.00 44.39 ? 147 GLU A OE2 1 
ATOM   1173 N  N   . ALA A 1 147 ? -3.517  -17.394 6.407   1.00 33.03 ? 148 ALA A N   1 
ATOM   1174 C  CA  . ALA A 1 147 ? -3.449  -16.256 5.478   1.00 32.14 ? 148 ALA A CA  1 
ATOM   1175 C  C   . ALA A 1 147 ? -2.077  -15.587 5.643   1.00 31.65 ? 148 ALA A C   1 
ATOM   1176 O  O   . ALA A 1 147 ? -1.602  -14.913 4.733   1.00 31.72 ? 148 ALA A O   1 
ATOM   1177 C  CB  . ALA A 1 147 ? -4.536  -15.245 5.800   1.00 31.59 ? 148 ALA A CB  1 
ATOM   1178 N  N   . GLN A 1 148 ? -1.466  -15.764 6.821   1.00 30.62 ? 149 GLN A N   1 
ATOM   1179 C  CA  . GLN A 1 148 ? -0.151  -15.204 7.138   1.00 29.73 ? 149 GLN A CA  1 
ATOM   1180 C  C   . GLN A 1 148 ? 0.933   -15.952 6.380   1.00 27.92 ? 149 GLN A C   1 
ATOM   1181 O  O   . GLN A 1 148 ? 1.987   -15.395 6.086   1.00 26.23 ? 149 GLN A O   1 
ATOM   1182 C  CB  . GLN A 1 148 ? 0.162   -15.336 8.622   1.00 31.04 ? 149 GLN A CB  1 
ATOM   1183 C  CG  . GLN A 1 148 ? -0.892  -14.821 9.558   1.00 35.29 ? 149 GLN A CG  1 
ATOM   1184 C  CD  . GLN A 1 148 ? -0.600  -15.205 11.002  1.00 38.16 ? 149 GLN A CD  1 
ATOM   1185 O  OE1 . GLN A 1 148 ? -1.446  -15.035 11.886  1.00 37.70 ? 149 GLN A OE1 1 
ATOM   1186 N  NE2 . GLN A 1 148 ? 0.608   -15.727 11.250  1.00 39.16 ? 149 GLN A NE2 1 
ATOM   1187 N  N   . LYS A 1 149 ? 0.681   -17.228 6.102   1.00 28.04 ? 150 LYS A N   1 
ATOM   1188 C  CA  . LYS A 1 149 ? 1.621   -18.067 5.367   1.00 26.70 ? 150 LYS A CA  1 
ATOM   1189 C  C   . LYS A 1 149 ? 1.629   -17.660 3.897   1.00 24.97 ? 150 LYS A C   1 
ATOM   1190 O  O   . LYS A 1 149 ? 2.648   -17.784 3.215   1.00 23.30 ? 150 LYS A O   1 
ATOM   1191 C  CB  . LYS A 1 149 ? 1.231   -19.541 5.470   1.00 27.78 ? 150 LYS A CB  1 
ATOM   1192 C  CG  . LYS A 1 149 ? 1.251   -20.123 6.864   1.00 29.28 ? 150 LYS A CG  1 
ATOM   1193 C  CD  . LYS A 1 149 ? 0.839   -21.599 6.830   1.00 31.81 ? 150 LYS A CD  1 
ATOM   1194 C  CE  . LYS A 1 149 ? 0.719   -22.175 8.235   1.00 32.23 ? 150 LYS A CE  1 
ATOM   1195 N  NZ  . LYS A 1 149 ? 0.146   -23.559 8.240   1.00 32.04 ? 150 LYS A NZ  1 
ATOM   1196 N  N   . ILE A 1 150 ? 0.481   -17.189 3.414   1.00 23.65 ? 151 ILE A N   1 
ATOM   1197 C  CA  . ILE A 1 150 ? 0.353   -16.749 2.027   1.00 24.09 ? 151 ILE A CA  1 
ATOM   1198 C  C   . ILE A 1 150 ? 1.097   -15.422 1.896   1.00 24.53 ? 151 ILE A C   1 
ATOM   1199 O  O   . ILE A 1 150 ? 1.886   -15.214 0.967   1.00 24.51 ? 151 ILE A O   1 
ATOM   1200 C  CB  . ILE A 1 150 ? -1.117  -16.502 1.642   1.00 24.26 ? 151 ILE A CB  1 
ATOM   1201 C  CG1 . ILE A 1 150 ? -1.966  -17.728 1.966   1.00 23.58 ? 151 ILE A CG1 1 
ATOM   1202 C  CG2 . ILE A 1 150 ? -1.201  -16.175 0.159   1.00 23.70 ? 151 ILE A CG2 1 
ATOM   1203 C  CD1 . ILE A 1 150 ? -3.448  -17.491 1.822   1.00 25.77 ? 151 ILE A CD1 1 
ATOM   1204 N  N   . VAL A 1 151 ? 0.830   -14.537 2.851   1.00 23.00 ? 152 VAL A N   1 
ATOM   1205 C  CA  . VAL A 1 151 ? 1.440   -13.222 2.906   1.00 22.96 ? 152 VAL A CA  1 
ATOM   1206 C  C   . VAL A 1 151 ? 2.965   -13.297 2.964   1.00 23.18 ? 152 VAL A C   1 
ATOM   1207 O  O   . VAL A 1 151 ? 3.647   -12.585 2.222   1.00 22.18 ? 152 VAL A O   1 
ATOM   1208 C  CB  . VAL A 1 151 ? 0.919   -12.422 4.130   1.00 21.75 ? 152 VAL A CB  1 
ATOM   1209 C  CG1 . VAL A 1 151 ? 1.634   -11.086 4.228   1.00 20.63 ? 152 VAL A CG1 1 
ATOM   1210 C  CG2 . VAL A 1 151 ? -0.579  -12.202 4.010   1.00 19.70 ? 152 VAL A CG2 1 
ATOM   1211 N  N   . ARG A 1 152 ? 3.504   -14.152 3.834   1.00 24.33 ? 153 ARG A N   1 
ATOM   1212 C  CA  . ARG A 1 152 ? 4.956   -14.276 3.937   1.00 25.37 ? 153 ARG A CA  1 
ATOM   1213 C  C   . ARG A 1 152 ? 5.589   -14.882 2.690   1.00 23.70 ? 153 ARG A C   1 
ATOM   1214 O  O   . ARG A 1 152 ? 6.772   -14.649 2.443   1.00 22.30 ? 153 ARG A O   1 
ATOM   1215 C  CB  . ARG A 1 152 ? 5.381   -15.055 5.199   1.00 27.85 ? 153 ARG A CB  1 
ATOM   1216 C  CG  . ARG A 1 152 ? 4.813   -16.449 5.338   1.00 32.34 ? 153 ARG A CG  1 
ATOM   1217 C  CD  . ARG A 1 152 ? 5.494   -17.206 6.495   1.00 37.04 ? 153 ARG A CD  1 
ATOM   1218 N  NE  . ARG A 1 152 ? 5.414   -16.489 7.772   1.00 39.12 ? 153 ARG A NE  1 
ATOM   1219 C  CZ  . ARG A 1 152 ? 4.443   -16.633 8.678   1.00 40.62 ? 153 ARG A CZ  1 
ATOM   1220 N  NH1 . ARG A 1 152 ? 3.440   -17.481 8.476   1.00 40.24 ? 153 ARG A NH1 1 
ATOM   1221 N  NH2 . ARG A 1 152 ? 4.472   -15.912 9.793   1.00 41.49 ? 153 ARG A NH2 1 
ATOM   1222 N  N   . GLN A 1 153 ? 4.827   -15.649 1.907   1.00 24.51 ? 154 GLN A N   1 
ATOM   1223 C  CA  . GLN A 1 153 ? 5.397   -16.185 0.677   1.00 25.51 ? 154 GLN A CA  1 
ATOM   1224 C  C   . GLN A 1 153 ? 5.441   -15.055 -0.327  1.00 24.95 ? 154 GLN A C   1 
ATOM   1225 O  O   . GLN A 1 153 ? 6.347   -14.996 -1.151  1.00 24.10 ? 154 GLN A O   1 
ATOM   1226 C  CB  . GLN A 1 153 ? 4.582   -17.308 0.030   1.00 27.05 ? 154 GLN A CB  1 
ATOM   1227 C  CG  . GLN A 1 153 ? 5.320   -17.804 -1.241  1.00 31.37 ? 154 GLN A CG  1 
ATOM   1228 C  CD  . GLN A 1 153 ? 4.442   -18.441 -2.314  1.00 33.81 ? 154 GLN A CD  1 
ATOM   1229 O  OE1 . GLN A 1 153 ? 3.763   -19.431 -2.063  1.00 36.50 ? 154 GLN A OE1 1 
ATOM   1230 N  NE2 . GLN A 1 153 ? 4.474   -17.880 -3.529  1.00 34.40 ? 154 GLN A NE2 1 
ATOM   1231 N  N   . ARG A 1 154 ? 4.448   -14.171 -0.275  1.00 24.35 ? 155 ARG A N   1 
ATOM   1232 C  CA  . ARG A 1 154 ? 4.400   -13.049 -1.205  1.00 25.75 ? 155 ARG A CA  1 
ATOM   1233 C  C   . ARG A 1 154 ? 5.560   -12.116 -0.983  1.00 23.79 ? 155 ARG A C   1 
ATOM   1234 O  O   . ARG A 1 154 ? 6.130   -11.569 -1.932  1.00 22.45 ? 155 ARG A O   1 
ATOM   1235 C  CB  . ARG A 1 154 ? 3.123   -12.231 -1.038  1.00 28.14 ? 155 ARG A CB  1 
ATOM   1236 C  CG  . ARG A 1 154 ? 1.874   -12.917 -1.480  1.00 30.82 ? 155 ARG A CG  1 
ATOM   1237 C  CD  . ARG A 1 154 ? 2.000   -13.427 -2.888  1.00 33.07 ? 155 ARG A CD  1 
ATOM   1238 N  NE  . ARG A 1 154 ? 0.857   -14.277 -3.181  1.00 36.79 ? 155 ARG A NE  1 
ATOM   1239 C  CZ  . ARG A 1 154 ? 0.941   -15.481 -3.734  1.00 37.58 ? 155 ARG A CZ  1 
ATOM   1240 N  NH1 . ARG A 1 154 ? 2.122   -15.981 -4.063  1.00 38.29 ? 155 ARG A NH1 1 
ATOM   1241 N  NH2 . ARG A 1 154 ? -0.155  -16.196 -3.944  1.00 38.68 ? 155 ARG A NH2 1 
ATOM   1242 N  N   . GLN A 1 155 ? 5.880   -11.904 0.286   1.00 22.00 ? 156 GLN A N   1 
ATOM   1243 C  CA  . GLN A 1 155 ? 6.967   -11.020 0.638   1.00 20.71 ? 156 GLN A CA  1 
ATOM   1244 C  C   . GLN A 1 155 ? 8.270   -11.567 0.074   1.00 21.60 ? 156 GLN A C   1 
ATOM   1245 O  O   . GLN A 1 155 ? 9.050   -10.831 -0.527  1.00 20.31 ? 156 GLN A O   1 
ATOM   1246 C  CB  . GLN A 1 155 ? 7.020   -10.867 2.155   1.00 18.50 ? 156 GLN A CB  1 
ATOM   1247 C  CG  . GLN A 1 155 ? 5.799   -10.152 2.701   1.00 15.91 ? 156 GLN A CG  1 
ATOM   1248 C  CD  . GLN A 1 155 ? 5.721   -10.189 4.208   1.00 16.52 ? 156 GLN A CD  1 
ATOM   1249 O  OE1 . GLN A 1 155 ? 4.910   -9.494  4.812   1.00 17.76 ? 156 GLN A OE1 1 
ATOM   1250 N  NE2 . GLN A 1 155 ? 6.559   -11.009 4.825   1.00 16.44 ? 156 GLN A NE2 1 
ATOM   1251 N  N   . ILE A 1 156 ? 8.492   -12.864 0.251   1.00 21.40 ? 157 ILE A N   1 
ATOM   1252 C  CA  . ILE A 1 156 ? 9.692   -13.477 -0.264  1.00 22.80 ? 157 ILE A CA  1 
ATOM   1253 C  C   . ILE A 1 156 ? 9.761   -13.344 -1.795  1.00 22.94 ? 157 ILE A C   1 
ATOM   1254 O  O   . ILE A 1 156 ? 10.792  -12.890 -2.312  1.00 21.53 ? 157 ILE A O   1 
ATOM   1255 C  CB  . ILE A 1 156 ? 9.794   -14.965 0.143   1.00 23.51 ? 157 ILE A CB  1 
ATOM   1256 C  CG1 . ILE A 1 156 ? 10.013  -15.099 1.653   1.00 24.87 ? 157 ILE A CG1 1 
ATOM   1257 C  CG2 . ILE A 1 156 ? 10.954  -15.590 -0.550  1.00 26.66 ? 157 ILE A CG2 1 
ATOM   1258 C  CD1 . ILE A 1 156 ? 10.312  -16.514 2.118   1.00 25.41 ? 157 ILE A CD1 1 
ATOM   1259 N  N   . ASP A 1 157 ? 8.694   -13.708 -2.528  1.00 23.94 ? 158 ASP A N   1 
ATOM   1260 C  CA  . ASP A 1 157 ? 8.798   -13.571 -3.980  1.00 25.29 ? 158 ASP A CA  1 
ATOM   1261 C  C   . ASP A 1 157 ? 8.888   -12.127 -4.443  1.00 23.79 ? 158 ASP A C   1 
ATOM   1262 O  O   . ASP A 1 157 ? 9.044   -11.873 -5.637  1.00 22.53 ? 158 ASP A O   1 
ATOM   1263 C  CB  . ASP A 1 157 ? 7.751   -14.381 -4.847  1.00 26.74 ? 158 ASP A CB  1 
ATOM   1264 C  CG  . ASP A 1 157 ? 6.266   -14.299 -4.378  1.00 29.45 ? 158 ASP A CG  1 
ATOM   1265 O  OD1 . ASP A 1 157 ? 5.758   -13.267 -3.894  1.00 31.35 ? 158 ASP A OD1 1 
ATOM   1266 O  OD2 . ASP A 1 157 ? 5.570   -15.333 -4.551  1.00 29.57 ? 158 ASP A OD2 1 
ATOM   1267 N  N   . LEU A 1 158 ? 8.860   -11.186 -3.495  1.00 22.79 ? 159 LEU A N   1 
ATOM   1268 C  CA  . LEU A 1 158 ? 8.997   -9.762  -3.823  1.00 22.78 ? 159 LEU A CA  1 
ATOM   1269 C  C   . LEU A 1 158 ? 10.396  -9.284  -3.466  1.00 22.88 ? 159 LEU A C   1 
ATOM   1270 O  O   . LEU A 1 158 ? 10.777  -8.154  -3.791  1.00 22.03 ? 159 LEU A O   1 
ATOM   1271 C  CB  . LEU A 1 158 ? 8.002   -8.905  -3.046  1.00 21.54 ? 159 LEU A CB  1 
ATOM   1272 C  CG  . LEU A 1 158 ? 6.674   -8.523  -3.687  1.00 20.92 ? 159 LEU A CG  1 
ATOM   1273 C  CD1 . LEU A 1 158 ? 5.973   -7.542  -2.772  1.00 22.56 ? 159 LEU A CD1 1 
ATOM   1274 C  CD2 . LEU A 1 158 ? 6.894   -7.902  -5.053  1.00 20.73 ? 159 LEU A CD2 1 
ATOM   1275 N  N   . CYS A 1 159 ? 11.144  -10.145 -2.778  1.00 22.96 ? 160 CYS A N   1 
ATOM   1276 C  CA  . CYS A 1 159 ? 12.496  -9.823  -2.342  1.00 23.66 ? 160 CYS A CA  1 
ATOM   1277 C  C   . CYS A 1 159 ? 12.426  -8.739  -1.250  1.00 23.66 ? 160 CYS A C   1 
ATOM   1278 O  O   . CYS A 1 159 ? 13.303  -7.881  -1.171  1.00 24.63 ? 160 CYS A O   1 
ATOM   1279 C  CB  . CYS A 1 159 ? 13.319  -9.336  -3.548  1.00 23.08 ? 160 CYS A CB  1 
ATOM   1280 S  SG  . CYS A 1 159 ? 13.373  -10.545 -4.913  1.00 22.44 ? 160 CYS A SG  1 
ATOM   1281 N  N   . LEU A 1 160 ? 11.386  -8.785  -0.416  1.00 23.54 ? 161 LEU A N   1 
ATOM   1282 C  CA  . LEU A 1 160 ? 11.199  -7.800  0.648   1.00 24.11 ? 161 LEU A CA  1 
ATOM   1283 C  C   . LEU A 1 160 ? 11.097  -8.542  1.971   1.00 25.66 ? 161 LEU A C   1 
ATOM   1284 O  O   . LEU A 1 160 ? 10.869  -7.931  3.048   1.00 26.20 ? 161 LEU A O   1 
ATOM   1285 C  CB  . LEU A 1 160 ? 9.939   -6.973  0.414   1.00 22.13 ? 161 LEU A CB  1 
ATOM   1286 C  CG  . LEU A 1 160 ? 9.983   -5.983  -0.742  1.00 22.34 ? 161 LEU A CG  1 
ATOM   1287 C  CD1 . LEU A 1 160 ? 8.667   -5.219  -0.796  1.00 22.04 ? 161 LEU A CD1 1 
ATOM   1288 C  CD2 . LEU A 1 160 ? 11.138  -5.030  -0.552  1.00 22.01 ? 161 LEU A CD2 1 
ATOM   1289 N  N   . ASP A 1 161 ? 11.249  -9.865  1.873   1.00 26.93 ? 162 ASP A N   1 
ATOM   1290 C  CA  . ASP A 1 161 ? 11.281  -10.750 3.034   1.00 28.23 ? 162 ASP A CA  1 
ATOM   1291 C  C   . ASP A 1 161 ? 11.993  -10.217 4.221   1.00 27.25 ? 162 ASP A C   1 
ATOM   1292 O  O   . ASP A 1 161 ? 13.133  -9.873  4.077   1.00 26.45 ? 162 ASP A O   1 
ATOM   1293 C  CB  . ASP A 1 161 ? 12.093  -12.049 2.841   1.00 31.05 ? 162 ASP A CB  1 
ATOM   1294 C  CG  . ASP A 1 161 ? 12.604  -12.269 1.426   1.00 35.43 ? 162 ASP A CG  1 
ATOM   1295 O  OD1 . ASP A 1 161 ? 13.101  -11.429 0.645   1.00 37.97 ? 162 ASP A OD1 1 
ATOM   1296 O  OD2 . ASP A 1 161 ? 12.371  -13.421 1.095   1.00 38.95 ? 162 ASP A OD2 1 
ATOM   1297 N  N   . ARG A 1 162 ? 11.390  -10.280 5.403   1.00 26.44 ? 163 ARG A N   1 
ATOM   1298 C  CA  . ARG A 1 162 ? 12.073  -9.858  6.627   1.00 25.96 ? 163 ARG A CA  1 
ATOM   1299 C  C   . ARG A 1 162 ? 12.375  -8.374  6.726   1.00 22.21 ? 163 ARG A C   1 
ATOM   1300 O  O   . ARG A 1 162 ? 13.166  -7.934  7.562   1.00 20.33 ? 163 ARG A O   1 
ATOM   1301 C  CB  . ARG A 1 162 ? 13.383  -10.668 6.845   1.00 30.29 ? 163 ARG A CB  1 
ATOM   1302 C  CG  . ARG A 1 162 ? 13.194  -12.036 7.542   1.00 35.86 ? 163 ARG A CG  1 
ATOM   1303 C  CD  . ARG A 1 162 ? 14.491  -12.867 7.655   1.00 39.94 ? 163 ARG A CD  1 
ATOM   1304 N  NE  . ARG A 1 162 ? 14.500  -14.039 6.772   1.00 43.91 ? 163 ARG A NE  1 
ATOM   1305 C  CZ  . ARG A 1 162 ? 14.878  -14.034 5.492   1.00 46.67 ? 163 ARG A CZ  1 
ATOM   1306 N  NH1 . ARG A 1 162 ? 15.295  -12.911 4.909   1.00 48.74 ? 163 ARG A NH1 1 
ATOM   1307 N  NH2 . ARG A 1 162 ? 14.838  -15.161 4.785   1.00 47.69 ? 163 ARG A NH2 1 
ATOM   1308 N  N   . LYS A 1 163 ? 11.730  -7.605  5.866   1.00 20.34 ? 164 LYS A N   1 
ATOM   1309 C  CA  . LYS A 1 163 ? 11.909  -6.171  5.884   1.00 19.47 ? 164 LYS A CA  1 
ATOM   1310 C  C   . LYS A 1 163 ? 10.620  -5.446  6.296   1.00 18.28 ? 164 LYS A C   1 
ATOM   1311 O  O   . LYS A 1 163 ? 10.582  -4.218  6.362   1.00 18.03 ? 164 LYS A O   1 
ATOM   1312 C  CB  . LYS A 1 163 ? 12.411  -5.677  4.524   1.00 18.11 ? 164 LYS A CB  1 
ATOM   1313 C  CG  . LYS A 1 163 ? 13.868  -6.012  4.229   1.00 16.49 ? 164 LYS A CG  1 
ATOM   1314 C  CD  . LYS A 1 163 ? 14.372  -5.002  3.250   1.00 18.88 ? 164 LYS A CD  1 
ATOM   1315 C  CE  . LYS A 1 163 ? 15.032  -5.381  2.295   1.00 19.64 ? 164 LYS A CE  1 
ATOM   1316 N  NZ  . LYS A 1 163 ? 15.796  -4.457  1.677   1.00 22.80 ? 164 LYS A NZ  1 
ATOM   1317 N  N   . TYR A 1 164 ? 9.577   -6.217  6.608   1.00 17.58 ? 165 TYR A N   1 
ATOM   1318 C  CA  . TYR A 1 164 ? 8.304   -5.644  7.028   1.00 18.37 ? 165 TYR A CA  1 
ATOM   1319 C  C   . TYR A 1 164 ? 8.220   -5.405  8.516   1.00 19.04 ? 165 TYR A C   1 
ATOM   1320 O  O   . TYR A 1 164 ? 8.798   -6.126  9.327   1.00 20.33 ? 165 TYR A O   1 
ATOM   1321 C  CB  . TYR A 1 164 ? 7.142   -6.517  6.608   1.00 16.36 ? 165 TYR A CB  1 
ATOM   1322 C  CG  . TYR A 1 164 ? 6.958   -6.554  5.125   1.00 14.78 ? 165 TYR A CG  1 
ATOM   1323 C  CD1 . TYR A 1 164 ? 7.909   -7.148  4.304   1.00 13.24 ? 165 TYR A CD1 1 
ATOM   1324 C  CD2 . TYR A 1 164 ? 5.818   -6.016  4.537   1.00 15.15 ? 165 TYR A CD2 1 
ATOM   1325 C  CE1 . TYR A 1 164 ? 7.730   -7.210  2.934   1.00 11.58 ? 165 TYR A CE1 1 
ATOM   1326 C  CE2 . TYR A 1 164 ? 5.623   -6.073  3.170   1.00 13.38 ? 165 TYR A CE2 1 
ATOM   1327 C  CZ  . TYR A 1 164 ? 6.583   -6.674  2.372   1.00 12.98 ? 165 TYR A CZ  1 
ATOM   1328 O  OH  . TYR A 1 164 ? 6.376   -6.754  1.015   1.00 13.14 ? 165 TYR A OH  1 
ATOM   1329 N  N   . ARG A 1 165 ? 7.441   -4.402  8.875   1.00 21.71 ? 166 ARG A N   1 
ATOM   1330 C  CA  . ARG A 1 165 ? 7.316   -4.007  10.261  1.00 22.10 ? 166 ARG A CA  1 
ATOM   1331 C  C   . ARG A 1 165 ? 5.826   -3.907  10.611  1.00 22.69 ? 166 ARG A C   1 
ATOM   1332 O  O   . ARG A 1 165 ? 5.053   -3.290  9.874   1.00 23.22 ? 166 ARG A O   1 
ATOM   1333 C  CB  . ARG A 1 165 ? 8.049   -2.672  10.394  1.00 23.62 ? 166 ARG A CB  1 
ATOM   1334 C  CG  . ARG A 1 165 ? 8.489   -2.279  11.769  1.00 25.93 ? 166 ARG A CG  1 
ATOM   1335 C  CD  . ARG A 1 165 ? 9.618   -1.248  11.633  1.00 29.74 ? 166 ARG A CD  1 
ATOM   1336 N  NE  . ARG A 1 165 ? 9.186   0.022   11.043  1.00 30.78 ? 166 ARG A NE  1 
ATOM   1337 C  CZ  . ARG A 1 165 ? 8.500   0.953   11.701  1.00 31.18 ? 166 ARG A CZ  1 
ATOM   1338 N  NH1 . ARG A 1 165 ? 8.165   0.761   12.971  1.00 30.86 ? 166 ARG A NH1 1 
ATOM   1339 N  NH2 . ARG A 1 165 ? 8.157   2.077   11.093  1.00 32.03 ? 166 ARG A NH2 1 
ATOM   1340 N  N   . VAL A 1 166 ? 5.423   -4.530  11.720  1.00 23.11 ? 167 VAL A N   1 
ATOM   1341 C  CA  . VAL A 1 166 ? 4.018   -4.532  12.160  1.00 21.39 ? 167 VAL A CA  1 
ATOM   1342 C  C   . VAL A 1 166 ? 3.482   -3.134  12.499  1.00 20.16 ? 167 VAL A C   1 
ATOM   1343 O  O   . VAL A 1 166 ? 4.068   -2.405  13.305  1.00 19.53 ? 167 VAL A O   1 
ATOM   1344 C  CB  . VAL A 1 166 ? 3.809   -5.499  13.399  1.00 23.16 ? 167 VAL A CB  1 
ATOM   1345 C  CG1 . VAL A 1 166 ? 2.437   -5.284  14.037  1.00 23.11 ? 167 VAL A CG1 1 
ATOM   1346 C  CG2 . VAL A 1 166 ? 3.926   -6.964  12.956  1.00 22.91 ? 167 VAL A CG2 1 
ATOM   1347 N  N   . ILE A 1 167 ? 2.377   -2.766  11.851  1.00 18.78 ? 168 ILE A N   1 
ATOM   1348 C  CA  . ILE A 1 167 ? 1.719   -1.482  12.071  1.00 16.59 ? 168 ILE A CA  1 
ATOM   1349 C  C   . ILE A 1 167 ? 0.735   -1.656  13.221  1.00 16.94 ? 168 ILE A C   1 
ATOM   1350 O  O   . ILE A 1 167 ? 0.059   -2.683  13.307  1.00 16.36 ? 168 ILE A O   1 
ATOM   1351 C  CB  . ILE A 1 167 ? 0.928   -1.018  10.808  1.00 15.44 ? 168 ILE A CB  1 
ATOM   1352 C  CG1 . ILE A 1 167 ? 1.897   -0.621  9.703   1.00 14.43 ? 168 ILE A CG1 1 
ATOM   1353 C  CG2 . ILE A 1 167 ? 0.000   0.160   11.160  1.00 15.03 ? 168 ILE A CG2 1 
ATOM   1354 C  CD1 . ILE A 1 167 ? 1.231   -0.239  8.416   1.00 15.11 ? 168 ILE A CD1 1 
ATOM   1355 N  N   . VAL A 1 168 ? 0.671   -0.669  14.110  1.00 16.28 ? 169 VAL A N   1 
ATOM   1356 C  CA  . VAL A 1 168 ? -0.250  -0.736  15.235  1.00 17.21 ? 169 VAL A CA  1 
ATOM   1357 C  C   . VAL A 1 168 ? -1.276  0.373   15.152  1.00 19.34 ? 169 VAL A C   1 
ATOM   1358 O  O   . VAL A 1 168 ? -1.060  1.388   14.491  1.00 21.01 ? 169 VAL A O   1 
ATOM   1359 C  CB  . VAL A 1 168 ? 0.466   -0.646  16.612  1.00 18.65 ? 169 VAL A CB  1 
ATOM   1360 C  CG1 . VAL A 1 168 ? 1.352   -1.870  16.816  1.00 17.31 ? 169 VAL A CG1 1 
ATOM   1361 C  CG2 . VAL A 1 168 ? 1.257   0.662   16.718  1.00 18.49 ? 169 VAL A CG2 1 
ATOM   1362 N  N   . HIS A 1 169 ? -2.397  0.155   15.829  1.00 21.25 ? 170 HIS A N   1 
ATOM   1363 C  CA  . HIS A 1 169 ? -3.504  1.090   15.849  1.00 20.73 ? 170 HIS A CA  1 
ATOM   1364 C  C   . HIS A 1 169 ? -3.916  1.280   17.279  1.00 21.39 ? 170 HIS A C   1 
ATOM   1365 O  O   . HIS A 1 169 ? -4.402  0.353   17.916  1.00 22.24 ? 170 HIS A O   1 
ATOM   1366 C  CB  . HIS A 1 169 ? -4.680  0.518   15.067  1.00 20.15 ? 170 HIS A CB  1 
ATOM   1367 C  CG  . HIS A 1 169 ? -4.324  0.105   13.676  1.00 19.11 ? 170 HIS A CG  1 
ATOM   1368 N  ND1 . HIS A 1 169 ? -4.261  0.999   12.629  1.00 19.15 ? 170 HIS A ND1 1 
ATOM   1369 C  CD2 . HIS A 1 169 ? -3.969  -1.099  13.170  1.00 17.28 ? 170 HIS A CD2 1 
ATOM   1370 C  CE1 . HIS A 1 169 ? -3.881  0.362   11.537  1.00 18.53 ? 170 HIS A CE1 1 
ATOM   1371 N  NE2 . HIS A 1 169 ? -3.698  -0.912  11.838  1.00 18.24 ? 170 HIS A NE2 1 
ATOM   1372 N  N   . ASN A 1 170 ? -3.713  2.483   17.791  1.00 23.89 ? 171 ASN A N   1 
ATOM   1373 C  CA  . ASN A 1 170 ? -4.081  2.777   19.164  1.00 25.51 ? 171 ASN A CA  1 
ATOM   1374 C  C   . ASN A 1 170 ? -4.891  4.080   19.246  1.00 27.10 ? 171 ASN A C   1 
ATOM   1375 O  O   . ASN A 1 170 ? -4.659  4.943   20.096  1.00 27.20 ? 171 ASN A O   1 
ATOM   1376 C  CB  . ASN A 1 170 ? -2.820  2.797   20.060  1.00 25.50 ? 171 ASN A CB  1 
ATOM   1377 C  CG  . ASN A 1 170 ? -1.617  3.474   19.390  1.00 25.46 ? 171 ASN A CG  1 
ATOM   1378 O  OD1 . ASN A 1 170 ? -1.662  4.661   19.071  1.00 24.34 ? 171 ASN A OD1 1 
ATOM   1379 N  ND2 . ASN A 1 170 ? -0.533  2.710   19.177  1.00 25.53 ? 171 ASN A ND2 1 
ATOM   1380 N  N   . GLY A 1 171 ? -5.859  4.183   18.337  1.00 28.02 ? 172 GLY A N   1 
ATOM   1381 C  CA  . GLY A 1 171 ? -6.743  5.331   18.270  1.00 30.97 ? 172 GLY A CA  1 
ATOM   1382 C  C   . GLY A 1 171 ? -6.088  6.697   18.330  1.00 34.47 ? 172 GLY A C   1 
ATOM   1383 O  O   . GLY A 1 171 ? -6.758  7.666   18.702  1.00 35.07 ? 172 GLY A O   1 
ATOM   1384 N  N   . PHE A 1 172 ? -4.803  6.789   17.971  1.00 35.77 ? 173 PHE A N   1 
ATOM   1385 C  CA  . PHE A 1 172 ? -4.097  8.075   18.005  1.00 37.51 ? 173 PHE A CA  1 
ATOM   1386 C  C   . PHE A 1 172 ? -4.781  9.069   17.078  1.00 38.70 ? 173 PHE A C   1 
ATOM   1387 O  O   . PHE A 1 172 ? -4.700  10.286  17.276  1.00 39.09 ? 173 PHE A O   1 
ATOM   1388 C  CB  . PHE A 1 172 ? -2.613  7.918   17.632  1.00 37.08 ? 173 PHE A CB  1 
ATOM   1389 C  CG  . PHE A 1 172 ? -1.818  9.212   17.729  1.00 37.39 ? 173 PHE A CG  1 
ATOM   1390 C  CD1 . PHE A 1 172 ? -1.868  10.164  16.711  1.00 36.83 ? 173 PHE A CD1 1 
ATOM   1391 C  CD2 . PHE A 1 172 ? -1.048  9.497   18.857  1.00 37.10 ? 173 PHE A CD2 1 
ATOM   1392 C  CE1 . PHE A 1 172 ? -1.165  11.384  16.819  1.00 37.09 ? 173 PHE A CE1 1 
ATOM   1393 C  CE2 . PHE A 1 172 ? -0.343  10.715  18.973  1.00 36.75 ? 173 PHE A CE2 1 
ATOM   1394 C  CZ  . PHE A 1 172 ? -0.404  11.655  17.951  1.00 36.08 ? 173 PHE A CZ  1 
ATOM   1395 N  N   . CYS A 1 173 ? -5.481  8.534   16.073  1.00 39.20 ? 174 CYS A N   1 
ATOM   1396 C  CA  . CYS A 1 173 ? -6.184  9.396   15.110  1.00 39.85 ? 174 CYS A CA  1 
ATOM   1397 C  C   . CYS A 1 173 ? -7.714  9.423   15.092  1.00 41.40 ? 174 CYS A C   1 
ATOM   1398 O  O   . CYS A 1 173 ? -8.372  10.243  14.435  1.00 41.15 ? 174 CYS A O   1 
ATOM   1399 C  CB  . CYS A 1 173 ? -5.590  9.173   13.720  1.00 38.51 ? 174 CYS A CB  1 
ATOM   1400 S  SG  . CYS A 1 173 ? -3.778  9.502   13.532  1.00 37.61 ? 174 CYS A SG  1 
ATOM   1401 N  N   . SER A 1 174 ? -8.270  8.508   15.880  1.00 41.89 ? 175 SER A N   1 
ATOM   1402 C  CA  . SER A 1 174 ? -9.749  8.385   16.041  1.00 43.37 ? 175 SER A CA  1 
ATOM   1403 C  C   . SER A 1 174 ? -10.242 9.521   16.882  1.00 43.83 ? 175 SER A C   1 
ATOM   1404 O  O   . SER A 1 174 ? -9.450  10.129  17.636  1.00 45.27 ? 175 SER A O   1 
ATOM   1405 C  CB  . SER A 1 174 ? -10.083 7.070   16.645  1.00 42.95 ? 175 SER A CB  1 
ATOM   1406 O  OG  . SER A 1 174 ? -9.637  5.976   15.879  1.00 42.94 ? 175 SER A OG  1 
ATOM   1407 O  OXT . SER A 1 174 ? -11.457 9.797   16.801  1.00 21.83 ? 175 SER A OXT 1 
HETATM 1408 CD CD  . CD  B 2 .   ? 17.929  3.806   3.751   1.00 27.08 ? 177 CD  A CD  1 
HETATM 1409 C  C1  . RTL C 3 .   ? -1.890  4.265   0.197   1.00 22.59 ? 176 RTL A C1  1 
HETATM 1410 C  C2  . RTL C 3 .   ? -3.265  3.611   -0.080  1.00 19.84 ? 176 RTL A C2  1 
HETATM 1411 C  C3  . RTL C 3 .   ? -4.503  4.487   -0.279  1.00 20.87 ? 176 RTL A C3  1 
HETATM 1412 C  C4  . RTL C 3 .   ? -4.363  6.027   -0.228  1.00 23.64 ? 176 RTL A C4  1 
HETATM 1413 C  C5  . RTL C 3 .   ? -2.990  6.719   0.007   1.00 22.82 ? 176 RTL A C5  1 
HETATM 1414 C  C6  . RTL C 3 .   ? -1.797  5.810   0.185   1.00 22.86 ? 176 RTL A C6  1 
HETATM 1415 C  C7  . RTL C 3 .   ? -0.406  6.373   0.438   1.00 20.57 ? 176 RTL A C7  1 
HETATM 1416 C  C8  . RTL C 3 .   ? 0.024   7.495   1.105   1.00 19.01 ? 176 RTL A C8  1 
HETATM 1417 C  C9  . RTL C 3 .   ? 1.375   7.817   1.290   1.00 17.21 ? 176 RTL A C9  1 
HETATM 1418 C  C10 . RTL C 3 .   ? 1.429   9.044   2.067   1.00 16.65 ? 176 RTL A C10 1 
HETATM 1419 C  C11 . RTL C 3 .   ? 2.538   9.677   2.494   1.00 15.72 ? 176 RTL A C11 1 
HETATM 1420 C  C12 . RTL C 3 .   ? 2.442   10.814  3.241   1.00 16.51 ? 176 RTL A C12 1 
HETATM 1421 C  C13 . RTL C 3 .   ? 3.579   11.588  3.700   1.00 17.30 ? 176 RTL A C13 1 
HETATM 1422 C  C14 . RTL C 3 .   ? 3.358   12.975  4.052   1.00 19.40 ? 176 RTL A C14 1 
HETATM 1423 C  C15 . RTL C 3 .   ? 4.451   13.894  4.582   1.00 20.11 ? 176 RTL A C15 1 
HETATM 1424 O  O1  . RTL C 3 .   ? 4.077   15.222  4.875   1.00 20.78 ? 176 RTL A O1  1 
HETATM 1425 C  C16 . RTL C 3 .   ? -0.801  3.564   -0.710  1.00 21.90 ? 176 RTL A C16 1 
HETATM 1426 C  C17 . RTL C 3 .   ? -1.588  3.756   1.630   1.00 20.47 ? 176 RTL A C17 1 
HETATM 1427 C  C18 . RTL C 3 .   ? -2.920  7.676   -1.200  1.00 22.67 ? 176 RTL A C18 1 
HETATM 1428 C  C19 . RTL C 3 .   ? 2.327   7.722   0.046   1.00 17.00 ? 176 RTL A C19 1 
HETATM 1429 C  C20 . RTL C 3 .   ? 5.013   10.975  3.816   1.00 16.83 ? 176 RTL A C20 1 
HETATM 1430 O  O   . HOH D 4 .   ? 10.930  7.435   -1.312  1.00 0.93  ? 178 HOH A O   1 
HETATM 1431 O  O   . HOH D 4 .   ? 6.070   -0.530  -8.787  1.00 16.07 ? 179 HOH A O   1 
HETATM 1432 O  O   . HOH D 4 .   ? 3.597   19.723  -0.021  1.00 4.14  ? 180 HOH A O   1 
HETATM 1433 O  O   . HOH D 4 .   ? 11.497  -5.601  -4.235  1.00 11.98 ? 181 HOH A O   1 
HETATM 1434 O  O   . HOH D 4 .   ? 13.642  1.868   0.316   1.00 22.89 ? 182 HOH A O   1 
HETATM 1435 O  O   . HOH D 4 .   ? 11.272  -4.811  9.620   1.00 22.58 ? 183 HOH A O   1 
HETATM 1436 O  O   . HOH D 4 .   ? 1.381   3.253   -4.374  1.00 24.73 ? 184 HOH A O   1 
HETATM 1437 O  O   . HOH D 4 .   ? 6.351   4.636   -8.301  1.00 20.64 ? 185 HOH A O   1 
HETATM 1438 O  O   . HOH D 4 .   ? -9.387  3.618   -11.437 1.00 18.46 ? 186 HOH A O   1 
HETATM 1439 O  O   . HOH D 4 .   ? 5.333   2.580   15.480  1.00 22.63 ? 187 HOH A O   1 
HETATM 1440 O  O   . HOH D 4 .   ? -16.481 7.144   -5.174  1.00 37.67 ? 188 HOH A O   1 
HETATM 1441 O  O   . HOH D 4 .   ? 13.506  -5.307  -6.684  1.00 22.32 ? 189 HOH A O   1 
HETATM 1442 O  O   . HOH D 4 .   ? 2.197   1.484   -12.599 1.00 19.02 ? 190 HOH A O   1 
HETATM 1443 O  O   . HOH D 4 .   ? -6.628  4.682   -18.224 1.00 21.44 ? 191 HOH A O   1 
HETATM 1444 O  O   . HOH D 4 .   ? -14.079 7.378   -6.632  1.00 22.13 ? 192 HOH A O   1 
HETATM 1445 O  O   . HOH D 4 .   ? -17.842 -8.359  -9.710  1.00 27.02 ? 193 HOH A O   1 
HETATM 1446 O  O   . HOH D 4 .   ? 10.050  -13.572 -8.207  1.00 26.60 ? 194 HOH A O   1 
HETATM 1447 O  O   . HOH D 4 .   ? -12.163 -15.547 -0.042  1.00 26.06 ? 195 HOH A O   1 
HETATM 1448 O  O   . HOH D 4 .   ? -12.229 8.971   -2.009  1.00 30.16 ? 196 HOH A O   1 
HETATM 1449 O  O   . HOH D 4 .   ? 1.640   7.753   -10.866 1.00 43.68 ? 197 HOH A O   1 
HETATM 1450 O  O   . HOH D 4 .   ? 1.168   -10.470 -13.490 1.00 26.31 ? 198 HOH A O   1 
HETATM 1451 O  O   . HOH D 4 .   ? -5.367  -0.584  -14.279 1.00 39.47 ? 199 HOH A O   1 
HETATM 1452 O  O   . HOH D 4 .   ? -8.850  5.557   -15.370 1.00 14.20 ? 200 HOH A O   1 
HETATM 1453 O  O   . HOH D 4 .   ? -12.937 -3.423  7.176   1.00 29.14 ? 201 HOH A O   1 
HETATM 1454 O  O   . HOH D 4 .   ? -19.176 2.144   -9.658  1.00 25.73 ? 202 HOH A O   1 
HETATM 1455 O  O   . HOH D 4 .   ? -13.431 -10.560 -9.215  1.00 29.26 ? 203 HOH A O   1 
HETATM 1456 O  O   . HOH D 4 .   ? 7.362   7.829   -7.904  1.00 40.04 ? 204 HOH A O   1 
HETATM 1457 O  O   . HOH D 4 .   ? 1.440   5.459   17.930  1.00 29.96 ? 205 HOH A O   1 
HETATM 1458 O  O   . HOH D 4 .   ? -10.167 7.723   19.697  1.00 45.79 ? 206 HOH A O   1 
HETATM 1459 O  O   . HOH D 4 .   ? -6.986  10.275  19.524  1.00 35.52 ? 207 HOH A O   1 
HETATM 1460 O  O   . HOH D 4 .   ? 18.909  8.071   3.020   1.00 36.44 ? 208 HOH A O   1 
HETATM 1461 O  O   . HOH D 4 .   ? -3.543  -8.504  -14.312 1.00 30.03 ? 209 HOH A O   1 
HETATM 1462 O  O   . HOH D 4 .   ? -1.551  -8.088  13.199  1.00 69.43 ? 210 HOH A O   1 
HETATM 1463 O  O   . HOH D 4 .   ? 4.066   -0.930  -20.218 1.00 41.95 ? 211 HOH A O   1 
HETATM 1464 O  O   . HOH D 4 .   ? 11.016  -0.619  8.397   1.00 43.07 ? 212 HOH A O   1 
HETATM 1465 O  O   . HOH D 4 .   ? 6.086   11.304  -7.559  1.00 21.38 ? 213 HOH A O   1 
HETATM 1466 O  O   . HOH D 4 .   ? 16.463  8.998   3.727   1.00 32.92 ? 214 HOH A O   1 
HETATM 1467 O  O   . HOH D 4 .   ? 12.834  -15.777 -8.670  1.00 41.97 ? 215 HOH A O   1 
HETATM 1468 O  O   . HOH D 4 .   ? -16.179 -4.603  -1.595  1.00 39.43 ? 216 HOH A O   1 
HETATM 1469 O  O   . HOH D 4 .   ? -2.695  -2.506  16.943  1.00 31.53 ? 217 HOH A O   1 
HETATM 1470 O  O   . HOH D 4 .   ? -4.920  -14.737 -8.186  1.00 20.42 ? 218 HOH A O   1 
HETATM 1471 O  O   . HOH D 4 .   ? -12.474 10.261  19.066  1.00 25.39 ? 219 HOH A O   1 
HETATM 1472 O  O   . HOH D 4 .   ? -5.898  -9.917  -15.950 1.00 25.56 ? 220 HOH A O   1 
HETATM 1473 O  O   . HOH D 4 .   ? 18.506  -10.550 -7.384  1.00 18.56 ? 221 HOH A O   1 
HETATM 1474 O  O   . HOH D 4 .   ? 18.871  -9.995  -13.758 1.00 49.18 ? 222 HOH A O   1 
HETATM 1475 O  O   . HOH D 4 .   ? 5.603   -7.642  -16.593 1.00 30.01 ? 223 HOH A O   1 
HETATM 1476 O  O   . HOH D 4 .   ? 4.769   -2.775  -15.057 1.00 39.85 ? 224 HOH A O   1 
HETATM 1477 O  O   . HOH D 4 .   ? 6.878   -5.622  -16.220 1.00 42.71 ? 225 HOH A O   1 
HETATM 1478 O  O   . HOH D 4 .   ? 8.190   -3.309  -15.026 1.00 19.40 ? 226 HOH A O   1 
HETATM 1479 O  O   . HOH D 4 .   ? 6.758   -13.050 -8.631  1.00 38.09 ? 227 HOH A O   1 
HETATM 1480 O  O   . HOH D 4 .   ? -3.237  -13.456 -9.655  1.00 27.27 ? 228 HOH A O   1 
HETATM 1481 O  O   . HOH D 4 .   ? -17.593 1.958   -3.958  1.00 17.11 ? 229 HOH A O   1 
HETATM 1482 O  O   . HOH D 4 .   ? -19.042 -3.794  -10.608 1.00 69.94 ? 230 HOH A O   1 
HETATM 1483 O  O   . HOH D 4 .   ? 12.904  3.399   7.901   1.00 69.86 ? 231 HOH A O   1 
HETATM 1484 O  O   . HOH D 4 .   ? 17.400  8.710   7.939   1.00 70.03 ? 232 HOH A O   1 
HETATM 1485 O  O   . HOH D 4 .   ? 11.952  -1.891  5.601   1.00 44.86 ? 233 HOH A O   1 
HETATM 1486 O  O   . HOH D 4 .   ? -9.091  -11.642 12.447  1.00 33.02 ? 234 HOH A O   1 
HETATM 1487 O  O   . HOH D 4 .   ? -2.274  -12.037 14.681  1.00 69.76 ? 235 HOH A O   1 
HETATM 1488 O  O   . HOH D 4 .   ? 24.157  -0.121  -15.763 1.00 61.90 ? 236 HOH A O   1 
HETATM 1489 O  O   . HOH D 4 .   ? 9.228   9.841   1.147   1.00 80.98 ? 237 HOH A O   1 
HETATM 1490 O  O   . HOH D 4 .   ? -8.888  17.523  12.147  1.00 70.42 ? 238 HOH A O   1 
HETATM 1491 O  O   . HOH D 4 .   ? -8.599  20.824  12.789  1.00 69.39 ? 239 HOH A O   1 
HETATM 1492 O  O   . HOH D 4 .   ? -13.406 9.463   -8.907  1.00 17.00 ? 240 HOH A O   1 
HETATM 1493 O  O   . HOH D 4 .   ? -10.212 8.224   -10.384 1.00 41.70 ? 241 HOH A O   1 
HETATM 1494 O  O   . HOH D 4 .   ? -8.171  16.683  8.990   1.00 36.62 ? 242 HOH A O   1 
HETATM 1495 O  O   . HOH D 4 .   ? -10.542 13.016  9.873   1.00 66.53 ? 243 HOH A O   1 
HETATM 1496 O  O   . HOH D 4 .   ? 5.607   14.935  -7.596  1.00 70.52 ? 244 HOH A O   1 
HETATM 1497 O  O   . HOH D 4 .   ? -8.228  11.265  -6.629  1.00 32.68 ? 245 HOH A O   1 
HETATM 1498 O  O   . HOH D 4 .   ? -8.800  17.174  -2.123  1.00 33.73 ? 246 HOH A O   1 
HETATM 1499 O  O   . HOH D 4 .   ? -9.988  -7.053  -14.999 1.00 29.20 ? 247 HOH A O   1 
HETATM 1500 O  O   . HOH D 4 .   ? -8.477  -7.354  -18.171 1.00 56.50 ? 248 HOH A O   1 
HETATM 1501 O  O   . HOH D 4 .   ? 4.728   13.373  -11.287 1.00 69.94 ? 249 HOH A O   1 
HETATM 1502 O  O   . HOH D 4 .   ? 5.935   10.419  -4.812  1.00 27.39 ? 250 HOH A O   1 
HETATM 1503 O  O   . HOH D 4 .   ? 4.284   10.144  -14.049 1.00 69.77 ? 251 HOH A O   1 
HETATM 1504 O  O   . HOH D 4 .   ? 4.674   22.305  9.434   1.00 30.50 ? 252 HOH A O   1 
HETATM 1505 O  O   . HOH D 4 .   ? 6.186   9.546   1.034   1.00 64.21 ? 253 HOH A O   1 
HETATM 1506 O  O   . HOH D 4 .   ? -0.492  18.407  0.236   1.00 51.88 ? 254 HOH A O   1 
HETATM 1507 O  O   . HOH D 4 .   ? 1.494   -12.852 -6.733  1.00 18.34 ? 255 HOH A O   1 
HETATM 1508 O  O   . HOH D 4 .   ? -11.040 -16.741 2.858   1.00 33.10 ? 256 HOH A O   1 
HETATM 1509 O  O   . HOH D 4 .   ? -0.359  -5.316  15.070  1.00 69.62 ? 257 HOH A O   1 
HETATM 1510 O  O   . HOH D 4 .   ? -8.667  5.706   22.113  1.00 70.05 ? 258 HOH A O   1 
HETATM 1511 O  O   . HOH D 4 .   ? 12.423  -17.901 -4.893  1.00 70.35 ? 259 HOH A O   1 
HETATM 1512 O  O   . HOH D 4 .   ? -13.479 -7.437  13.708  1.00 72.30 ? 260 HOH A O   1 
HETATM 1513 O  O   . HOH D 4 .   ? 3.691   14.346  -15.923 1.00 69.85 ? 261 HOH A O   1 
HETATM 1514 O  O   . HOH D 4 .   ? 5.485   -11.374 -6.904  1.00 69.67 ? 262 HOH A O   1 
HETATM 1515 O  O   . HOH D 4 .   ? 12.849  -15.164 -4.581  1.00 27.55 ? 263 HOH A O   1 
HETATM 1516 O  O   . HOH D 4 .   ? 16.872  -18.743 -0.120  1.00 70.41 ? 264 HOH A O   1 
HETATM 1517 O  O   . HOH D 4 .   ? 19.605  -18.494 1.695   1.00 69.88 ? 265 HOH A O   1 
HETATM 1518 O  O   . HOH D 4 .   ? 9.166   -9.341  7.860   1.00 69.86 ? 266 HOH A O   1 
HETATM 1519 O  O   . HOH D 4 .   ? 10.407  8.900   -7.738  1.00 69.37 ? 267 HOH A O   1 
HETATM 1520 O  O   . HOH D 4 .   ? 11.775  3.926   -11.387 1.00 69.87 ? 268 HOH A O   1 
HETATM 1521 O  O   . HOH D 4 .   ? 24.212  -2.569  -13.195 1.00 69.69 ? 269 HOH A O   1 
HETATM 1522 O  O   . HOH D 4 .   ? 19.713  -0.252  -3.868  1.00 70.24 ? 270 HOH A O   1 
HETATM 1523 O  O   . HOH D 4 .   ? -0.953  -11.788 -12.898 1.00 70.49 ? 271 HOH A O   1 
HETATM 1524 O  O   . HOH D 4 .   ? -2.793  -10.922 11.948  1.00 70.02 ? 272 HOH A O   1 
# 
